data_7GAE
# 
_entry.id   7GAE 
# 
_audit_conform.dict_name       mmcif_pdbx.dic 
_audit_conform.dict_version    5.396 
_audit_conform.dict_location   http://mmcif.pdb.org/dictionaries/ascii/mmcif_pdbx.dic 
# 
loop_
_database_2.database_id 
_database_2.database_code 
_database_2.pdbx_database_accession 
_database_2.pdbx_DOI 
PDB   7GAE         pdb_00007gae 10.2210/pdb7gae/pdb 
WWPDB D_1001405935 ?            ?                   
# 
_pdbx_audit_revision_history.ordinal             1 
_pdbx_audit_revision_history.data_content_type   'Structure model' 
_pdbx_audit_revision_history.major_revision      1 
_pdbx_audit_revision_history.minor_revision      0 
_pdbx_audit_revision_history.revision_date       2024-09-04 
# 
_pdbx_audit_revision_details.ordinal             1 
_pdbx_audit_revision_details.revision_ordinal    1 
_pdbx_audit_revision_details.data_content_type   'Structure model' 
_pdbx_audit_revision_details.provider            repository 
_pdbx_audit_revision_details.type                'Initial release' 
_pdbx_audit_revision_details.description         ? 
_pdbx_audit_revision_details.details             ? 
# 
_pdbx_database_status.entry_id                        7GAE 
_pdbx_database_status.status_code                     REL 
_pdbx_database_status.status_code_sf                  REL 
_pdbx_database_status.status_code_mr                  ? 
_pdbx_database_status.status_code_cs                  ? 
_pdbx_database_status.recvd_initial_deposition_date   2023-08-10 
_pdbx_database_status.status_code_nmr_data            ? 
_pdbx_database_status.deposit_site                    RCSB 
_pdbx_database_status.process_site                    RCSB 
_pdbx_database_status.SG_entry                        ? 
_pdbx_database_status.pdb_format_compatible           Y 
_pdbx_database_status.methods_development_category    ? 
# 
_pdbx_contact_author.id                 1 
_pdbx_contact_author.email              knapp@pharmchem.uni-frankfurt.de 
_pdbx_contact_author.name_first         Stefan 
_pdbx_contact_author.name_last          Knapp 
_pdbx_contact_author.role               'principal investigator/group leader' 
_pdbx_contact_author.identifier_ORCID   0000-0001-5995-6494 
_pdbx_contact_author.name_mi            ? 
# 
loop_
_audit_author.name 
_audit_author.pdbx_ordinal 
_audit_author.identifier_ORCID 
'Kumar, A.'                            1 ? 
'Marples, P.G.'                        2 ? 
'Tomlinson, C.W.E.'                    3 ? 
'Fearon, D.'                           4 ? 
'von-Delft, F.'                        5 ? 
'Knapp, S.'                            6 ? 
'Structural Genomics Consortium (SGC)' 7 ? 
# 
_citation.id                        primary 
_citation.title                     'PanDDA analysis group deposition' 
_citation.journal_abbrev            'To Be Published' 
_citation.journal_volume            ? 
_citation.page_first                ? 
_citation.page_last                 ? 
_citation.year                      ? 
_citation.journal_id_ASTM           ? 
_citation.country                   ? 
_citation.journal_id_ISSN           ? 
_citation.journal_id_CSD            0353 
_citation.book_publisher            ? 
_citation.pdbx_database_id_PubMed   ? 
_citation.pdbx_database_id_DOI      ? 
# 
loop_
_citation_author.citation_id 
_citation_author.name 
_citation_author.identifier_ORCID 
_citation_author.ordinal 
primary 'Kumar, A.'                            ? 1 
primary 'Knapp, S.'                            ? 2 
primary 'Structural Genomics Consortium (SGC)' ? 3 
# 
loop_
_entity.id 
_entity.type 
_entity.src_method 
_entity.pdbx_description 
_entity.formula_weight 
_entity.pdbx_number_of_molecules 
_entity.pdbx_ec 
_entity.pdbx_mutation 
_entity.pdbx_fragment 
_entity.details 
1 polymer     man 'Microtubule-associated proteins 1A/1B light chain 3B' 14237.361 1  ? TruncationafterGly120 ? ? 
2 non-polymer syn '2-cyano-~{N}-(1,3,5-trimethylpyrazol-4-yl)ethanamide' 192.218   1  ? ?                     ? ? 
3 non-polymer syn 1,2-ETHANEDIOL                                         62.068    9  ? ?                     ? ? 
4 non-polymer syn 'CHLORIDE ION'                                         35.453    1  ? ?                     ? ? 
5 water       nat water                                                  18.015    92 ? ?                     ? ? 
# 
_entity_name_com.entity_id   1 
_entity_name_com.name        
;Autophagy-related protein LC3 B,Autophagy-related ubiquitin-like modifier LC3 B,MAP1 light chain 3-like protein 2,MAP1A/MAP1B light chain 3 B,MAP1A/MAP1B LC3 B,Microtubule-associated protein 1 light chain 3 beta
;
# 
_entity_poly.entity_id                      1 
_entity_poly.type                           'polypeptide(L)' 
_entity_poly.nstd_linkage                   no 
_entity_poly.nstd_monomer                   no 
_entity_poly.pdbx_seq_one_letter_code       
;SMPSEKTFKQRRTFEQRVEDVRLIREQHPTKIPVIIERYKGEKQLPVLDKTKFLVPDHVNMSELIKIIRRRLQLNANQAF
FLLVNGHSMVSVSTPISEVYESEKDEDGFLYMVYASQETFG
;
_entity_poly.pdbx_seq_one_letter_code_can   
;SMPSEKTFKQRRTFEQRVEDVRLIREQHPTKIPVIIERYKGEKQLPVLDKTKFLVPDHVNMSELIKIIRRRLQLNANQAF
FLLVNGHSMVSVSTPISEVYESEKDEDGFLYMVYASQETFG
;
_entity_poly.pdbx_strand_id                 A 
_entity_poly.pdbx_target_identifier         ? 
# 
loop_
_pdbx_entity_nonpoly.entity_id 
_pdbx_entity_nonpoly.name 
_pdbx_entity_nonpoly.comp_id 
2 '2-cyano-~{N}-(1,3,5-trimethylpyrazol-4-yl)ethanamide' GV4 
3 1,2-ETHANEDIOL                                         EDO 
4 'CHLORIDE ION'                                         CL  
5 water                                                  HOH 
# 
loop_
_entity_poly_seq.entity_id 
_entity_poly_seq.num 
_entity_poly_seq.mon_id 
_entity_poly_seq.hetero 
1 1   SER n 
1 2   MET n 
1 3   PRO n 
1 4   SER n 
1 5   GLU n 
1 6   LYS n 
1 7   THR n 
1 8   PHE n 
1 9   LYS n 
1 10  GLN n 
1 11  ARG n 
1 12  ARG n 
1 13  THR n 
1 14  PHE n 
1 15  GLU n 
1 16  GLN n 
1 17  ARG n 
1 18  VAL n 
1 19  GLU n 
1 20  ASP n 
1 21  VAL n 
1 22  ARG n 
1 23  LEU n 
1 24  ILE n 
1 25  ARG n 
1 26  GLU n 
1 27  GLN n 
1 28  HIS n 
1 29  PRO n 
1 30  THR n 
1 31  LYS n 
1 32  ILE n 
1 33  PRO n 
1 34  VAL n 
1 35  ILE n 
1 36  ILE n 
1 37  GLU n 
1 38  ARG n 
1 39  TYR n 
1 40  LYS n 
1 41  GLY n 
1 42  GLU n 
1 43  LYS n 
1 44  GLN n 
1 45  LEU n 
1 46  PRO n 
1 47  VAL n 
1 48  LEU n 
1 49  ASP n 
1 50  LYS n 
1 51  THR n 
1 52  LYS n 
1 53  PHE n 
1 54  LEU n 
1 55  VAL n 
1 56  PRO n 
1 57  ASP n 
1 58  HIS n 
1 59  VAL n 
1 60  ASN n 
1 61  MET n 
1 62  SER n 
1 63  GLU n 
1 64  LEU n 
1 65  ILE n 
1 66  LYS n 
1 67  ILE n 
1 68  ILE n 
1 69  ARG n 
1 70  ARG n 
1 71  ARG n 
1 72  LEU n 
1 73  GLN n 
1 74  LEU n 
1 75  ASN n 
1 76  ALA n 
1 77  ASN n 
1 78  GLN n 
1 79  ALA n 
1 80  PHE n 
1 81  PHE n 
1 82  LEU n 
1 83  LEU n 
1 84  VAL n 
1 85  ASN n 
1 86  GLY n 
1 87  HIS n 
1 88  SER n 
1 89  MET n 
1 90  VAL n 
1 91  SER n 
1 92  VAL n 
1 93  SER n 
1 94  THR n 
1 95  PRO n 
1 96  ILE n 
1 97  SER n 
1 98  GLU n 
1 99  VAL n 
1 100 TYR n 
1 101 GLU n 
1 102 SER n 
1 103 GLU n 
1 104 LYS n 
1 105 ASP n 
1 106 GLU n 
1 107 ASP n 
1 108 GLY n 
1 109 PHE n 
1 110 LEU n 
1 111 TYR n 
1 112 MET n 
1 113 VAL n 
1 114 TYR n 
1 115 ALA n 
1 116 SER n 
1 117 GLN n 
1 118 GLU n 
1 119 THR n 
1 120 PHE n 
1 121 GLY n 
# 
_entity_src_gen.entity_id                          1 
_entity_src_gen.pdbx_src_id                        1 
_entity_src_gen.pdbx_alt_source_flag               sample 
_entity_src_gen.pdbx_seq_type                      'Biological sequence' 
_entity_src_gen.pdbx_beg_seq_num                   1 
_entity_src_gen.pdbx_end_seq_num                   121 
_entity_src_gen.gene_src_common_name               human 
_entity_src_gen.gene_src_genus                     ? 
_entity_src_gen.pdbx_gene_src_gene                 'MAP1LC3B, MAP1ALC3' 
_entity_src_gen.gene_src_species                   ? 
_entity_src_gen.gene_src_strain                    ? 
_entity_src_gen.gene_src_tissue                    ? 
_entity_src_gen.gene_src_tissue_fraction           ? 
_entity_src_gen.gene_src_details                   ? 
_entity_src_gen.pdbx_gene_src_fragment             ? 
_entity_src_gen.pdbx_gene_src_scientific_name      'Homo sapiens' 
_entity_src_gen.pdbx_gene_src_ncbi_taxonomy_id     9606 
_entity_src_gen.pdbx_gene_src_variant              ? 
_entity_src_gen.pdbx_gene_src_cell_line            ? 
_entity_src_gen.pdbx_gene_src_atcc                 ? 
_entity_src_gen.pdbx_gene_src_organ                ? 
_entity_src_gen.pdbx_gene_src_organelle            ? 
_entity_src_gen.pdbx_gene_src_cell                 ? 
_entity_src_gen.pdbx_gene_src_cellular_location    ? 
_entity_src_gen.host_org_common_name               ? 
_entity_src_gen.pdbx_host_org_scientific_name      'Escherichia coli' 
_entity_src_gen.pdbx_host_org_ncbi_taxonomy_id     562 
_entity_src_gen.host_org_genus                     ? 
_entity_src_gen.pdbx_host_org_gene                 ? 
_entity_src_gen.pdbx_host_org_organ                ? 
_entity_src_gen.host_org_species                   ? 
_entity_src_gen.pdbx_host_org_tissue               ? 
_entity_src_gen.pdbx_host_org_tissue_fraction      ? 
_entity_src_gen.pdbx_host_org_strain               ? 
_entity_src_gen.pdbx_host_org_variant              ? 
_entity_src_gen.pdbx_host_org_cell_line            ? 
_entity_src_gen.pdbx_host_org_atcc                 ? 
_entity_src_gen.pdbx_host_org_culture_collection   ? 
_entity_src_gen.pdbx_host_org_cell                 ? 
_entity_src_gen.pdbx_host_org_organelle            ? 
_entity_src_gen.pdbx_host_org_cellular_location    ? 
_entity_src_gen.pdbx_host_org_vector_type          ? 
_entity_src_gen.pdbx_host_org_vector               ? 
_entity_src_gen.host_org_details                   ? 
_entity_src_gen.expression_system_id               ? 
_entity_src_gen.plasmid_name                       ? 
_entity_src_gen.plasmid_details                    ? 
_entity_src_gen.pdbx_description                   ? 
# 
loop_
_chem_comp.id 
_chem_comp.type 
_chem_comp.mon_nstd_flag 
_chem_comp.name 
_chem_comp.pdbx_synonyms 
_chem_comp.formula 
_chem_comp.formula_weight 
ALA 'L-peptide linking' y ALANINE                                                ?                 'C3 H7 N O2'     89.093  
ARG 'L-peptide linking' y ARGININE                                               ?                 'C6 H15 N4 O2 1' 175.209 
ASN 'L-peptide linking' y ASPARAGINE                                             ?                 'C4 H8 N2 O3'    132.118 
ASP 'L-peptide linking' y 'ASPARTIC ACID'                                        ?                 'C4 H7 N O4'     133.103 
CL  non-polymer         . 'CHLORIDE ION'                                         ?                 'Cl -1'          35.453  
EDO non-polymer         . 1,2-ETHANEDIOL                                         'ETHYLENE GLYCOL' 'C2 H6 O2'       62.068  
GLN 'L-peptide linking' y GLUTAMINE                                              ?                 'C5 H10 N2 O3'   146.144 
GLU 'L-peptide linking' y 'GLUTAMIC ACID'                                        ?                 'C5 H9 N O4'     147.129 
GLY 'peptide linking'   y GLYCINE                                                ?                 'C2 H5 N O2'     75.067  
GV4 non-polymer         . '2-cyano-~{N}-(1,3,5-trimethylpyrazol-4-yl)ethanamide' ?                 'C9 H12 N4 O'    192.218 
HIS 'L-peptide linking' y HISTIDINE                                              ?                 'C6 H10 N3 O2 1' 156.162 
HOH non-polymer         . WATER                                                  ?                 'H2 O'           18.015  
ILE 'L-peptide linking' y ISOLEUCINE                                             ?                 'C6 H13 N O2'    131.173 
LEU 'L-peptide linking' y LEUCINE                                                ?                 'C6 H13 N O2'    131.173 
LYS 'L-peptide linking' y LYSINE                                                 ?                 'C6 H15 N2 O2 1' 147.195 
MET 'L-peptide linking' y METHIONINE                                             ?                 'C5 H11 N O2 S'  149.211 
PHE 'L-peptide linking' y PHENYLALANINE                                          ?                 'C9 H11 N O2'    165.189 
PRO 'L-peptide linking' y PROLINE                                                ?                 'C5 H9 N O2'     115.130 
SER 'L-peptide linking' y SERINE                                                 ?                 'C3 H7 N O3'     105.093 
THR 'L-peptide linking' y THREONINE                                              ?                 'C4 H9 N O3'     119.119 
TYR 'L-peptide linking' y TYROSINE                                               ?                 'C9 H11 N O3'    181.189 
VAL 'L-peptide linking' y VALINE                                                 ?                 'C5 H11 N O2'    117.146 
# 
loop_
_pdbx_poly_seq_scheme.asym_id 
_pdbx_poly_seq_scheme.entity_id 
_pdbx_poly_seq_scheme.seq_id 
_pdbx_poly_seq_scheme.mon_id 
_pdbx_poly_seq_scheme.ndb_seq_num 
_pdbx_poly_seq_scheme.pdb_seq_num 
_pdbx_poly_seq_scheme.auth_seq_num 
_pdbx_poly_seq_scheme.pdb_mon_id 
_pdbx_poly_seq_scheme.auth_mon_id 
_pdbx_poly_seq_scheme.pdb_strand_id 
_pdbx_poly_seq_scheme.pdb_ins_code 
_pdbx_poly_seq_scheme.hetero 
A 1 1   SER 1   0   ?   ?   ?   A . n 
A 1 2   MET 2   1   ?   ?   ?   A . n 
A 1 3   PRO 3   2   ?   ?   ?   A . n 
A 1 4   SER 4   3   ?   ?   ?   A . n 
A 1 5   GLU 5   4   ?   ?   ?   A . n 
A 1 6   LYS 6   5   5   LYS LYS A . n 
A 1 7   THR 7   6   6   THR THR A . n 
A 1 8   PHE 8   7   7   PHE PHE A . n 
A 1 9   LYS 9   8   8   LYS LYS A . n 
A 1 10  GLN 10  9   9   GLN GLN A . n 
A 1 11  ARG 11  10  10  ARG ARG A . n 
A 1 12  ARG 12  11  11  ARG ARG A . n 
A 1 13  THR 13  12  12  THR THR A . n 
A 1 14  PHE 14  13  13  PHE PHE A . n 
A 1 15  GLU 15  14  14  GLU GLU A . n 
A 1 16  GLN 16  15  15  GLN GLN A . n 
A 1 17  ARG 17  16  16  ARG ARG A . n 
A 1 18  VAL 18  17  17  VAL VAL A . n 
A 1 19  GLU 19  18  18  GLU GLU A . n 
A 1 20  ASP 20  19  19  ASP ASP A . n 
A 1 21  VAL 21  20  20  VAL VAL A . n 
A 1 22  ARG 22  21  21  ARG ARG A . n 
A 1 23  LEU 23  22  22  LEU LEU A . n 
A 1 24  ILE 24  23  23  ILE ILE A . n 
A 1 25  ARG 25  24  24  ARG ARG A . n 
A 1 26  GLU 26  25  25  GLU GLU A . n 
A 1 27  GLN 27  26  26  GLN GLN A . n 
A 1 28  HIS 28  27  27  HIS HIS A . n 
A 1 29  PRO 29  28  28  PRO PRO A . n 
A 1 30  THR 30  29  29  THR THR A . n 
A 1 31  LYS 31  30  30  LYS LYS A . n 
A 1 32  ILE 32  31  31  ILE ILE A . n 
A 1 33  PRO 33  32  32  PRO PRO A . n 
A 1 34  VAL 34  33  33  VAL VAL A . n 
A 1 35  ILE 35  34  34  ILE ILE A . n 
A 1 36  ILE 36  35  35  ILE ILE A . n 
A 1 37  GLU 37  36  36  GLU GLU A . n 
A 1 38  ARG 38  37  37  ARG ARG A . n 
A 1 39  TYR 39  38  38  TYR TYR A . n 
A 1 40  LYS 40  39  39  LYS LYS A . n 
A 1 41  GLY 41  40  40  GLY GLY A . n 
A 1 42  GLU 42  41  41  GLU GLU A . n 
A 1 43  LYS 43  42  42  LYS LYS A . n 
A 1 44  GLN 44  43  43  GLN GLN A . n 
A 1 45  LEU 45  44  44  LEU LEU A . n 
A 1 46  PRO 46  45  45  PRO PRO A . n 
A 1 47  VAL 47  46  46  VAL VAL A . n 
A 1 48  LEU 48  47  47  LEU LEU A . n 
A 1 49  ASP 49  48  48  ASP ASP A . n 
A 1 50  LYS 50  49  49  LYS LYS A . n 
A 1 51  THR 51  50  50  THR THR A . n 
A 1 52  LYS 52  51  51  LYS LYS A . n 
A 1 53  PHE 53  52  52  PHE PHE A . n 
A 1 54  LEU 54  53  53  LEU LEU A . n 
A 1 55  VAL 55  54  54  VAL VAL A . n 
A 1 56  PRO 56  55  55  PRO PRO A . n 
A 1 57  ASP 57  56  56  ASP ASP A . n 
A 1 58  HIS 58  57  57  HIS HIS A . n 
A 1 59  VAL 59  58  58  VAL VAL A . n 
A 1 60  ASN 60  59  59  ASN ASN A . n 
A 1 61  MET 61  60  60  MET MET A . n 
A 1 62  SER 62  61  61  SER SER A . n 
A 1 63  GLU 63  62  62  GLU GLU A . n 
A 1 64  LEU 64  63  63  LEU LEU A . n 
A 1 65  ILE 65  64  64  ILE ILE A . n 
A 1 66  LYS 66  65  65  LYS LYS A . n 
A 1 67  ILE 67  66  66  ILE ILE A . n 
A 1 68  ILE 68  67  67  ILE ILE A . n 
A 1 69  ARG 69  68  68  ARG ARG A . n 
A 1 70  ARG 70  69  69  ARG ARG A . n 
A 1 71  ARG 71  70  70  ARG ARG A . n 
A 1 72  LEU 72  71  71  LEU LEU A . n 
A 1 73  GLN 73  72  72  GLN GLN A . n 
A 1 74  LEU 74  73  73  LEU LEU A . n 
A 1 75  ASN 75  74  74  ASN ASN A . n 
A 1 76  ALA 76  75  75  ALA ALA A . n 
A 1 77  ASN 77  76  76  ASN ASN A . n 
A 1 78  GLN 78  77  77  GLN GLN A . n 
A 1 79  ALA 79  78  78  ALA ALA A . n 
A 1 80  PHE 80  79  79  PHE PHE A . n 
A 1 81  PHE 81  80  80  PHE PHE A . n 
A 1 82  LEU 82  81  81  LEU LEU A . n 
A 1 83  LEU 83  82  82  LEU LEU A . n 
A 1 84  VAL 84  83  83  VAL VAL A . n 
A 1 85  ASN 85  84  84  ASN ASN A . n 
A 1 86  GLY 86  85  85  GLY GLY A . n 
A 1 87  HIS 87  86  86  HIS HIS A . n 
A 1 88  SER 88  87  87  SER SER A . n 
A 1 89  MET 89  88  88  MET MET A . n 
A 1 90  VAL 90  89  89  VAL VAL A . n 
A 1 91  SER 91  90  90  SER SER A . n 
A 1 92  VAL 92  91  91  VAL VAL A . n 
A 1 93  SER 93  92  92  SER SER A . n 
A 1 94  THR 94  93  93  THR THR A . n 
A 1 95  PRO 95  94  94  PRO PRO A . n 
A 1 96  ILE 96  95  95  ILE ILE A . n 
A 1 97  SER 97  96  96  SER SER A . n 
A 1 98  GLU 98  97  97  GLU GLU A . n 
A 1 99  VAL 99  98  98  VAL VAL A . n 
A 1 100 TYR 100 99  99  TYR TYR A . n 
A 1 101 GLU 101 100 100 GLU GLU A . n 
A 1 102 SER 102 101 101 SER SER A . n 
A 1 103 GLU 103 102 102 GLU GLU A . n 
A 1 104 LYS 104 103 103 LYS LYS A . n 
A 1 105 ASP 105 104 104 ASP ASP A . n 
A 1 106 GLU 106 105 105 GLU GLU A . n 
A 1 107 ASP 107 106 106 ASP ASP A . n 
A 1 108 GLY 108 107 107 GLY GLY A . n 
A 1 109 PHE 109 108 108 PHE PHE A . n 
A 1 110 LEU 110 109 109 LEU LEU A . n 
A 1 111 TYR 111 110 110 TYR TYR A . n 
A 1 112 MET 112 111 111 MET MET A . n 
A 1 113 VAL 113 112 112 VAL VAL A . n 
A 1 114 TYR 114 113 113 TYR TYR A . n 
A 1 115 ALA 115 114 114 ALA ALA A . n 
A 1 116 SER 116 115 115 SER SER A . n 
A 1 117 GLN 117 116 116 GLN GLN A . n 
A 1 118 GLU 118 117 117 GLU GLU A . n 
A 1 119 THR 119 118 118 THR THR A . n 
A 1 120 PHE 120 119 119 PHE PHE A . n 
A 1 121 GLY 121 120 ?   ?   ?   A . n 
# 
_pdbx_entity_instance_feature.ordinal        1 
_pdbx_entity_instance_feature.comp_id        GV4 
_pdbx_entity_instance_feature.asym_id        ? 
_pdbx_entity_instance_feature.seq_num        ? 
_pdbx_entity_instance_feature.auth_comp_id   GV4 
_pdbx_entity_instance_feature.auth_asym_id   ? 
_pdbx_entity_instance_feature.auth_seq_num   ? 
_pdbx_entity_instance_feature.feature_type   'SUBJECT OF INVESTIGATION' 
_pdbx_entity_instance_feature.details        ? 
# 
loop_
_pdbx_nonpoly_scheme.asym_id 
_pdbx_nonpoly_scheme.entity_id 
_pdbx_nonpoly_scheme.mon_id 
_pdbx_nonpoly_scheme.ndb_seq_num 
_pdbx_nonpoly_scheme.pdb_seq_num 
_pdbx_nonpoly_scheme.auth_seq_num 
_pdbx_nonpoly_scheme.pdb_mon_id 
_pdbx_nonpoly_scheme.auth_mon_id 
_pdbx_nonpoly_scheme.pdb_strand_id 
_pdbx_nonpoly_scheme.pdb_ins_code 
B 2 GV4 1  201 201 GV4 LIG A . 
C 3 EDO 1  202 105 EDO EDO A . 
D 3 EDO 1  203 106 EDO EDO A . 
E 3 EDO 1  204 107 EDO EDO A . 
F 3 EDO 1  205 108 EDO EDO A . 
G 3 EDO 1  206 109 EDO EDO A . 
H 3 EDO 1  207 110 EDO EDO A . 
I 3 EDO 1  208 111 EDO EDO A . 
J 3 EDO 1  209 112 EDO EDO A . 
K 3 EDO 1  210 113 EDO EDO A . 
L 4 CL  1  211 114 CL  CL  A . 
M 5 HOH 1  301 56  HOH HOH A . 
M 5 HOH 2  302 22  HOH HOH A . 
M 5 HOH 3  303 43  HOH HOH A . 
M 5 HOH 4  304 55  HOH HOH A . 
M 5 HOH 5  305 62  HOH HOH A . 
M 5 HOH 6  306 10  HOH HOH A . 
M 5 HOH 7  307 40  HOH HOH A . 
M 5 HOH 8  308 59  HOH HOH A . 
M 5 HOH 9  309 86  HOH HOH A . 
M 5 HOH 10 310 21  HOH HOH A . 
M 5 HOH 11 311 82  HOH HOH A . 
M 5 HOH 12 312 48  HOH HOH A . 
M 5 HOH 13 313 33  HOH HOH A . 
M 5 HOH 14 314 20  HOH HOH A . 
M 5 HOH 15 315 16  HOH HOH A . 
M 5 HOH 16 316 41  HOH HOH A . 
M 5 HOH 17 317 19  HOH HOH A . 
M 5 HOH 18 318 9   HOH HOH A . 
M 5 HOH 19 319 27  HOH HOH A . 
M 5 HOH 20 320 42  HOH HOH A . 
M 5 HOH 21 321 35  HOH HOH A . 
M 5 HOH 22 322 51  HOH HOH A . 
M 5 HOH 23 323 34  HOH HOH A . 
M 5 HOH 24 324 52  HOH HOH A . 
M 5 HOH 25 325 54  HOH HOH A . 
M 5 HOH 26 326 38  HOH HOH A . 
M 5 HOH 27 327 84  HOH HOH A . 
M 5 HOH 28 328 49  HOH HOH A . 
M 5 HOH 29 329 4   HOH HOH A . 
M 5 HOH 30 330 89  HOH HOH A . 
M 5 HOH 31 331 2   HOH HOH A . 
M 5 HOH 32 332 7   HOH HOH A . 
M 5 HOH 33 333 18  HOH HOH A . 
M 5 HOH 34 334 15  HOH HOH A . 
M 5 HOH 35 335 64  HOH HOH A . 
M 5 HOH 36 336 75  HOH HOH A . 
M 5 HOH 37 337 17  HOH HOH A . 
M 5 HOH 38 338 12  HOH HOH A . 
M 5 HOH 39 339 8   HOH HOH A . 
M 5 HOH 40 340 66  HOH HOH A . 
M 5 HOH 41 341 23  HOH HOH A . 
M 5 HOH 42 342 44  HOH HOH A . 
M 5 HOH 43 343 11  HOH HOH A . 
M 5 HOH 44 344 45  HOH HOH A . 
M 5 HOH 45 345 83  HOH HOH A . 
M 5 HOH 46 346 1   HOH HOH A . 
M 5 HOH 47 347 81  HOH HOH A . 
M 5 HOH 48 348 72  HOH HOH A . 
M 5 HOH 49 349 13  HOH HOH A . 
M 5 HOH 50 350 36  HOH HOH A . 
M 5 HOH 51 351 57  HOH HOH A . 
M 5 HOH 52 352 53  HOH HOH A . 
M 5 HOH 53 353 47  HOH HOH A . 
M 5 HOH 54 354 3   HOH HOH A . 
M 5 HOH 55 355 69  HOH HOH A . 
M 5 HOH 56 356 63  HOH HOH A . 
M 5 HOH 57 357 5   HOH HOH A . 
M 5 HOH 58 358 14  HOH HOH A . 
M 5 HOH 59 359 93  HOH HOH A . 
M 5 HOH 60 360 31  HOH HOH A . 
M 5 HOH 61 361 6   HOH HOH A . 
M 5 HOH 62 362 32  HOH HOH A . 
M 5 HOH 63 363 77  HOH HOH A . 
M 5 HOH 64 364 25  HOH HOH A . 
M 5 HOH 65 365 30  HOH HOH A . 
M 5 HOH 66 366 91  HOH HOH A . 
M 5 HOH 67 367 92  HOH HOH A . 
M 5 HOH 68 368 60  HOH HOH A . 
M 5 HOH 69 369 24  HOH HOH A . 
M 5 HOH 70 370 37  HOH HOH A . 
M 5 HOH 71 371 67  HOH HOH A . 
M 5 HOH 72 372 46  HOH HOH A . 
M 5 HOH 73 373 90  HOH HOH A . 
M 5 HOH 74 374 79  HOH HOH A . 
M 5 HOH 75 375 80  HOH HOH A . 
M 5 HOH 76 376 76  HOH HOH A . 
M 5 HOH 77 377 85  HOH HOH A . 
M 5 HOH 78 378 94  HOH HOH A . 
M 5 HOH 79 379 78  HOH HOH A . 
M 5 HOH 80 380 58  HOH HOH A . 
M 5 HOH 81 381 71  HOH HOH A . 
M 5 HOH 82 382 68  HOH HOH A . 
M 5 HOH 83 383 26  HOH HOH A . 
M 5 HOH 84 384 61  HOH HOH A . 
M 5 HOH 85 385 28  HOH HOH A . 
M 5 HOH 86 386 88  HOH HOH A . 
M 5 HOH 87 387 70  HOH HOH A . 
M 5 HOH 88 388 87  HOH HOH A . 
M 5 HOH 89 389 29  HOH HOH A . 
M 5 HOH 90 390 39  HOH HOH A . 
M 5 HOH 91 391 50  HOH HOH A . 
M 5 HOH 92 392 65  HOH HOH A . 
# 
loop_
_pdbx_unobs_or_zero_occ_atoms.id 
_pdbx_unobs_or_zero_occ_atoms.PDB_model_num 
_pdbx_unobs_or_zero_occ_atoms.polymer_flag 
_pdbx_unobs_or_zero_occ_atoms.occupancy_flag 
_pdbx_unobs_or_zero_occ_atoms.auth_asym_id 
_pdbx_unobs_or_zero_occ_atoms.auth_comp_id 
_pdbx_unobs_or_zero_occ_atoms.auth_seq_id 
_pdbx_unobs_or_zero_occ_atoms.PDB_ins_code 
_pdbx_unobs_or_zero_occ_atoms.auth_atom_id 
_pdbx_unobs_or_zero_occ_atoms.label_alt_id 
_pdbx_unobs_or_zero_occ_atoms.label_asym_id 
_pdbx_unobs_or_zero_occ_atoms.label_comp_id 
_pdbx_unobs_or_zero_occ_atoms.label_seq_id 
_pdbx_unobs_or_zero_occ_atoms.label_atom_id 
1 1 Y 1 A GLN 116 ? CG  ? A GLN 117 CG  
2 1 Y 1 A GLN 116 ? CD  ? A GLN 117 CD  
3 1 Y 1 A GLN 116 ? OE1 ? A GLN 117 OE1 
4 1 Y 1 A GLN 116 ? NE2 ? A GLN 117 NE2 
5 1 Y 1 A THR 118 ? OG1 ? A THR 119 OG1 
6 1 Y 1 A THR 118 ? CG2 ? A THR 119 CG2 
# 
loop_
_software.pdbx_ordinal 
_software.name 
_software.version 
_software.date 
_software.type 
_software.contact_author 
_software.contact_author_email 
_software.classification 
_software.location 
_software.language 
_software.citation_id 
1 REFMAC      5.8.0267 ?               program 'Garib N. Murshudov' garib@ysbl.york.ac.uk    refinement        
http://www.ccp4.ac.uk/dist/html/refmac5.html        Fortran_77 ? 
2 Aimless     0.7.7    23/04/21        program 'Phil Evans'         ?                        'data scaling'    
http://www.mrc-lmb.cam.ac.uk/harry/pre/aimless.html ?          ? 
3 PDB_EXTRACT 3.23     'SEP. 23, 2016' package PDB                  deposit@deposit.rcsb.org 'data extraction' 
http://sw-tools.pdb.org/apps/PDB_EXTRACT/           C++        ? 
4 XDS         .        ?               program ?                    ?                        'data reduction'  ? ?          ? 
5 REFMAC      .        ?               program ?                    ?                        phasing           ? ?          ? 
# 
_cell.entry_id           7GAE 
_cell.length_a           60.917 
_cell.length_b           60.917 
_cell.length_c           35.653 
_cell.angle_alpha        90.000 
_cell.angle_beta         90.000 
_cell.angle_gamma        90.000 
_cell.Z_PDB              4 
_cell.pdbx_unique_axis   ? 
# 
_symmetry.entry_id                         7GAE 
_symmetry.space_group_name_H-M             'P 43' 
_symmetry.pdbx_full_space_group_name_H-M   ? 
_symmetry.cell_setting                     ? 
_symmetry.Int_Tables_number                78 
# 
_exptl.crystals_number   1 
_exptl.entry_id          7GAE 
_exptl.method            'X-RAY DIFFRACTION' 
# 
_exptl_crystal.id                    1 
_exptl_crystal.pdbx_mosaicity        0.000 
_exptl_crystal.pdbx_mosaicity_esd    ? 
_exptl_crystal.density_Matthews      2.24 
_exptl_crystal.density_diffrn        ? 
_exptl_crystal.density_meas          ? 
_exptl_crystal.density_meas_temp     ? 
_exptl_crystal.density_percent_sol   44.97 
_exptl_crystal.size_max              ? 
_exptl_crystal.size_mid              ? 
_exptl_crystal.size_min              ? 
_exptl_crystal.size_rad              ? 
_exptl_crystal.description           ? 
# 
_exptl_crystal_grow.crystal_id      1 
_exptl_crystal_grow.method          'VAPOR DIFFUSION, SITTING DROP' 
_exptl_crystal_grow.pH              4.7 
_exptl_crystal_grow.temp            293 
_exptl_crystal_grow.pdbx_details    '36% PEG 8000, 0.1M acetate pH 4.7' 
_exptl_crystal_grow.temp_details    ? 
_exptl_crystal_grow.pdbx_pH_range   ? 
# 
_diffrn.id                     1 
_diffrn.ambient_temp           100 
_diffrn.crystal_id             1 
_diffrn.ambient_temp_details   ? 
# 
_diffrn_detector.detector               PIXEL 
_diffrn_detector.type                   'DECTRIS PILATUS 6M' 
_diffrn_detector.pdbx_collection_date   2023-02-08 
_diffrn_detector.diffrn_id              1 
_diffrn_detector.details                ? 
# 
_diffrn_radiation.diffrn_id                        1 
_diffrn_radiation.wavelength_id                    1 
_diffrn_radiation.pdbx_diffrn_protocol             'SINGLE WAVELENGTH' 
_diffrn_radiation.pdbx_monochromatic_or_laue_m_l   ? 
_diffrn_radiation.monochromator                    ? 
_diffrn_radiation.pdbx_scattering_type             x-ray 
# 
_diffrn_radiation_wavelength.id           1 
_diffrn_radiation_wavelength.wavelength   0.92124 
_diffrn_radiation_wavelength.wt           1.0 
# 
_diffrn_source.diffrn_id                   1 
_diffrn_source.source                      SYNCHROTRON 
_diffrn_source.type                        'DIAMOND BEAMLINE I04-1' 
_diffrn_source.pdbx_wavelength_list        0.92124 
_diffrn_source.pdbx_synchrotron_site       Diamond 
_diffrn_source.pdbx_synchrotron_beamline   I04-1 
_diffrn_source.pdbx_wavelength             ? 
# 
_reflns.entry_id                     7GAE 
_reflns.pdbx_diffrn_id               1 
_reflns.pdbx_ordinal                 1 
_reflns.observed_criterion_sigma_I   ? 
_reflns.observed_criterion_sigma_F   ? 
_reflns.d_resolution_low             43.080 
_reflns.d_resolution_high            1.920 
_reflns.number_obs                   10230 
_reflns.number_all                   ? 
_reflns.percent_possible_obs         99.800 
_reflns.pdbx_Rmerge_I_obs            0.113 
_reflns.pdbx_Rsym_value              ? 
_reflns.pdbx_netI_over_sigmaI        11.600 
_reflns.B_iso_Wilson_estimate        ? 
_reflns.pdbx_redundancy              13.600 
_reflns.pdbx_Rrim_I_all              0.118 
_reflns.pdbx_Rpim_I_all              0.032 
_reflns.pdbx_CC_half                 0.999 
_reflns.pdbx_netI_over_av_sigmaI     ? 
_reflns.pdbx_number_measured_all     139496 
_reflns.pdbx_scaling_rejects         0 
_reflns.pdbx_chi_squared             ? 
_reflns.Rmerge_F_all                 ? 
_reflns.Rmerge_F_obs                 ? 
_reflns.observed_criterion_F_max     ? 
_reflns.observed_criterion_F_min     ? 
_reflns.observed_criterion_I_max     ? 
_reflns.observed_criterion_I_min     ? 
_reflns.pdbx_d_res_high_opt          ? 
_reflns.pdbx_d_res_low_opt           ? 
_reflns.details                      ? 
_reflns.pdbx_CC_star                 ? 
# 
loop_
_reflns_shell.pdbx_diffrn_id 
_reflns_shell.pdbx_ordinal 
_reflns_shell.d_res_high 
_reflns_shell.d_res_low 
_reflns_shell.number_measured_obs 
_reflns_shell.number_measured_all 
_reflns_shell.number_unique_obs 
_reflns_shell.pdbx_rejects 
_reflns_shell.Rmerge_I_obs 
_reflns_shell.meanI_over_sigI_obs 
_reflns_shell.pdbx_Rsym_value 
_reflns_shell.pdbx_chi_squared 
_reflns_shell.pdbx_redundancy 
_reflns_shell.percent_possible_obs 
_reflns_shell.pdbx_netI_over_sigmaI_obs 
_reflns_shell.number_possible 
_reflns_shell.number_unique_all 
_reflns_shell.Rmerge_F_all 
_reflns_shell.Rmerge_F_obs 
_reflns_shell.Rmerge_I_all 
_reflns_shell.meanI_over_sigI_all 
_reflns_shell.percent_possible_all 
_reflns_shell.pdbx_Rrim_I_all 
_reflns_shell.pdbx_Rpim_I_all 
_reflns_shell.pdbx_CC_half 
_reflns_shell.pdbx_CC_star 
1 1 1.920 1.960  ? 9520 675 ? 3.518 ? ? ? 14.100 ? 0.400  ? ? ? ? ? ? 97.500 3.652 0.975 0.268 ? 
1 2 8.990 43.080 ? 1206 114 ? 0.047 ? ? ? 10.600 ? 47.300 ? ? ? ? ? ? 99.200 0.050 0.015 0.998 ? 
# 
_refine.entry_id                                 7GAE 
_refine.pdbx_refine_id                           'X-RAY DIFFRACTION' 
_refine.ls_d_res_high                            1.9200 
_refine.ls_d_res_low                             43.1100 
_refine.pdbx_ls_sigma_F                          0.000 
_refine.pdbx_data_cutoff_high_absF               ? 
_refine.pdbx_data_cutoff_low_absF                ? 
_refine.ls_percent_reflns_obs                    99.7500 
_refine.ls_number_reflns_obs                     9804 
_refine.ls_number_reflns_all                     ? 
_refine.pdbx_ls_cross_valid_method               THROUGHOUT 
_refine.ls_matrix_type                           ? 
_refine.pdbx_R_Free_selection_details            RANDOM 
_refine.details                                  
'HYDROGENS HAVE BEEN ADDED IN THE RIDING POSITIONS U VALUES      : REFINED INDIVIDUALLY' 
_refine.ls_R_factor_all                          ? 
_refine.ls_R_factor_obs                          0.1994 
_refine.ls_R_factor_R_work                       0.1973 
_refine.ls_wR_factor_R_work                      ? 
_refine.ls_R_factor_R_free                       0.2506 
_refine.ls_wR_factor_R_free                      ? 
_refine.ls_percent_reflns_R_free                 4.0000 
_refine.ls_number_reflns_R_free                  407 
_refine.ls_number_reflns_R_work                  ? 
_refine.ls_R_factor_R_free_error                 ? 
_refine.B_iso_mean                               50.2160 
_refine.solvent_model_param_bsol                 ? 
_refine.solvent_model_param_ksol                 ? 
_refine.pdbx_isotropic_thermal_model             ? 
_refine.aniso_B[1][1]                            -0.5200 
_refine.aniso_B[2][2]                            -0.5200 
_refine.aniso_B[3][3]                            1.0300 
_refine.aniso_B[1][2]                            0.0000 
_refine.aniso_B[1][3]                            -0.0000 
_refine.aniso_B[2][3]                            -0.0000 
_refine.correlation_coeff_Fo_to_Fc               0.9660 
_refine.correlation_coeff_Fo_to_Fc_free          0.9390 
_refine.overall_SU_R_Cruickshank_DPI             ? 
_refine.pdbx_overall_SU_R_free_Cruickshank_DPI   ? 
_refine.pdbx_overall_SU_R_Blow_DPI               ? 
_refine.pdbx_overall_SU_R_free_Blow_DPI          ? 
_refine.overall_SU_R_free                        ? 
_refine.pdbx_overall_ESU_R                       0.2010 
_refine.pdbx_overall_ESU_R_Free                  0.1760 
_refine.overall_SU_ML                            0.2390 
_refine.overall_SU_B                             9.6200 
_refine.solvent_model_details                    MASK 
_refine.pdbx_solvent_vdw_probe_radii             1.2000 
_refine.pdbx_solvent_ion_probe_radii             0.8000 
_refine.pdbx_solvent_shrinkage_radii             0.8000 
_refine.ls_number_parameters                     ? 
_refine.ls_number_restraints                     ? 
_refine.pdbx_starting_model                      8Q53 
_refine.pdbx_method_to_determine_struct          'FOURIER SYNTHESIS' 
_refine.pdbx_stereochemistry_target_values       'MAXIMUM LIKELIHOOD' 
_refine.pdbx_stereochem_target_val_spec_case     ? 
_refine.overall_FOM_work_R_set                   ? 
_refine.B_iso_max                                202.840 
_refine.B_iso_min                                28.700 
_refine.pdbx_overall_phase_error                 ? 
_refine.occupancy_max                            ? 
_refine.occupancy_min                            ? 
_refine.pdbx_diffrn_id                           1 
_refine.pdbx_TLS_residual_ADP_flag               ? 
_refine.pdbx_ls_sigma_I                          ? 
_refine.pdbx_data_cutoff_high_rms_absF           ? 
_refine.ls_R_factor_R_free_error_details         ? 
# 
_refine_hist.cycle_id                         final 
_refine_hist.pdbx_refine_id                   'X-RAY DIFFRACTION' 
_refine_hist.d_res_high                       1.9200 
_refine_hist.d_res_low                        43.1100 
_refine_hist.pdbx_number_atoms_ligand         51 
_refine_hist.number_atoms_solvent             92 
_refine_hist.number_atoms_total               1097 
_refine_hist.pdbx_number_residues_total       113 
_refine_hist.pdbx_B_iso_mean_ligand           82.06 
_refine_hist.pdbx_B_iso_mean_solvent          61.15 
_refine_hist.pdbx_number_atoms_protein        954 
_refine_hist.pdbx_number_atoms_nucleic_acid   0 
# 
loop_
_refine_ls_restr.pdbx_refine_id 
_refine_ls_restr.type 
_refine_ls_restr.number 
_refine_ls_restr.dev_ideal 
_refine_ls_restr.dev_ideal_target 
_refine_ls_restr.weight 
_refine_ls_restr.pdbx_restraint_function 
'X-RAY DIFFRACTION' r_bond_refined_d       1344 0.008  0.014  ? ? 
'X-RAY DIFFRACTION' r_bond_other_d         1202 0.001  0.014  ? ? 
'X-RAY DIFFRACTION' r_angle_refined_deg    1652 1.594  1.675  ? ? 
'X-RAY DIFFRACTION' r_angle_other_deg      2767 1.206  1.582  ? ? 
'X-RAY DIFFRACTION' r_dihedral_angle_1_deg 156  6.453  5.000  ? ? 
'X-RAY DIFFRACTION' r_dihedral_angle_2_deg 70   28.927 19.429 ? ? 
'X-RAY DIFFRACTION' r_dihedral_angle_3_deg 224  15.886 15.000 ? ? 
'X-RAY DIFFRACTION' r_dihedral_angle_4_deg 15   21.757 15.000 ? ? 
'X-RAY DIFFRACTION' r_chiral_restr         152  0.071  0.200  ? ? 
'X-RAY DIFFRACTION' r_gen_planes_refined   1427 0.006  0.020  ? ? 
'X-RAY DIFFRACTION' r_gen_planes_other     305  0.001  0.020  ? ? 
'X-RAY DIFFRACTION' r_mcbond_it            622  3.446  4.738  ? ? 
'X-RAY DIFFRACTION' r_mcbond_other         619  3.445  4.741  ? ? 
'X-RAY DIFFRACTION' r_mcangle_it           740  5.103  7.123  ? ? 
# 
_refine_ls_shell.d_res_high                       1.9170 
_refine_ls_shell.d_res_low                        1.9660 
_refine_ls_shell.pdbx_total_number_of_bins_used   20 
_refine_ls_shell.percent_reflns_obs               96.8600 
_refine_ls_shell.number_reflns_R_work             701 
_refine_ls_shell.R_factor_all                     ? 
_refine_ls_shell.R_factor_R_work                  0.4050 
_refine_ls_shell.R_factor_R_free                  0.3950 
_refine_ls_shell.percent_reflns_R_free            ? 
_refine_ls_shell.number_reflns_R_free             39 
_refine_ls_shell.R_factor_R_free_error            ? 
_refine_ls_shell.number_reflns_all                740 
_refine_ls_shell.number_reflns_obs                ? 
_refine_ls_shell.pdbx_refine_id                   'X-RAY DIFFRACTION' 
_refine_ls_shell.R_factor_obs                     ? 
# 
_struct.entry_id                  7GAE 
_struct.title                     'PanDDA analysis group deposition -- Crystal Structure of MAP1LC3B in complex with Z1688504114' 
_struct.pdbx_model_details        ? 
_struct.pdbx_CASP_flag            ? 
_struct.pdbx_model_type_details   ? 
# 
_struct_keywords.entry_id        7GAE 
_struct_keywords.text            'SGC - Diamond I04-1 fragment screening, PanDDA, XChemExplorer, STRUCTURAL PROTEIN' 
_struct_keywords.pdbx_keywords   'STRUCTURAL PROTEIN' 
# 
loop_
_struct_asym.id 
_struct_asym.pdbx_blank_PDB_chainid_flag 
_struct_asym.pdbx_modified 
_struct_asym.entity_id 
_struct_asym.details 
A N N 1 ? 
B N N 2 ? 
C N N 3 ? 
D N N 3 ? 
E N N 3 ? 
F N N 3 ? 
G N N 3 ? 
H N N 3 ? 
I N N 3 ? 
J N N 3 ? 
K N N 3 ? 
L N N 4 ? 
M N N 5 ? 
# 
_struct_ref.id                         1 
_struct_ref.db_name                    UNP 
_struct_ref.db_code                    MLP3B_HUMAN 
_struct_ref.pdbx_db_accession          Q9GZQ8 
_struct_ref.pdbx_db_isoform            ? 
_struct_ref.entity_id                  1 
_struct_ref.pdbx_seq_one_letter_code   
;MPSEKTFKQRRTFEQRVEDVRLIREQHPTKIPVIIERYKGEKQLPVLDKTKFLVPDHVNMSELIKIIRRRLQLNANQAFF
LLVNGHSMVSVSTPISEVYESEKDEDGFLYMVYASQETFG
;
_struct_ref.pdbx_align_begin           1 
# 
_struct_ref_seq.align_id                      1 
_struct_ref_seq.ref_id                        1 
_struct_ref_seq.pdbx_PDB_id_code              7GAE 
_struct_ref_seq.pdbx_strand_id                A 
_struct_ref_seq.seq_align_beg                 2 
_struct_ref_seq.pdbx_seq_align_beg_ins_code   ? 
_struct_ref_seq.seq_align_end                 121 
_struct_ref_seq.pdbx_seq_align_end_ins_code   ? 
_struct_ref_seq.pdbx_db_accession             Q9GZQ8 
_struct_ref_seq.db_align_beg                  1 
_struct_ref_seq.pdbx_db_align_beg_ins_code    ? 
_struct_ref_seq.db_align_end                  120 
_struct_ref_seq.pdbx_db_align_end_ins_code    ? 
_struct_ref_seq.pdbx_auth_seq_align_beg       1 
_struct_ref_seq.pdbx_auth_seq_align_end       120 
# 
_struct_ref_seq_dif.align_id                     1 
_struct_ref_seq_dif.pdbx_pdb_id_code             7GAE 
_struct_ref_seq_dif.mon_id                       SER 
_struct_ref_seq_dif.pdbx_pdb_strand_id           A 
_struct_ref_seq_dif.seq_num                      1 
_struct_ref_seq_dif.pdbx_pdb_ins_code            ? 
_struct_ref_seq_dif.pdbx_seq_db_name             UNP 
_struct_ref_seq_dif.pdbx_seq_db_accession_code   Q9GZQ8 
_struct_ref_seq_dif.db_mon_id                    ? 
_struct_ref_seq_dif.pdbx_seq_db_seq_num          ? 
_struct_ref_seq_dif.details                      'expression tag' 
_struct_ref_seq_dif.pdbx_auth_seq_num            0 
_struct_ref_seq_dif.pdbx_ordinal                 1 
# 
_pdbx_struct_assembly.id                   1 
_pdbx_struct_assembly.details              author_and_software_defined_assembly 
_pdbx_struct_assembly.method_details       PISA 
_pdbx_struct_assembly.oligomeric_details   monomeric 
_pdbx_struct_assembly.oligomeric_count     1 
# 
_pdbx_struct_assembly_gen.assembly_id       1 
_pdbx_struct_assembly_gen.oper_expression   1 
_pdbx_struct_assembly_gen.asym_id_list      A,B,C,D,E,F,G,H,I,J,K,L,M 
# 
_pdbx_struct_oper_list.id                   1 
_pdbx_struct_oper_list.type                 'identity operation' 
_pdbx_struct_oper_list.name                 1_555 
_pdbx_struct_oper_list.symmetry_operation   x,y,z 
_pdbx_struct_oper_list.matrix[1][1]         1.0000000000 
_pdbx_struct_oper_list.matrix[1][2]         0.0000000000 
_pdbx_struct_oper_list.matrix[1][3]         0.0000000000 
_pdbx_struct_oper_list.vector[1]            0.0000000000 
_pdbx_struct_oper_list.matrix[2][1]         0.0000000000 
_pdbx_struct_oper_list.matrix[2][2]         1.0000000000 
_pdbx_struct_oper_list.matrix[2][3]         0.0000000000 
_pdbx_struct_oper_list.vector[2]            0.0000000000 
_pdbx_struct_oper_list.matrix[3][1]         0.0000000000 
_pdbx_struct_oper_list.matrix[3][2]         0.0000000000 
_pdbx_struct_oper_list.matrix[3][3]         1.0000000000 
_pdbx_struct_oper_list.vector[3]            0.0000000000 
# 
loop_
_struct_conf.conf_type_id 
_struct_conf.id 
_struct_conf.pdbx_PDB_helix_id 
_struct_conf.beg_label_comp_id 
_struct_conf.beg_label_asym_id 
_struct_conf.beg_label_seq_id 
_struct_conf.pdbx_beg_PDB_ins_code 
_struct_conf.end_label_comp_id 
_struct_conf.end_label_asym_id 
_struct_conf.end_label_seq_id 
_struct_conf.pdbx_end_PDB_ins_code 
_struct_conf.beg_auth_comp_id 
_struct_conf.beg_auth_asym_id 
_struct_conf.beg_auth_seq_id 
_struct_conf.end_auth_comp_id 
_struct_conf.end_auth_asym_id 
_struct_conf.end_auth_seq_id 
_struct_conf.pdbx_PDB_helix_class 
_struct_conf.details 
_struct_conf.pdbx_PDB_helix_length 
HELX_P HELX_P1 AA1 THR A 7  ? ARG A 12  ? THR A 6  ARG A 11  1 ? 6  
HELX_P HELX_P2 AA2 THR A 13 ? HIS A 28  ? THR A 12 HIS A 27  1 ? 16 
HELX_P HELX_P3 AA3 ASN A 60 ? LEU A 72  ? ASN A 59 LEU A 71  1 ? 13 
HELX_P HELX_P4 AA4 PRO A 95 ? LYS A 104 ? PRO A 94 LYS A 103 1 ? 10 
# 
_struct_conf_type.id          HELX_P 
_struct_conf_type.criteria    ? 
_struct_conf_type.reference   ? 
# 
_struct_sheet.id               AA1 
_struct_sheet.type             ? 
_struct_sheet.number_strands   5 
_struct_sheet.details          ? 
# 
loop_
_struct_sheet_order.sheet_id 
_struct_sheet_order.range_id_1 
_struct_sheet_order.range_id_2 
_struct_sheet_order.offset 
_struct_sheet_order.sense 
AA1 1 2 ? anti-parallel 
AA1 2 3 ? parallel      
AA1 3 4 ? anti-parallel 
AA1 4 5 ? anti-parallel 
# 
loop_
_struct_sheet_range.sheet_id 
_struct_sheet_range.id 
_struct_sheet_range.beg_label_comp_id 
_struct_sheet_range.beg_label_asym_id 
_struct_sheet_range.beg_label_seq_id 
_struct_sheet_range.pdbx_beg_PDB_ins_code 
_struct_sheet_range.end_label_comp_id 
_struct_sheet_range.end_label_asym_id 
_struct_sheet_range.end_label_seq_id 
_struct_sheet_range.pdbx_end_PDB_ins_code 
_struct_sheet_range.beg_auth_comp_id 
_struct_sheet_range.beg_auth_asym_id 
_struct_sheet_range.beg_auth_seq_id 
_struct_sheet_range.end_auth_comp_id 
_struct_sheet_range.end_auth_asym_id 
_struct_sheet_range.end_auth_seq_id 
AA1 1 LYS A 52  ? PRO A 56  ? LYS A 51  PRO A 55  
AA1 2 LYS A 31  ? ARG A 38  ? LYS A 30  ARG A 37  
AA1 3 LEU A 110 ? ALA A 115 ? LEU A 109 ALA A 114 
AA1 4 PHE A 81  ? VAL A 84  ? PHE A 80  VAL A 83  
AA1 5 HIS A 87  ? SER A 88  ? HIS A 86  SER A 87  
# 
loop_
_pdbx_struct_sheet_hbond.sheet_id 
_pdbx_struct_sheet_hbond.range_id_1 
_pdbx_struct_sheet_hbond.range_id_2 
_pdbx_struct_sheet_hbond.range_1_label_atom_id 
_pdbx_struct_sheet_hbond.range_1_label_comp_id 
_pdbx_struct_sheet_hbond.range_1_label_asym_id 
_pdbx_struct_sheet_hbond.range_1_label_seq_id 
_pdbx_struct_sheet_hbond.range_1_PDB_ins_code 
_pdbx_struct_sheet_hbond.range_1_auth_atom_id 
_pdbx_struct_sheet_hbond.range_1_auth_comp_id 
_pdbx_struct_sheet_hbond.range_1_auth_asym_id 
_pdbx_struct_sheet_hbond.range_1_auth_seq_id 
_pdbx_struct_sheet_hbond.range_2_label_atom_id 
_pdbx_struct_sheet_hbond.range_2_label_comp_id 
_pdbx_struct_sheet_hbond.range_2_label_asym_id 
_pdbx_struct_sheet_hbond.range_2_label_seq_id 
_pdbx_struct_sheet_hbond.range_2_PDB_ins_code 
_pdbx_struct_sheet_hbond.range_2_auth_atom_id 
_pdbx_struct_sheet_hbond.range_2_auth_comp_id 
_pdbx_struct_sheet_hbond.range_2_auth_asym_id 
_pdbx_struct_sheet_hbond.range_2_auth_seq_id 
AA1 1 2 O PHE A 53  ? O PHE A 52  N VAL A 34  ? N VAL A 33  
AA1 2 3 N ILE A 35  ? N ILE A 34  O LEU A 110 ? O LEU A 109 
AA1 3 4 O VAL A 113 ? O VAL A 112 N LEU A 83  ? N LEU A 82  
AA1 4 5 N VAL A 84  ? N VAL A 83  O HIS A 87  ? O HIS A 86  
# 
_pdbx_entry_details.entry_id                   7GAE 
_pdbx_entry_details.compound_details           ? 
_pdbx_entry_details.source_details             ? 
_pdbx_entry_details.nonpolymer_details         ? 
_pdbx_entry_details.sequence_details           ? 
_pdbx_entry_details.has_ligand_of_interest     Y 
_pdbx_entry_details.has_protein_modification   ? 
# 
loop_
_pdbx_validate_close_contact.id 
_pdbx_validate_close_contact.PDB_model_num 
_pdbx_validate_close_contact.auth_atom_id_1 
_pdbx_validate_close_contact.auth_asym_id_1 
_pdbx_validate_close_contact.auth_comp_id_1 
_pdbx_validate_close_contact.auth_seq_id_1 
_pdbx_validate_close_contact.PDB_ins_code_1 
_pdbx_validate_close_contact.label_alt_id_1 
_pdbx_validate_close_contact.auth_atom_id_2 
_pdbx_validate_close_contact.auth_asym_id_2 
_pdbx_validate_close_contact.auth_comp_id_2 
_pdbx_validate_close_contact.auth_seq_id_2 
_pdbx_validate_close_contact.PDB_ins_code_2 
_pdbx_validate_close_contact.label_alt_id_2 
_pdbx_validate_close_contact.dist 
1 1 OG1 A THR 6   ? ? O A HOH 301 ? ? 1.83 
2 1 O2  A EDO 203 ? ? O A HOH 302 ? ? 2.11 
3 1 O   A HOH 325 ? ? O A HOH 364 ? ? 2.17 
# 
_phasing.method   MR 
# 
loop_
_pdbx_unobs_or_zero_occ_residues.id 
_pdbx_unobs_or_zero_occ_residues.PDB_model_num 
_pdbx_unobs_or_zero_occ_residues.polymer_flag 
_pdbx_unobs_or_zero_occ_residues.occupancy_flag 
_pdbx_unobs_or_zero_occ_residues.auth_asym_id 
_pdbx_unobs_or_zero_occ_residues.auth_comp_id 
_pdbx_unobs_or_zero_occ_residues.auth_seq_id 
_pdbx_unobs_or_zero_occ_residues.PDB_ins_code 
_pdbx_unobs_or_zero_occ_residues.label_asym_id 
_pdbx_unobs_or_zero_occ_residues.label_comp_id 
_pdbx_unobs_or_zero_occ_residues.label_seq_id 
1 1 Y 1 A SER 0   ? A SER 1   
2 1 Y 1 A MET 1   ? A MET 2   
3 1 Y 1 A PRO 2   ? A PRO 3   
4 1 Y 1 A SER 3   ? A SER 4   
5 1 Y 1 A GLU 4   ? A GLU 5   
6 1 Y 1 A GLY 120 ? A GLY 121 
# 
loop_
_chem_comp_atom.comp_id 
_chem_comp_atom.atom_id 
_chem_comp_atom.type_symbol 
_chem_comp_atom.pdbx_aromatic_flag 
_chem_comp_atom.pdbx_stereo_config 
_chem_comp_atom.pdbx_ordinal 
ALA N    N  N N 1   
ALA CA   C  N S 2   
ALA C    C  N N 3   
ALA O    O  N N 4   
ALA CB   C  N N 5   
ALA OXT  O  N N 6   
ALA H    H  N N 7   
ALA H2   H  N N 8   
ALA HA   H  N N 9   
ALA HB1  H  N N 10  
ALA HB2  H  N N 11  
ALA HB3  H  N N 12  
ALA HXT  H  N N 13  
ARG N    N  N N 14  
ARG CA   C  N S 15  
ARG C    C  N N 16  
ARG O    O  N N 17  
ARG CB   C  N N 18  
ARG CG   C  N N 19  
ARG CD   C  N N 20  
ARG NE   N  N N 21  
ARG CZ   C  N N 22  
ARG NH1  N  N N 23  
ARG NH2  N  N N 24  
ARG OXT  O  N N 25  
ARG H    H  N N 26  
ARG H2   H  N N 27  
ARG HA   H  N N 28  
ARG HB2  H  N N 29  
ARG HB3  H  N N 30  
ARG HG2  H  N N 31  
ARG HG3  H  N N 32  
ARG HD2  H  N N 33  
ARG HD3  H  N N 34  
ARG HE   H  N N 35  
ARG HH11 H  N N 36  
ARG HH12 H  N N 37  
ARG HH21 H  N N 38  
ARG HH22 H  N N 39  
ARG HXT  H  N N 40  
ASN N    N  N N 41  
ASN CA   C  N S 42  
ASN C    C  N N 43  
ASN O    O  N N 44  
ASN CB   C  N N 45  
ASN CG   C  N N 46  
ASN OD1  O  N N 47  
ASN ND2  N  N N 48  
ASN OXT  O  N N 49  
ASN H    H  N N 50  
ASN H2   H  N N 51  
ASN HA   H  N N 52  
ASN HB2  H  N N 53  
ASN HB3  H  N N 54  
ASN HD21 H  N N 55  
ASN HD22 H  N N 56  
ASN HXT  H  N N 57  
ASP N    N  N N 58  
ASP CA   C  N S 59  
ASP C    C  N N 60  
ASP O    O  N N 61  
ASP CB   C  N N 62  
ASP CG   C  N N 63  
ASP OD1  O  N N 64  
ASP OD2  O  N N 65  
ASP OXT  O  N N 66  
ASP H    H  N N 67  
ASP H2   H  N N 68  
ASP HA   H  N N 69  
ASP HB2  H  N N 70  
ASP HB3  H  N N 71  
ASP HD2  H  N N 72  
ASP HXT  H  N N 73  
CL  CL   CL N N 74  
EDO C1   C  N N 75  
EDO O1   O  N N 76  
EDO C2   C  N N 77  
EDO O2   O  N N 78  
EDO H11  H  N N 79  
EDO H12  H  N N 80  
EDO HO1  H  N N 81  
EDO H21  H  N N 82  
EDO H22  H  N N 83  
EDO HO2  H  N N 84  
GLN N    N  N N 85  
GLN CA   C  N S 86  
GLN C    C  N N 87  
GLN O    O  N N 88  
GLN CB   C  N N 89  
GLN CG   C  N N 90  
GLN CD   C  N N 91  
GLN OE1  O  N N 92  
GLN NE2  N  N N 93  
GLN OXT  O  N N 94  
GLN H    H  N N 95  
GLN H2   H  N N 96  
GLN HA   H  N N 97  
GLN HB2  H  N N 98  
GLN HB3  H  N N 99  
GLN HG2  H  N N 100 
GLN HG3  H  N N 101 
GLN HE21 H  N N 102 
GLN HE22 H  N N 103 
GLN HXT  H  N N 104 
GLU N    N  N N 105 
GLU CA   C  N S 106 
GLU C    C  N N 107 
GLU O    O  N N 108 
GLU CB   C  N N 109 
GLU CG   C  N N 110 
GLU CD   C  N N 111 
GLU OE1  O  N N 112 
GLU OE2  O  N N 113 
GLU OXT  O  N N 114 
GLU H    H  N N 115 
GLU H2   H  N N 116 
GLU HA   H  N N 117 
GLU HB2  H  N N 118 
GLU HB3  H  N N 119 
GLU HG2  H  N N 120 
GLU HG3  H  N N 121 
GLU HE2  H  N N 122 
GLU HXT  H  N N 123 
GLY N    N  N N 124 
GLY CA   C  N N 125 
GLY C    C  N N 126 
GLY O    O  N N 127 
GLY OXT  O  N N 128 
GLY H    H  N N 129 
GLY H2   H  N N 130 
GLY HA2  H  N N 131 
GLY HA3  H  N N 132 
GLY HXT  H  N N 133 
GV4 N1   N  Y N 134 
GV4 N3   N  N N 135 
GV4 C4   C  Y N 136 
GV4 C5   C  N N 137 
GV4 C6   C  N N 138 
GV4 C7   C  N N 139 
GV4 C8   C  N N 140 
GV4 C1   C  N N 141 
GV4 C2   C  Y N 142 
GV4 C3   C  Y N 143 
GV4 N2   N  Y N 144 
GV4 O1   O  N N 145 
GV4 C9   C  N N 146 
GV4 N4   N  N N 147 
GV4 H1   H  N N 148 
GV4 H2   H  N N 149 
GV4 H3   H  N N 150 
GV4 H4   H  N N 151 
GV4 H5   H  N N 152 
GV4 H6   H  N N 153 
GV4 H7   H  N N 154 
GV4 H8   H  N N 155 
GV4 H9   H  N N 156 
GV4 H10  H  N N 157 
GV4 H11  H  N N 158 
GV4 H12  H  N N 159 
HIS N    N  N N 160 
HIS CA   C  N S 161 
HIS C    C  N N 162 
HIS O    O  N N 163 
HIS CB   C  N N 164 
HIS CG   C  Y N 165 
HIS ND1  N  Y N 166 
HIS CD2  C  Y N 167 
HIS CE1  C  Y N 168 
HIS NE2  N  Y N 169 
HIS OXT  O  N N 170 
HIS H    H  N N 171 
HIS H2   H  N N 172 
HIS HA   H  N N 173 
HIS HB2  H  N N 174 
HIS HB3  H  N N 175 
HIS HD1  H  N N 176 
HIS HD2  H  N N 177 
HIS HE1  H  N N 178 
HIS HE2  H  N N 179 
HIS HXT  H  N N 180 
HOH O    O  N N 181 
HOH H1   H  N N 182 
HOH H2   H  N N 183 
ILE N    N  N N 184 
ILE CA   C  N S 185 
ILE C    C  N N 186 
ILE O    O  N N 187 
ILE CB   C  N S 188 
ILE CG1  C  N N 189 
ILE CG2  C  N N 190 
ILE CD1  C  N N 191 
ILE OXT  O  N N 192 
ILE H    H  N N 193 
ILE H2   H  N N 194 
ILE HA   H  N N 195 
ILE HB   H  N N 196 
ILE HG12 H  N N 197 
ILE HG13 H  N N 198 
ILE HG21 H  N N 199 
ILE HG22 H  N N 200 
ILE HG23 H  N N 201 
ILE HD11 H  N N 202 
ILE HD12 H  N N 203 
ILE HD13 H  N N 204 
ILE HXT  H  N N 205 
LEU N    N  N N 206 
LEU CA   C  N S 207 
LEU C    C  N N 208 
LEU O    O  N N 209 
LEU CB   C  N N 210 
LEU CG   C  N N 211 
LEU CD1  C  N N 212 
LEU CD2  C  N N 213 
LEU OXT  O  N N 214 
LEU H    H  N N 215 
LEU H2   H  N N 216 
LEU HA   H  N N 217 
LEU HB2  H  N N 218 
LEU HB3  H  N N 219 
LEU HG   H  N N 220 
LEU HD11 H  N N 221 
LEU HD12 H  N N 222 
LEU HD13 H  N N 223 
LEU HD21 H  N N 224 
LEU HD22 H  N N 225 
LEU HD23 H  N N 226 
LEU HXT  H  N N 227 
LYS N    N  N N 228 
LYS CA   C  N S 229 
LYS C    C  N N 230 
LYS O    O  N N 231 
LYS CB   C  N N 232 
LYS CG   C  N N 233 
LYS CD   C  N N 234 
LYS CE   C  N N 235 
LYS NZ   N  N N 236 
LYS OXT  O  N N 237 
LYS H    H  N N 238 
LYS H2   H  N N 239 
LYS HA   H  N N 240 
LYS HB2  H  N N 241 
LYS HB3  H  N N 242 
LYS HG2  H  N N 243 
LYS HG3  H  N N 244 
LYS HD2  H  N N 245 
LYS HD3  H  N N 246 
LYS HE2  H  N N 247 
LYS HE3  H  N N 248 
LYS HZ1  H  N N 249 
LYS HZ2  H  N N 250 
LYS HZ3  H  N N 251 
LYS HXT  H  N N 252 
MET N    N  N N 253 
MET CA   C  N S 254 
MET C    C  N N 255 
MET O    O  N N 256 
MET CB   C  N N 257 
MET CG   C  N N 258 
MET SD   S  N N 259 
MET CE   C  N N 260 
MET OXT  O  N N 261 
MET H    H  N N 262 
MET H2   H  N N 263 
MET HA   H  N N 264 
MET HB2  H  N N 265 
MET HB3  H  N N 266 
MET HG2  H  N N 267 
MET HG3  H  N N 268 
MET HE1  H  N N 269 
MET HE2  H  N N 270 
MET HE3  H  N N 271 
MET HXT  H  N N 272 
PHE N    N  N N 273 
PHE CA   C  N S 274 
PHE C    C  N N 275 
PHE O    O  N N 276 
PHE CB   C  N N 277 
PHE CG   C  Y N 278 
PHE CD1  C  Y N 279 
PHE CD2  C  Y N 280 
PHE CE1  C  Y N 281 
PHE CE2  C  Y N 282 
PHE CZ   C  Y N 283 
PHE OXT  O  N N 284 
PHE H    H  N N 285 
PHE H2   H  N N 286 
PHE HA   H  N N 287 
PHE HB2  H  N N 288 
PHE HB3  H  N N 289 
PHE HD1  H  N N 290 
PHE HD2  H  N N 291 
PHE HE1  H  N N 292 
PHE HE2  H  N N 293 
PHE HZ   H  N N 294 
PHE HXT  H  N N 295 
PRO N    N  N N 296 
PRO CA   C  N S 297 
PRO C    C  N N 298 
PRO O    O  N N 299 
PRO CB   C  N N 300 
PRO CG   C  N N 301 
PRO CD   C  N N 302 
PRO OXT  O  N N 303 
PRO H    H  N N 304 
PRO HA   H  N N 305 
PRO HB2  H  N N 306 
PRO HB3  H  N N 307 
PRO HG2  H  N N 308 
PRO HG3  H  N N 309 
PRO HD2  H  N N 310 
PRO HD3  H  N N 311 
PRO HXT  H  N N 312 
SER N    N  N N 313 
SER CA   C  N S 314 
SER C    C  N N 315 
SER O    O  N N 316 
SER CB   C  N N 317 
SER OG   O  N N 318 
SER OXT  O  N N 319 
SER H    H  N N 320 
SER H2   H  N N 321 
SER HA   H  N N 322 
SER HB2  H  N N 323 
SER HB3  H  N N 324 
SER HG   H  N N 325 
SER HXT  H  N N 326 
THR N    N  N N 327 
THR CA   C  N S 328 
THR C    C  N N 329 
THR O    O  N N 330 
THR CB   C  N R 331 
THR OG1  O  N N 332 
THR CG2  C  N N 333 
THR OXT  O  N N 334 
THR H    H  N N 335 
THR H2   H  N N 336 
THR HA   H  N N 337 
THR HB   H  N N 338 
THR HG1  H  N N 339 
THR HG21 H  N N 340 
THR HG22 H  N N 341 
THR HG23 H  N N 342 
THR HXT  H  N N 343 
TYR N    N  N N 344 
TYR CA   C  N S 345 
TYR C    C  N N 346 
TYR O    O  N N 347 
TYR CB   C  N N 348 
TYR CG   C  Y N 349 
TYR CD1  C  Y N 350 
TYR CD2  C  Y N 351 
TYR CE1  C  Y N 352 
TYR CE2  C  Y N 353 
TYR CZ   C  Y N 354 
TYR OH   O  N N 355 
TYR OXT  O  N N 356 
TYR H    H  N N 357 
TYR H2   H  N N 358 
TYR HA   H  N N 359 
TYR HB2  H  N N 360 
TYR HB3  H  N N 361 
TYR HD1  H  N N 362 
TYR HD2  H  N N 363 
TYR HE1  H  N N 364 
TYR HE2  H  N N 365 
TYR HH   H  N N 366 
TYR HXT  H  N N 367 
VAL N    N  N N 368 
VAL CA   C  N S 369 
VAL C    C  N N 370 
VAL O    O  N N 371 
VAL CB   C  N N 372 
VAL CG1  C  N N 373 
VAL CG2  C  N N 374 
VAL OXT  O  N N 375 
VAL H    H  N N 376 
VAL H2   H  N N 377 
VAL HA   H  N N 378 
VAL HB   H  N N 379 
VAL HG11 H  N N 380 
VAL HG12 H  N N 381 
VAL HG13 H  N N 382 
VAL HG21 H  N N 383 
VAL HG22 H  N N 384 
VAL HG23 H  N N 385 
VAL HXT  H  N N 386 
# 
loop_
_chem_comp_bond.comp_id 
_chem_comp_bond.atom_id_1 
_chem_comp_bond.atom_id_2 
_chem_comp_bond.value_order 
_chem_comp_bond.pdbx_aromatic_flag 
_chem_comp_bond.pdbx_stereo_config 
_chem_comp_bond.pdbx_ordinal 
ALA N   CA   sing N N 1   
ALA N   H    sing N N 2   
ALA N   H2   sing N N 3   
ALA CA  C    sing N N 4   
ALA CA  CB   sing N N 5   
ALA CA  HA   sing N N 6   
ALA C   O    doub N N 7   
ALA C   OXT  sing N N 8   
ALA CB  HB1  sing N N 9   
ALA CB  HB2  sing N N 10  
ALA CB  HB3  sing N N 11  
ALA OXT HXT  sing N N 12  
ARG N   CA   sing N N 13  
ARG N   H    sing N N 14  
ARG N   H2   sing N N 15  
ARG CA  C    sing N N 16  
ARG CA  CB   sing N N 17  
ARG CA  HA   sing N N 18  
ARG C   O    doub N N 19  
ARG C   OXT  sing N N 20  
ARG CB  CG   sing N N 21  
ARG CB  HB2  sing N N 22  
ARG CB  HB3  sing N N 23  
ARG CG  CD   sing N N 24  
ARG CG  HG2  sing N N 25  
ARG CG  HG3  sing N N 26  
ARG CD  NE   sing N N 27  
ARG CD  HD2  sing N N 28  
ARG CD  HD3  sing N N 29  
ARG NE  CZ   sing N N 30  
ARG NE  HE   sing N N 31  
ARG CZ  NH1  sing N N 32  
ARG CZ  NH2  doub N N 33  
ARG NH1 HH11 sing N N 34  
ARG NH1 HH12 sing N N 35  
ARG NH2 HH21 sing N N 36  
ARG NH2 HH22 sing N N 37  
ARG OXT HXT  sing N N 38  
ASN N   CA   sing N N 39  
ASN N   H    sing N N 40  
ASN N   H2   sing N N 41  
ASN CA  C    sing N N 42  
ASN CA  CB   sing N N 43  
ASN CA  HA   sing N N 44  
ASN C   O    doub N N 45  
ASN C   OXT  sing N N 46  
ASN CB  CG   sing N N 47  
ASN CB  HB2  sing N N 48  
ASN CB  HB3  sing N N 49  
ASN CG  OD1  doub N N 50  
ASN CG  ND2  sing N N 51  
ASN ND2 HD21 sing N N 52  
ASN ND2 HD22 sing N N 53  
ASN OXT HXT  sing N N 54  
ASP N   CA   sing N N 55  
ASP N   H    sing N N 56  
ASP N   H2   sing N N 57  
ASP CA  C    sing N N 58  
ASP CA  CB   sing N N 59  
ASP CA  HA   sing N N 60  
ASP C   O    doub N N 61  
ASP C   OXT  sing N N 62  
ASP CB  CG   sing N N 63  
ASP CB  HB2  sing N N 64  
ASP CB  HB3  sing N N 65  
ASP CG  OD1  doub N N 66  
ASP CG  OD2  sing N N 67  
ASP OD2 HD2  sing N N 68  
ASP OXT HXT  sing N N 69  
EDO C1  O1   sing N N 70  
EDO C1  C2   sing N N 71  
EDO C1  H11  sing N N 72  
EDO C1  H12  sing N N 73  
EDO O1  HO1  sing N N 74  
EDO C2  O2   sing N N 75  
EDO C2  H21  sing N N 76  
EDO C2  H22  sing N N 77  
EDO O2  HO2  sing N N 78  
GLN N   CA   sing N N 79  
GLN N   H    sing N N 80  
GLN N   H2   sing N N 81  
GLN CA  C    sing N N 82  
GLN CA  CB   sing N N 83  
GLN CA  HA   sing N N 84  
GLN C   O    doub N N 85  
GLN C   OXT  sing N N 86  
GLN CB  CG   sing N N 87  
GLN CB  HB2  sing N N 88  
GLN CB  HB3  sing N N 89  
GLN CG  CD   sing N N 90  
GLN CG  HG2  sing N N 91  
GLN CG  HG3  sing N N 92  
GLN CD  OE1  doub N N 93  
GLN CD  NE2  sing N N 94  
GLN NE2 HE21 sing N N 95  
GLN NE2 HE22 sing N N 96  
GLN OXT HXT  sing N N 97  
GLU N   CA   sing N N 98  
GLU N   H    sing N N 99  
GLU N   H2   sing N N 100 
GLU CA  C    sing N N 101 
GLU CA  CB   sing N N 102 
GLU CA  HA   sing N N 103 
GLU C   O    doub N N 104 
GLU C   OXT  sing N N 105 
GLU CB  CG   sing N N 106 
GLU CB  HB2  sing N N 107 
GLU CB  HB3  sing N N 108 
GLU CG  CD   sing N N 109 
GLU CG  HG2  sing N N 110 
GLU CG  HG3  sing N N 111 
GLU CD  OE1  doub N N 112 
GLU CD  OE2  sing N N 113 
GLU OE2 HE2  sing N N 114 
GLU OXT HXT  sing N N 115 
GLY N   CA   sing N N 116 
GLY N   H    sing N N 117 
GLY N   H2   sing N N 118 
GLY CA  C    sing N N 119 
GLY CA  HA2  sing N N 120 
GLY CA  HA3  sing N N 121 
GLY C   O    doub N N 122 
GLY C   OXT  sing N N 123 
GLY OXT HXT  sing N N 124 
GV4 N4  C9   trip N N 125 
GV4 C9  C8   sing N N 126 
GV4 C1  C2   sing N N 127 
GV4 O1  C7   doub N N 128 
GV4 C7  C8   sing N N 129 
GV4 C7  N3   sing N N 130 
GV4 C2  N2   doub Y N 131 
GV4 C2  C3   sing Y N 132 
GV4 N3  C3   sing N N 133 
GV4 N2  N1   sing Y N 134 
GV4 C3  C4   doub Y N 135 
GV4 N1  C4   sing Y N 136 
GV4 N1  C5   sing N N 137 
GV4 C4  C6   sing N N 138 
GV4 N3  H1   sing N N 139 
GV4 C5  H2   sing N N 140 
GV4 C5  H3   sing N N 141 
GV4 C5  H4   sing N N 142 
GV4 C6  H5   sing N N 143 
GV4 C6  H6   sing N N 144 
GV4 C6  H7   sing N N 145 
GV4 C8  H8   sing N N 146 
GV4 C8  H9   sing N N 147 
GV4 C1  H10  sing N N 148 
GV4 C1  H11  sing N N 149 
GV4 C1  H12  sing N N 150 
HIS N   CA   sing N N 151 
HIS N   H    sing N N 152 
HIS N   H2   sing N N 153 
HIS CA  C    sing N N 154 
HIS CA  CB   sing N N 155 
HIS CA  HA   sing N N 156 
HIS C   O    doub N N 157 
HIS C   OXT  sing N N 158 
HIS CB  CG   sing N N 159 
HIS CB  HB2  sing N N 160 
HIS CB  HB3  sing N N 161 
HIS CG  ND1  sing Y N 162 
HIS CG  CD2  doub Y N 163 
HIS ND1 CE1  doub Y N 164 
HIS ND1 HD1  sing N N 165 
HIS CD2 NE2  sing Y N 166 
HIS CD2 HD2  sing N N 167 
HIS CE1 NE2  sing Y N 168 
HIS CE1 HE1  sing N N 169 
HIS NE2 HE2  sing N N 170 
HIS OXT HXT  sing N N 171 
HOH O   H1   sing N N 172 
HOH O   H2   sing N N 173 
ILE N   CA   sing N N 174 
ILE N   H    sing N N 175 
ILE N   H2   sing N N 176 
ILE CA  C    sing N N 177 
ILE CA  CB   sing N N 178 
ILE CA  HA   sing N N 179 
ILE C   O    doub N N 180 
ILE C   OXT  sing N N 181 
ILE CB  CG1  sing N N 182 
ILE CB  CG2  sing N N 183 
ILE CB  HB   sing N N 184 
ILE CG1 CD1  sing N N 185 
ILE CG1 HG12 sing N N 186 
ILE CG1 HG13 sing N N 187 
ILE CG2 HG21 sing N N 188 
ILE CG2 HG22 sing N N 189 
ILE CG2 HG23 sing N N 190 
ILE CD1 HD11 sing N N 191 
ILE CD1 HD12 sing N N 192 
ILE CD1 HD13 sing N N 193 
ILE OXT HXT  sing N N 194 
LEU N   CA   sing N N 195 
LEU N   H    sing N N 196 
LEU N   H2   sing N N 197 
LEU CA  C    sing N N 198 
LEU CA  CB   sing N N 199 
LEU CA  HA   sing N N 200 
LEU C   O    doub N N 201 
LEU C   OXT  sing N N 202 
LEU CB  CG   sing N N 203 
LEU CB  HB2  sing N N 204 
LEU CB  HB3  sing N N 205 
LEU CG  CD1  sing N N 206 
LEU CG  CD2  sing N N 207 
LEU CG  HG   sing N N 208 
LEU CD1 HD11 sing N N 209 
LEU CD1 HD12 sing N N 210 
LEU CD1 HD13 sing N N 211 
LEU CD2 HD21 sing N N 212 
LEU CD2 HD22 sing N N 213 
LEU CD2 HD23 sing N N 214 
LEU OXT HXT  sing N N 215 
LYS N   CA   sing N N 216 
LYS N   H    sing N N 217 
LYS N   H2   sing N N 218 
LYS CA  C    sing N N 219 
LYS CA  CB   sing N N 220 
LYS CA  HA   sing N N 221 
LYS C   O    doub N N 222 
LYS C   OXT  sing N N 223 
LYS CB  CG   sing N N 224 
LYS CB  HB2  sing N N 225 
LYS CB  HB3  sing N N 226 
LYS CG  CD   sing N N 227 
LYS CG  HG2  sing N N 228 
LYS CG  HG3  sing N N 229 
LYS CD  CE   sing N N 230 
LYS CD  HD2  sing N N 231 
LYS CD  HD3  sing N N 232 
LYS CE  NZ   sing N N 233 
LYS CE  HE2  sing N N 234 
LYS CE  HE3  sing N N 235 
LYS NZ  HZ1  sing N N 236 
LYS NZ  HZ2  sing N N 237 
LYS NZ  HZ3  sing N N 238 
LYS OXT HXT  sing N N 239 
MET N   CA   sing N N 240 
MET N   H    sing N N 241 
MET N   H2   sing N N 242 
MET CA  C    sing N N 243 
MET CA  CB   sing N N 244 
MET CA  HA   sing N N 245 
MET C   O    doub N N 246 
MET C   OXT  sing N N 247 
MET CB  CG   sing N N 248 
MET CB  HB2  sing N N 249 
MET CB  HB3  sing N N 250 
MET CG  SD   sing N N 251 
MET CG  HG2  sing N N 252 
MET CG  HG3  sing N N 253 
MET SD  CE   sing N N 254 
MET CE  HE1  sing N N 255 
MET CE  HE2  sing N N 256 
MET CE  HE3  sing N N 257 
MET OXT HXT  sing N N 258 
PHE N   CA   sing N N 259 
PHE N   H    sing N N 260 
PHE N   H2   sing N N 261 
PHE CA  C    sing N N 262 
PHE CA  CB   sing N N 263 
PHE CA  HA   sing N N 264 
PHE C   O    doub N N 265 
PHE C   OXT  sing N N 266 
PHE CB  CG   sing N N 267 
PHE CB  HB2  sing N N 268 
PHE CB  HB3  sing N N 269 
PHE CG  CD1  doub Y N 270 
PHE CG  CD2  sing Y N 271 
PHE CD1 CE1  sing Y N 272 
PHE CD1 HD1  sing N N 273 
PHE CD2 CE2  doub Y N 274 
PHE CD2 HD2  sing N N 275 
PHE CE1 CZ   doub Y N 276 
PHE CE1 HE1  sing N N 277 
PHE CE2 CZ   sing Y N 278 
PHE CE2 HE2  sing N N 279 
PHE CZ  HZ   sing N N 280 
PHE OXT HXT  sing N N 281 
PRO N   CA   sing N N 282 
PRO N   CD   sing N N 283 
PRO N   H    sing N N 284 
PRO CA  C    sing N N 285 
PRO CA  CB   sing N N 286 
PRO CA  HA   sing N N 287 
PRO C   O    doub N N 288 
PRO C   OXT  sing N N 289 
PRO CB  CG   sing N N 290 
PRO CB  HB2  sing N N 291 
PRO CB  HB3  sing N N 292 
PRO CG  CD   sing N N 293 
PRO CG  HG2  sing N N 294 
PRO CG  HG3  sing N N 295 
PRO CD  HD2  sing N N 296 
PRO CD  HD3  sing N N 297 
PRO OXT HXT  sing N N 298 
SER N   CA   sing N N 299 
SER N   H    sing N N 300 
SER N   H2   sing N N 301 
SER CA  C    sing N N 302 
SER CA  CB   sing N N 303 
SER CA  HA   sing N N 304 
SER C   O    doub N N 305 
SER C   OXT  sing N N 306 
SER CB  OG   sing N N 307 
SER CB  HB2  sing N N 308 
SER CB  HB3  sing N N 309 
SER OG  HG   sing N N 310 
SER OXT HXT  sing N N 311 
THR N   CA   sing N N 312 
THR N   H    sing N N 313 
THR N   H2   sing N N 314 
THR CA  C    sing N N 315 
THR CA  CB   sing N N 316 
THR CA  HA   sing N N 317 
THR C   O    doub N N 318 
THR C   OXT  sing N N 319 
THR CB  OG1  sing N N 320 
THR CB  CG2  sing N N 321 
THR CB  HB   sing N N 322 
THR OG1 HG1  sing N N 323 
THR CG2 HG21 sing N N 324 
THR CG2 HG22 sing N N 325 
THR CG2 HG23 sing N N 326 
THR OXT HXT  sing N N 327 
TYR N   CA   sing N N 328 
TYR N   H    sing N N 329 
TYR N   H2   sing N N 330 
TYR CA  C    sing N N 331 
TYR CA  CB   sing N N 332 
TYR CA  HA   sing N N 333 
TYR C   O    doub N N 334 
TYR C   OXT  sing N N 335 
TYR CB  CG   sing N N 336 
TYR CB  HB2  sing N N 337 
TYR CB  HB3  sing N N 338 
TYR CG  CD1  doub Y N 339 
TYR CG  CD2  sing Y N 340 
TYR CD1 CE1  sing Y N 341 
TYR CD1 HD1  sing N N 342 
TYR CD2 CE2  doub Y N 343 
TYR CD2 HD2  sing N N 344 
TYR CE1 CZ   doub Y N 345 
TYR CE1 HE1  sing N N 346 
TYR CE2 CZ   sing Y N 347 
TYR CE2 HE2  sing N N 348 
TYR CZ  OH   sing N N 349 
TYR OH  HH   sing N N 350 
TYR OXT HXT  sing N N 351 
VAL N   CA   sing N N 352 
VAL N   H    sing N N 353 
VAL N   H2   sing N N 354 
VAL CA  C    sing N N 355 
VAL CA  CB   sing N N 356 
VAL CA  HA   sing N N 357 
VAL C   O    doub N N 358 
VAL C   OXT  sing N N 359 
VAL CB  CG1  sing N N 360 
VAL CB  CG2  sing N N 361 
VAL CB  HB   sing N N 362 
VAL CG1 HG11 sing N N 363 
VAL CG1 HG12 sing N N 364 
VAL CG1 HG13 sing N N 365 
VAL CG2 HG21 sing N N 366 
VAL CG2 HG22 sing N N 367 
VAL CG2 HG23 sing N N 368 
VAL OXT HXT  sing N N 369 
# 
_pdbx_audit_support.ordinal                1 
_pdbx_audit_support.funding_organization   'European Union (EU)' 
_pdbx_audit_support.grant_number           875510 
_pdbx_audit_support.country                'European Union' 
# 
_pdbx_deposit_group.group_id            G_1002273 
_pdbx_deposit_group.group_description   
;MAP1LC3B screened against the DSi-poised Fragment Library by X-ray Crystallography at the XChem facility of Diamond Light Source beamline I04-1
;
_pdbx_deposit_group.group_title         'PanDDA analysis group deposition' 
_pdbx_deposit_group.group_type          'changed state' 
# 
_atom_sites.entry_id                    7GAE 
_atom_sites.fract_transf_matrix[1][1]   0.00905080 
_atom_sites.fract_transf_matrix[1][2]   0.01356931 
_atom_sites.fract_transf_matrix[1][3]   -0.00185519 
_atom_sites.fract_transf_matrix[2][1]   0.00134099 
_atom_sites.fract_transf_matrix[2][2]   -0.00309105 
_atom_sites.fract_transf_matrix[2][3]   -0.01606649 
_atom_sites.fract_transf_matrix[3][1]   -0.02328746 
_atom_sites.fract_transf_matrix[3][2]   0.01487583 
_atom_sites.fract_transf_matrix[3][3]   -0.00480567 
_atom_sites.fract_transf_vector[1]      0.185679 
_atom_sites.fract_transf_vector[2]      -0.381811 
_atom_sites.fract_transf_vector[3]      0.021389 
# 
loop_
_atom_type.symbol 
C  
CL 
N  
O  
S  
# 
loop_
_atom_site.group_PDB 
_atom_site.id 
_atom_site.type_symbol 
_atom_site.label_atom_id 
_atom_site.label_alt_id 
_atom_site.label_comp_id 
_atom_site.label_asym_id 
_atom_site.label_entity_id 
_atom_site.label_seq_id 
_atom_site.pdbx_PDB_ins_code 
_atom_site.Cartn_x 
_atom_site.Cartn_y 
_atom_site.Cartn_z 
_atom_site.occupancy 
_atom_site.B_iso_or_equiv 
_atom_site.pdbx_formal_charge 
_atom_site.auth_seq_id 
_atom_site.auth_comp_id 
_atom_site.auth_asym_id 
_atom_site.auth_atom_id 
_atom_site.pdbx_PDB_model_num 
ATOM   1    N  N   . LYS A 1 6   ? 4.607   -16.117 -4.213  1.00 76.46  ? 5   LYS A N   1 
ATOM   2    C  CA  . LYS A 1 6   ? 4.154   -15.109 -5.222  1.00 78.33  ? 5   LYS A CA  1 
ATOM   3    C  C   . LYS A 1 6   ? 3.865   -13.763 -4.525  1.00 75.74  ? 5   LYS A C   1 
ATOM   4    O  O   . LYS A 1 6   ? 4.567   -12.797 -4.856  1.00 77.32  ? 5   LYS A O   1 
ATOM   5    C  CB  . LYS A 1 6   ? 2.949   -15.632 -6.012  1.00 80.35  ? 5   LYS A CB  1 
ATOM   6    C  CG  . LYS A 1 6   ? 3.257   -16.001 -7.453  1.00 85.77  ? 5   LYS A CG  1 
ATOM   7    C  CD  . LYS A 1 6   ? 3.739   -14.823 -8.279  1.00 86.14  ? 5   LYS A CD  1 
ATOM   8    C  CE  . LYS A 1 6   ? 3.484   -15.006 -9.760  1.00 85.13  ? 5   LYS A CE  1 
ATOM   9    N  NZ  . LYS A 1 6   ? 3.940   -16.339 -10.218 1.00 86.07  ? 5   LYS A NZ  1 
ATOM   10   N  N   . THR A 1 7   ? 2.886   -13.689 -3.607  1.00 70.32  ? 6   THR A N   1 
ATOM   11   C  CA  . THR A 1 7   ? 2.556   -12.454 -2.828  1.00 58.73  ? 6   THR A CA  1 
ATOM   12   C  C   . THR A 1 7   ? 3.617   -12.235 -1.749  1.00 59.60  ? 6   THR A C   1 
ATOM   13   O  O   . THR A 1 7   ? 4.358   -13.211 -1.401  1.00 53.70  ? 6   THR A O   1 
ATOM   14   C  CB  . THR A 1 7   ? 1.154   -12.452 -2.191  1.00 64.15  ? 6   THR A CB  1 
ATOM   15   O  OG1 . THR A 1 7   ? 1.092   -13.346 -1.079  1.00 55.09  ? 6   THR A OG1 1 
ATOM   16   C  CG2 . THR A 1 7   ? 0.043   -12.792 -3.167  1.00 74.49  ? 6   THR A CG2 1 
ATOM   17   N  N   . PHE A 1 8   ? 3.684   -11.006 -1.231  1.00 52.83  ? 7   PHE A N   1 
ATOM   18   C  CA  . PHE A 1 8   ? 4.628   -10.588 -0.162  1.00 51.55  ? 7   PHE A CA  1 
ATOM   19   C  C   . PHE A 1 8   ? 4.540   -11.525 1.051   1.00 50.63  ? 7   PHE A C   1 
ATOM   20   O  O   . PHE A 1 8   ? 5.605   -11.960 1.597   1.00 50.28  ? 7   PHE A O   1 
ATOM   21   C  CB  . PHE A 1 8   ? 4.361   -9.147  0.280   1.00 49.34  ? 7   PHE A CB  1 
ATOM   22   C  CG  . PHE A 1 8   ? 5.412   -8.633  1.224   1.00 46.59  ? 7   PHE A CG  1 
ATOM   23   C  CD1 . PHE A 1 8   ? 6.694   -8.359  0.767   1.00 50.04  ? 7   PHE A CD1 1 
ATOM   24   C  CD2 . PHE A 1 8   ? 5.145   -8.493  2.575   1.00 43.08  ? 7   PHE A CD2 1 
ATOM   25   C  CE1 . PHE A 1 8   ? 7.666   -7.880  1.629   1.00 46.46  ? 7   PHE A CE1 1 
ATOM   26   C  CE2 . PHE A 1 8   ? 6.123   -8.017  3.435   1.00 46.49  ? 7   PHE A CE2 1 
ATOM   27   C  CZ  . PHE A 1 8   ? 7.383   -7.726  2.966   1.00 44.88  ? 7   PHE A CZ  1 
ATOM   28   N  N   . LYS A 1 9   ? 3.316   -11.843 1.483   1.00 51.18  ? 8   LYS A N   1 
ATOM   29   C  CA  . LYS A 1 9   ? 3.108   -12.681 2.699   1.00 54.30  ? 8   LYS A CA  1 
ATOM   30   C  C   . LYS A 1 9   ? 3.625   -14.109 2.455   1.00 53.21  ? 8   LYS A C   1 
ATOM   31   O  O   . LYS A 1 9   ? 4.097   -14.744 3.431   1.00 51.95  ? 8   LYS A O   1 
ATOM   32   C  CB  . LYS A 1 9   ? 1.639   -12.664 3.129   1.00 52.99  ? 8   LYS A CB  1 
ATOM   33   C  CG  . LYS A 1 9   ? 1.254   -11.431 3.915   1.00 54.31  ? 8   LYS A CG  1 
ATOM   34   C  CD  . LYS A 1 9   ? -0.016  -11.597 4.690   1.00 54.39  ? 8   LYS A CD  1 
ATOM   35   C  CE  . LYS A 1 9   ? -0.268  -10.455 5.648   1.00 56.20  ? 8   LYS A CE  1 
ATOM   36   N  NZ  . LYS A 1 9   ? -1.719  -10.249 5.866   1.00 60.20  ? 8   LYS A NZ  1 
ATOM   37   N  N   . GLN A 1 10  ? 3.560   -14.574 1.204   1.00 54.70  ? 9   GLN A N   1 
ATOM   38   C  CA  . GLN A 1 10  ? 4.017   -15.916 0.754   1.00 59.83  ? 9   GLN A CA  1 
ATOM   39   C  C   . GLN A 1 10  ? 5.549   -15.995 0.688   1.00 57.18  ? 9   GLN A C   1 
ATOM   40   O  O   . GLN A 1 10  ? 6.086   -17.062 0.957   1.00 58.96  ? 9   GLN A O   1 
ATOM   41   C  CB  . GLN A 1 10  ? 3.408   -16.244 -0.613  1.00 62.85  ? 9   GLN A CB  1 
ATOM   42   C  CG  . GLN A 1 10  ? 1.902   -16.459 -0.554  1.00 67.89  ? 9   GLN A CG  1 
ATOM   43   C  CD  . GLN A 1 10  ? 1.269   -16.572 -1.918  1.00 72.84  ? 9   GLN A CD  1 
ATOM   44   O  OE1 . GLN A 1 10  ? 1.884   -16.304 -2.952  1.00 76.83  ? 9   GLN A OE1 1 
ATOM   45   N  NE2 . GLN A 1 10  ? 0.016   -16.989 -1.931  1.00 79.74  ? 9   GLN A NE2 1 
ATOM   46   N  N   A ARG A 1 11  ? 6.208   -14.883 0.329   0.33 54.78  ? 10  ARG A N   1 
ATOM   47   N  N   B ARG A 1 11  ? 6.211   -14.884 0.346   0.17 55.21  ? 10  ARG A N   1 
ATOM   48   C  CA  A ARG A 1 11  ? 7.680   -14.773 0.122   0.33 52.53  ? 10  ARG A CA  1 
ATOM   49   C  CA  B ARG A 1 11  ? 7.681   -14.809 0.130   0.17 53.28  ? 10  ARG A CA  1 
ATOM   50   C  C   A ARG A 1 11  ? 8.417   -14.659 1.462   0.33 54.06  ? 10  ARG A C   1 
ATOM   51   C  C   B ARG A 1 11  ? 8.421   -14.661 1.465   0.17 54.05  ? 10  ARG A C   1 
ATOM   52   O  O   A ARG A 1 11  ? 9.574   -15.123 1.534   0.33 49.89  ? 10  ARG A O   1 
ATOM   53   O  O   B ARG A 1 11  ? 9.574   -15.133 1.543   0.17 52.03  ? 10  ARG A O   1 
ATOM   54   C  CB  A ARG A 1 11  ? 8.033   -13.529 -0.700  0.33 54.66  ? 10  ARG A CB  1 
ATOM   55   C  CB  B ARG A 1 11  ? 8.023   -13.629 -0.782  0.17 53.83  ? 10  ARG A CB  1 
ATOM   56   C  CG  A ARG A 1 11  ? 7.602   -13.575 -2.157  0.33 57.47  ? 10  ARG A CG  1 
ATOM   57   C  CG  B ARG A 1 11  ? 7.624   -13.831 -2.236  0.17 54.90  ? 10  ARG A CG  1 
ATOM   58   C  CD  A ARG A 1 11  ? 8.187   -12.427 -2.959  0.33 59.83  ? 10  ARG A CD  1 
ATOM   59   C  CD  B ARG A 1 11  ? 7.930   -12.603 -3.065  0.17 54.94  ? 10  ARG A CD  1 
ATOM   60   N  NE  A ARG A 1 11  ? 7.303   -11.271 -3.088  0.33 61.26  ? 10  ARG A NE  1 
ATOM   61   N  NE  B ARG A 1 11  ? 6.740   -11.816 -3.358  0.17 55.55  ? 10  ARG A NE  1 
ATOM   62   C  CZ  A ARG A 1 11  ? 7.615   -10.039 -2.708  0.33 62.75  ? 10  ARG A CZ  1 
ATOM   63   C  CZ  B ARG A 1 11  ? 6.751   -10.529 -3.672  0.17 52.86  ? 10  ARG A CZ  1 
ATOM   64   N  NH1 A ARG A 1 11  ? 8.794   -9.794  -2.163  0.33 68.46  ? 10  ARG A NH1 1 
ATOM   65   N  NH1 B ARG A 1 11  ? 7.895   -9.869  -3.710  0.17 54.99  ? 10  ARG A NH1 1 
ATOM   66   N  NH2 A ARG A 1 11  ? 6.751   -9.054  -2.882  0.33 61.90  ? 10  ARG A NH2 1 
ATOM   67   N  NH2 B ARG A 1 11  ? 5.622   -9.903  -3.935  0.17 53.46  ? 10  ARG A NH2 1 
ATOM   68   N  N   . ARG A 1 12  ? 7.808   -14.008 2.460   1.00 53.14  ? 11  ARG A N   1 
ATOM   69   C  CA  . ARG A 1 12  ? 8.479   -13.734 3.765   1.00 54.68  ? 11  ARG A CA  1 
ATOM   70   C  C   . ARG A 1 12  ? 7.658   -14.360 4.891   1.00 50.23  ? 11  ARG A C   1 
ATOM   71   O  O   . ARG A 1 12  ? 6.433   -14.215 4.857   1.00 46.41  ? 11  ARG A O   1 
ATOM   72   C  CB  . ARG A 1 12  ? 8.663   -12.226 3.984   1.00 56.80  ? 11  ARG A CB  1 
ATOM   73   C  CG  . ARG A 1 12  ? 9.366   -11.482 2.851   1.00 57.48  ? 11  ARG A CG  1 
ATOM   74   C  CD  . ARG A 1 12  ? 10.870  -11.649 2.908   1.00 57.67  ? 11  ARG A CD  1 
ATOM   75   N  NE  . ARG A 1 12  ? 11.499  -10.982 4.046   1.00 64.22  ? 11  ARG A NE  1 
ATOM   76   C  CZ  . ARG A 1 12  ? 12.777  -11.125 4.410   1.00 63.75  ? 11  ARG A CZ  1 
ATOM   77   N  NH1 . ARG A 1 12  ? 13.590  -11.929 3.744   1.00 61.41  ? 11  ARG A NH1 1 
ATOM   78   N  NH2 . ARG A 1 12  ? 13.252  -10.452 5.442   1.00 73.46  ? 11  ARG A NH2 1 
ATOM   79   N  N   . THR A 1 13  ? 8.332   -14.962 5.876   1.00 44.98  ? 12  THR A N   1 
ATOM   80   C  CA  . THR A 1 13  ? 7.688   -15.533 7.090   1.00 46.54  ? 12  THR A CA  1 
ATOM   81   C  C   . THR A 1 13  ? 7.125   -14.388 7.962   1.00 46.47  ? 12  THR A C   1 
ATOM   82   O  O   . THR A 1 13  ? 7.619   -13.257 7.876   1.00 45.20  ? 12  THR A O   1 
ATOM   83   C  CB  . THR A 1 13  ? 8.644   -16.468 7.852   1.00 43.43  ? 12  THR A CB  1 
ATOM   84   O  OG1 . THR A 1 13  ? 9.665   -15.726 8.517   1.00 48.78  ? 12  THR A OG1 1 
ATOM   85   C  CG2 . THR A 1 13  ? 9.309   -17.505 6.972   1.00 45.91  ? 12  THR A CG2 1 
ATOM   86   N  N   . PHE A 1 14  ? 6.133   -14.661 8.799   1.00 45.56  ? 13  PHE A N   1 
ATOM   87   C  CA  . PHE A 1 14  ? 5.604   -13.679 9.781   1.00 51.00  ? 13  PHE A CA  1 
ATOM   88   C  C   . PHE A 1 14  ? 6.775   -13.083 10.572  1.00 52.43  ? 13  PHE A C   1 
ATOM   89   O  O   . PHE A 1 14  ? 6.806   -11.860 10.785  1.00 50.23  ? 13  PHE A O   1 
ATOM   90   C  CB  . PHE A 1 14  ? 4.569   -14.302 10.720  1.00 43.77  ? 13  PHE A CB  1 
ATOM   91   C  CG  . PHE A 1 14  ? 3.987   -13.317 11.700  1.00 39.52  ? 13  PHE A CG  1 
ATOM   92   C  CD1 . PHE A 1 14  ? 2.917   -12.522 11.340  1.00 41.18  ? 13  PHE A CD1 1 
ATOM   93   C  CD2 . PHE A 1 14  ? 4.534   -13.157 12.962  1.00 41.83  ? 13  PHE A CD2 1 
ATOM   94   C  CE1 . PHE A 1 14  ? 2.396   -11.587 12.223  1.00 41.29  ? 13  PHE A CE1 1 
ATOM   95   C  CE2 . PHE A 1 14  ? 4.015   -12.219 13.853  1.00 39.31  ? 13  PHE A CE2 1 
ATOM   96   C  CZ  . PHE A 1 14  ? 2.928   -11.454 13.487  1.00 40.31  ? 13  PHE A CZ  1 
ATOM   97   N  N   . GLU A 1 15  ? 7.708   -13.935 10.990  1.00 49.09  ? 14  GLU A N   1 
ATOM   98   C  CA  . GLU A 1 15  ? 8.910   -13.560 11.773  1.00 49.64  ? 14  GLU A CA  1 
ATOM   99   C  C   . GLU A 1 15  ? 9.756   -12.526 11.009  1.00 45.68  ? 14  GLU A C   1 
ATOM   100  O  O   . GLU A 1 15  ? 10.248  -11.565 11.635  1.00 42.89  ? 14  GLU A O   1 
ATOM   101  C  CB  . GLU A 1 15  ? 9.718   -14.829 12.044  1.00 59.10  ? 14  GLU A CB  1 
ATOM   102  C  CG  . GLU A 1 15  ? 10.889  -14.620 12.992  1.00 68.91  ? 14  GLU A CG  1 
ATOM   103  C  CD  . GLU A 1 15  ? 11.620  -15.910 13.320  1.00 75.42  ? 14  GLU A CD  1 
ATOM   104  O  OE1 . GLU A 1 15  ? 11.415  -16.899 12.583  1.00 77.21  ? 14  GLU A OE1 1 
ATOM   105  O  OE2 . GLU A 1 15  ? 12.397  -15.920 14.295  1.00 79.18  ? 14  GLU A OE2 1 
ATOM   106  N  N   . GLN A 1 16  ? 9.913   -12.725 9.702   1.00 46.10  ? 15  GLN A N   1 
ATOM   107  C  CA  . GLN A 1 16  ? 10.743  -11.886 8.813   1.00 44.99  ? 15  GLN A CA  1 
ATOM   108  C  C   . GLN A 1 16  ? 10.083  -10.524 8.566   1.00 47.07  ? 15  GLN A C   1 
ATOM   109  O  O   . GLN A 1 16  ? 10.779  -9.474  8.600   1.00 45.57  ? 15  GLN A O   1 
ATOM   110  C  CB  . GLN A 1 16  ? 10.960  -12.623 7.494   1.00 48.18  ? 15  GLN A CB  1 
ATOM   111  C  CG  . GLN A 1 16  ? 12.166  -13.548 7.544   1.00 48.72  ? 15  GLN A CG  1 
ATOM   112  C  CD  . GLN A 1 16  ? 12.295  -14.408 6.314   1.00 44.56  ? 15  GLN A CD  1 
ATOM   113  O  OE1 . GLN A 1 16  ? 11.371  -14.527 5.517   1.00 42.40  ? 15  GLN A OE1 1 
ATOM   114  N  NE2 . GLN A 1 16  ? 13.450  -15.039 6.178   1.00 50.74  ? 15  GLN A NE2 1 
ATOM   115  N  N   A ARG A 1 17  ? 8.771   -10.534 8.312   0.15 46.40  ? 16  ARG A N   1 
ATOM   116  N  N   B ARG A 1 17  ? 8.776   -10.531 8.299   0.35 45.70  ? 16  ARG A N   1 
ATOM   117  C  CA  A ARG A 1 17  ? 7.953   -9.311  8.090   0.15 46.78  ? 16  ARG A CA  1 
ATOM   118  C  CA  B ARG A 1 17  ? 7.969   -9.300  8.090   0.35 46.19  ? 16  ARG A CA  1 
ATOM   119  C  C   A ARG A 1 17  ? 7.975   -8.456  9.363   0.15 45.88  ? 16  ARG A C   1 
ATOM   120  C  C   B ARG A 1 17  ? 8.020   -8.457  9.370   0.35 45.70  ? 16  ARG A C   1 
ATOM   121  O  O   A ARG A 1 17  ? 8.084   -7.220  9.234   0.15 46.44  ? 16  ARG A O   1 
ATOM   122  O  O   B ARG A 1 17  ? 8.222   -7.233  9.261   0.35 45.75  ? 16  ARG A O   1 
ATOM   123  C  CB  A ARG A 1 17  ? 6.533   -9.690  7.660   0.15 46.98  ? 16  ARG A CB  1 
ATOM   124  C  CB  B ARG A 1 17  ? 6.550   -9.669  7.640   0.35 44.75  ? 16  ARG A CB  1 
ATOM   125  C  CG  A ARG A 1 17  ? 6.485   -10.546 6.401   0.15 47.84  ? 16  ARG A CG  1 
ATOM   126  C  CG  B ARG A 1 17  ? 6.515   -10.349 6.278   0.35 45.12  ? 16  ARG A CG  1 
ATOM   127  C  CD  A ARG A 1 17  ? 5.098   -10.681 5.802   0.15 49.43  ? 16  ARG A CD  1 
ATOM   128  C  CD  B ARG A 1 17  ? 5.127   -10.704 5.772   0.35 46.88  ? 16  ARG A CD  1 
ATOM   129  N  NE  A ARG A 1 17  ? 4.080   -11.052 6.775   0.15 52.58  ? 16  ARG A NE  1 
ATOM   130  N  NE  B ARG A 1 17  ? 4.758   -12.101 5.978   0.35 50.82  ? 16  ARG A NE  1 
ATOM   131  C  CZ  A ARG A 1 17  ? 3.442   -12.220 6.802   0.15 52.34  ? 16  ARG A CZ  1 
ATOM   132  C  CZ  B ARG A 1 17  ? 3.857   -12.533 6.863   0.35 52.61  ? 16  ARG A CZ  1 
ATOM   133  N  NH1 A ARG A 1 17  ? 3.718   -13.151 5.904   0.15 51.86  ? 16  ARG A NH1 1 
ATOM   134  N  NH1 B ARG A 1 17  ? 3.212   -11.679 7.642   0.35 53.21  ? 16  ARG A NH1 1 
ATOM   135  N  NH2 A ARG A 1 17  ? 2.526   -12.448 7.725   0.15 52.18  ? 16  ARG A NH2 1 
ATOM   136  N  NH2 B ARG A 1 17  ? 3.604   -13.826 6.965   0.35 52.17  ? 16  ARG A NH2 1 
ATOM   137  N  N   . VAL A 1 18  ? 7.896   -9.086  10.540  1.00 44.20  ? 17  VAL A N   1 
ATOM   138  C  CA  . VAL A 1 18  ? 7.962   -8.348  11.840  1.00 41.64  ? 17  VAL A CA  1 
ATOM   139  C  C   . VAL A 1 18  ? 9.334   -7.651  11.996  1.00 49.47  ? 17  VAL A C   1 
ATOM   140  O  O   . VAL A 1 18  ? 9.368   -6.447  12.402  1.00 41.66  ? 17  VAL A O   1 
ATOM   141  C  CB  . VAL A 1 18  ? 7.632   -9.279  13.007  1.00 40.30  ? 17  VAL A CB  1 
ATOM   142  C  CG1 . VAL A 1 18  ? 8.143   -8.726  14.326  1.00 44.09  ? 17  VAL A CG1 1 
ATOM   143  C  CG2 . VAL A 1 18  ? 6.128   -9.551  13.068  1.00 45.50  ? 17  VAL A CG2 1 
ATOM   144  N  N   . GLU A 1 19  ? 10.428  -8.358  11.687  1.00 47.79  ? 18  GLU A N   1 
ATOM   145  C  CA  . GLU A 1 19  ? 11.806  -7.846  11.869  1.00 50.63  ? 18  GLU A CA  1 
ATOM   146  C  C   . GLU A 1 19  ? 12.071  -6.713  10.886  1.00 42.04  ? 18  GLU A C   1 
ATOM   147  O  O   . GLU A 1 19  ? 12.749  -5.751  11.269  1.00 52.35  ? 18  GLU A O   1 
ATOM   148  C  CB  . GLU A 1 19  ? 12.869  -8.936  11.682  1.00 58.37  ? 18  GLU A CB  1 
ATOM   149  C  CG  . GLU A 1 19  ? 13.174  -9.676  12.966  1.00 63.38  ? 18  GLU A CG  1 
ATOM   150  C  CD  . GLU A 1 19  ? 13.168  -8.838  14.232  1.00 68.44  ? 18  GLU A CD  1 
ATOM   151  O  OE1 . GLU A 1 19  ? 13.931  -7.833  14.289  1.00 71.91  ? 18  GLU A OE1 1 
ATOM   152  O  OE2 . GLU A 1 19  ? 12.385  -9.184  15.161  1.00 65.14  ? 18  GLU A OE2 1 
ATOM   153  N  N   . ASP A 1 20  ? 11.593  -6.833  9.661   1.00 42.29  ? 19  ASP A N   1 
ATOM   154  C  CA  . ASP A 1 20  ? 11.728  -5.737  8.683   1.00 44.69  ? 19  ASP A CA  1 
ATOM   155  C  C   . ASP A 1 20  ? 10.994  -4.489  9.175   1.00 46.08  ? 19  ASP A C   1 
ATOM   156  O  O   . ASP A 1 20  ? 11.556  -3.403  9.021   1.00 43.22  ? 19  ASP A O   1 
ATOM   157  C  CB  . ASP A 1 20  ? 11.289  -6.117  7.282   1.00 49.79  ? 19  ASP A CB  1 
ATOM   158  C  CG  . ASP A 1 20  ? 11.864  -5.132  6.264   1.00 71.68  ? 19  ASP A CG  1 
ATOM   159  O  OD1 . ASP A 1 20  ? 11.403  -5.179  5.107   1.00 91.54  ? 19  ASP A OD1 1 
ATOM   160  O  OD2 . ASP A 1 20  ? 12.786  -4.304  6.631   1.00 72.93  ? 19  ASP A OD2 1 
ATOM   161  N  N   . VAL A 1 21  ? 9.798   -4.624  9.748   1.00 40.50  ? 20  VAL A N   1 
ATOM   162  C  CA  . VAL A 1 21  ? 9.026   -3.453  10.244  1.00 42.14  ? 20  VAL A CA  1 
ATOM   163  C  C   . VAL A 1 21  ? 9.819   -2.821  11.392  1.00 43.86  ? 20  VAL A C   1 
ATOM   164  O  O   . VAL A 1 21  ? 9.862   -1.576  11.435  1.00 40.09  ? 20  VAL A O   1 
ATOM   165  C  CB  . VAL A 1 21  ? 7.582   -3.819  10.647  1.00 43.58  ? 20  VAL A CB  1 
ATOM   166  C  CG1 . VAL A 1 21  ? 6.920   -2.738  11.495  1.00 43.66  ? 20  VAL A CG1 1 
ATOM   167  C  CG2 . VAL A 1 21  ? 6.742   -4.127  9.440   1.00 36.44  ? 20  VAL A CG2 1 
ATOM   168  N  N   . ARG A 1 22  ? 10.468  -3.641  12.230  1.00 45.52  ? 21  ARG A N   1 
ATOM   169  C  CA  . ARG A 1 22  ? 11.242  -3.202  13.417  1.00 44.85  ? 21  ARG A CA  1 
ATOM   170  C  C   . ARG A 1 22  ? 12.469  -2.390  12.976  1.00 48.40  ? 21  ARG A C   1 
ATOM   171  O  O   . ARG A 1 22  ? 12.828  -1.430  13.710  1.00 42.61  ? 21  ARG A O   1 
ATOM   172  C  CB  . ARG A 1 22  ? 11.598  -4.411  14.286  1.00 52.49  ? 21  ARG A CB  1 
ATOM   173  C  CG  . ARG A 1 22  ? 10.405  -4.986  15.043  1.00 55.68  ? 21  ARG A CG  1 
ATOM   174  C  CD  . ARG A 1 22  ? 10.802  -6.193  15.872  1.00 58.41  ? 21  ARG A CD  1 
ATOM   175  N  NE  . ARG A 1 22  ? 9.737   -6.701  16.729  1.00 64.96  ? 21  ARG A NE  1 
ATOM   176  C  CZ  . ARG A 1 22  ? 9.847   -7.783  17.498  1.00 61.29  ? 21  ARG A CZ  1 
ATOM   177  N  NH1 . ARG A 1 22  ? 10.979  -8.461  17.519  1.00 61.03  ? 21  ARG A NH1 1 
ATOM   178  N  NH2 . ARG A 1 22  ? 8.834   -8.175  18.250  1.00 61.10  ? 21  ARG A NH2 1 
ATOM   179  N  N   . LEU A 1 23  ? 13.059  -2.734  11.829  1.00 46.19  ? 22  LEU A N   1 
ATOM   180  C  CA  . LEU A 1 23  ? 14.245  -2.055  11.229  1.00 46.58  ? 22  LEU A CA  1 
ATOM   181  C  C   . LEU A 1 23  ? 13.814  -0.721  10.599  1.00 43.58  ? 22  LEU A C   1 
ATOM   182  O  O   . LEU A 1 23  ? 14.557  0.257   10.746  1.00 40.98  ? 22  LEU A O   1 
ATOM   183  C  CB  . LEU A 1 23  ? 14.877  -2.970  10.165  1.00 49.02  ? 22  LEU A CB  1 
ATOM   184  C  CG  . LEU A 1 23  ? 16.121  -2.425  9.455   1.00 55.69  ? 22  LEU A CG  1 
ATOM   185  C  CD1 . LEU A 1 23  ? 17.331  -2.433  10.387  1.00 51.85  ? 22  LEU A CD1 1 
ATOM   186  C  CD2 . LEU A 1 23  ? 16.413  -3.196  8.180   1.00 56.95  ? 22  LEU A CD2 1 
ATOM   187  N  N   . ILE A 1 24  ? 12.684  -0.687  9.886   1.00 41.04  ? 23  ILE A N   1 
ATOM   188  C  CA  . ILE A 1 24  ? 12.080  0.568   9.330   1.00 39.49  ? 23  ILE A CA  1 
ATOM   189  C  C   . ILE A 1 24  ? 11.784  1.522   10.500  1.00 38.17  ? 23  ILE A C   1 
ATOM   190  O  O   . ILE A 1 24  ? 12.143  2.696   10.417  1.00 39.54  ? 23  ILE A O   1 
ATOM   191  C  CB  . ILE A 1 24  ? 10.870  0.252   8.444   1.00 43.96  ? 23  ILE A CB  1 
ATOM   192  C  CG1 . ILE A 1 24  ? 11.285  -0.671  7.289   1.00 42.16  ? 23  ILE A CG1 1 
ATOM   193  C  CG2 . ILE A 1 24  ? 10.207  1.543   7.956   1.00 48.13  ? 23  ILE A CG2 1 
ATOM   194  C  CD1 . ILE A 1 24  ? 10.135  -1.201  6.472   1.00 44.33  ? 23  ILE A CD1 1 
ATOM   195  N  N   . ARG A 1 25  ? 11.246  1.034   11.608  1.00 35.58  ? 24  ARG A N   1 
ATOM   196  C  CA  . ARG A 1 25  ? 11.072  1.842   12.849  1.00 39.86  ? 24  ARG A CA  1 
ATOM   197  C  C   . ARG A 1 25  ? 12.398  2.465   13.300  1.00 45.05  ? 24  ARG A C   1 
ATOM   198  O  O   . ARG A 1 25  ? 12.387  3.622   13.718  1.00 44.61  ? 24  ARG A O   1 
ATOM   199  C  CB  . ARG A 1 25  ? 10.507  1.004   13.994  1.00 41.54  ? 24  ARG A CB  1 
ATOM   200  C  CG  . ARG A 1 25  ? 9.019   0.713   13.829  1.00 45.51  ? 24  ARG A CG  1 
ATOM   201  C  CD  . ARG A 1 25  ? 8.289   0.412   15.125  1.00 49.22  ? 24  ARG A CD  1 
ATOM   202  N  NE  . ARG A 1 25  ? 7.064   -0.328  14.810  1.00 59.07  ? 24  ARG A NE  1 
ATOM   203  C  CZ  . ARG A 1 25  ? 6.838   -1.603  15.148  1.00 63.31  ? 24  ARG A CZ  1 
ATOM   204  N  NH1 . ARG A 1 25  ? 7.727   -2.283  15.859  1.00 67.72  ? 24  ARG A NH1 1 
ATOM   205  N  NH2 . ARG A 1 25  ? 5.717   -2.195  14.774  1.00 61.17  ? 24  ARG A NH2 1 
ATOM   206  N  N   . GLU A 1 26  ? 13.480  1.694   13.282  1.00 45.42  ? 25  GLU A N   1 
ATOM   207  C  CA  . GLU A 1 26  ? 14.788  2.077   13.855  1.00 45.86  ? 25  GLU A CA  1 
ATOM   208  C  C   . GLU A 1 26  ? 15.448  3.089   12.906  1.00 40.76  ? 25  GLU A C   1 
ATOM   209  O  O   . GLU A 1 26  ? 15.934  4.092   13.384  1.00 46.20  ? 25  GLU A O   1 
ATOM   210  C  CB  . GLU A 1 26  ? 15.591  0.792   14.089  1.00 56.77  ? 25  GLU A CB  1 
ATOM   211  C  CG  . GLU A 1 26  ? 16.804  0.978   14.975  1.00 68.42  ? 25  GLU A CG  1 
ATOM   212  C  CD  . GLU A 1 26  ? 16.521  1.126   16.464  1.00 72.26  ? 25  GLU A CD  1 
ATOM   213  O  OE1 . GLU A 1 26  ? 15.356  0.979   16.891  1.00 66.09  ? 25  GLU A OE1 1 
ATOM   214  O  OE2 . GLU A 1 26  ? 17.486  1.365   17.197  1.00 82.51  ? 25  GLU A OE2 1 
ATOM   215  N  N   . GLN A 1 27  ? 15.396  2.842   11.599  1.00 37.76  ? 26  GLN A N   1 
ATOM   216  C  CA  . GLN A 1 27  ? 16.124  3.575   10.547  1.00 39.14  ? 26  GLN A CA  1 
ATOM   217  C  C   . GLN A 1 27  ? 15.259  4.647   9.880   1.00 44.29  ? 26  GLN A C   1 
ATOM   218  O  O   . GLN A 1 27  ? 15.833  5.611   9.423   1.00 40.20  ? 26  GLN A O   1 
ATOM   219  C  CB  . GLN A 1 27  ? 16.585  2.602   9.474   1.00 43.91  ? 26  GLN A CB  1 
ATOM   220  C  CG  . GLN A 1 27  ? 17.627  1.631   10.000  1.00 52.51  ? 26  GLN A CG  1 
ATOM   221  C  CD  . GLN A 1 27  ? 18.202  0.801   8.883   1.00 59.74  ? 26  GLN A CD  1 
ATOM   222  O  OE1 . GLN A 1 27  ? 17.610  0.681   7.807   1.00 57.61  ? 26  GLN A OE1 1 
ATOM   223  N  NE2 . GLN A 1 27  ? 19.367  0.221   9.145   1.00 67.38  ? 26  GLN A NE2 1 
ATOM   224  N  N   . HIS A 1 28  ? 13.939  4.488   9.785   1.00 38.43  ? 27  HIS A N   1 
ATOM   225  C  CA  . HIS A 1 28  ? 13.072  5.500   9.136   1.00 38.64  ? 27  HIS A CA  1 
ATOM   226  C  C   . HIS A 1 28  ? 11.876  5.743   10.022  1.00 34.26  ? 27  HIS A C   1 
ATOM   227  O  O   . HIS A 1 28  ? 10.765  5.406   9.650   1.00 37.07  ? 27  HIS A O   1 
ATOM   228  C  CB  . HIS A 1 28  ? 12.670  5.055   7.730   1.00 43.02  ? 27  HIS A CB  1 
ATOM   229  C  CG  . HIS A 1 28  ? 13.835  4.644   6.907   1.00 51.52  ? 27  HIS A CG  1 
ATOM   230  N  ND1 . HIS A 1 28  ? 14.602  5.567   6.225   1.00 53.14  ? 27  HIS A ND1 1 
ATOM   231  C  CD2 . HIS A 1 28  ? 14.349  3.417   6.642   1.00 52.08  ? 27  HIS A CD2 1 
ATOM   232  C  CE1 . HIS A 1 28  ? 15.541  4.923   5.558   1.00 55.92  ? 27  HIS A CE1 1 
ATOM   233  N  NE2 . HIS A 1 28  ? 15.414  3.606   5.810   1.00 58.19  ? 27  HIS A NE2 1 
ATOM   234  N  N   . PRO A 1 29  ? 12.108  6.303   11.221  1.00 36.54  ? 28  PRO A N   1 
ATOM   235  C  CA  . PRO A 1 29  ? 11.072  6.415   12.239  1.00 37.28  ? 28  PRO A CA  1 
ATOM   236  C  C   . PRO A 1 29  ? 9.828   7.209   11.792  1.00 37.28  ? 28  PRO A C   1 
ATOM   237  O  O   . PRO A 1 29  ? 8.762   6.863   12.261  1.00 36.05  ? 28  PRO A O   1 
ATOM   238  C  CB  . PRO A 1 29  ? 11.793  7.090   13.421  1.00 39.93  ? 28  PRO A CB  1 
ATOM   239  C  CG  . PRO A 1 29  ? 12.996  7.799   12.780  1.00 38.83  ? 28  PRO A CG  1 
ATOM   240  C  CD  . PRO A 1 29  ? 13.396  6.887   11.647  1.00 41.03  ? 28  PRO A CD  1 
ATOM   241  N  N   . THR A 1 30  ? 9.948   8.172   10.868  1.00 32.18  ? 29  THR A N   1 
ATOM   242  C  CA  . THR A 1 30  ? 8.805   9.033   10.432  1.00 30.94  ? 29  THR A CA  1 
ATOM   243  C  C   . THR A 1 30  ? 8.033   8.423   9.253   1.00 32.36  ? 29  THR A C   1 
ATOM   244  O  O   . THR A 1 30  ? 7.085   9.091   8.763   1.00 35.80  ? 29  THR A O   1 
ATOM   245  C  CB  . THR A 1 30  ? 9.254   10.466  10.097  1.00 28.70  ? 29  THR A CB  1 
ATOM   246  O  OG1 . THR A 1 30  ? 9.918   10.446  8.847   1.00 28.81  ? 29  THR A OG1 1 
ATOM   247  C  CG2 . THR A 1 30  ? 10.127  11.100  11.154  1.00 30.43  ? 29  THR A CG2 1 
ATOM   248  N  N   . LYS A 1 31  ? 8.380   7.209   8.808   1.00 36.57  ? 30  LYS A N   1 
ATOM   249  C  CA  . LYS A 1 31  ? 7.802   6.598   7.583   1.00 30.91  ? 30  LYS A CA  1 
ATOM   250  C  C   . LYS A 1 31  ? 6.840   5.478   7.983   1.00 33.26  ? 30  LYS A C   1 
ATOM   251  O  O   . LYS A 1 31  ? 7.147   4.727   8.935   1.00 32.05  ? 30  LYS A O   1 
ATOM   252  C  CB  . LYS A 1 31  ? 8.886   6.057   6.656   1.00 31.97  ? 30  LYS A CB  1 
ATOM   253  C  CG  . LYS A 1 31  ? 9.878   7.089   6.111   1.00 36.39  ? 30  LYS A CG  1 
ATOM   254  C  CD  . LYS A 1 31  ? 9.194   8.303   5.533   1.00 36.70  ? 30  LYS A CD  1 
ATOM   255  C  CE  . LYS A 1 31  ? 10.143  9.451   5.213   1.00 42.16  ? 30  LYS A CE  1 
ATOM   256  N  NZ  . LYS A 1 31  ? 11.383  8.962   4.575   1.00 39.70  ? 30  LYS A NZ  1 
ATOM   257  N  N   . ILE A 1 32  ? 5.748   5.348   7.224   1.00 33.54  ? 31  ILE A N   1 
ATOM   258  C  CA  . ILE A 1 32  ? 4.783   4.218   7.349   1.00 35.81  ? 31  ILE A CA  1 
ATOM   259  C  C   . ILE A 1 32  ? 5.265   3.131   6.383   1.00 34.89  ? 31  ILE A C   1 
ATOM   260  O  O   . ILE A 1 32  ? 5.474   3.404   5.192   1.00 33.63  ? 31  ILE A O   1 
ATOM   261  C  CB  . ILE A 1 32  ? 3.331   4.683   7.074   1.00 32.92  ? 31  ILE A CB  1 
ATOM   262  C  CG1 . ILE A 1 32  ? 2.902   5.805   8.018   1.00 32.39  ? 31  ILE A CG1 1 
ATOM   263  C  CG2 . ILE A 1 32  ? 2.355   3.505   7.124   1.00 33.76  ? 31  ILE A CG2 1 
ATOM   264  C  CD1 . ILE A 1 32  ? 3.092   5.517   9.518   1.00 31.56  ? 31  ILE A CD1 1 
ATOM   265  N  N   . PRO A 1 33  ? 5.447   1.881   6.861   1.00 33.50  ? 32  PRO A N   1 
ATOM   266  C  CA  . PRO A 1 33  ? 5.802   0.762   5.989   1.00 36.53  ? 32  PRO A CA  1 
ATOM   267  C  C   . PRO A 1 33  ? 4.573   0.235   5.257   1.00 34.75  ? 32  PRO A C   1 
ATOM   268  O  O   . PRO A 1 33  ? 3.638   -0.330  5.902   1.00 32.69  ? 32  PRO A O   1 
ATOM   269  C  CB  . PRO A 1 33  ? 6.386   -0.275  6.955   1.00 35.09  ? 32  PRO A CB  1 
ATOM   270  C  CG  . PRO A 1 33  ? 5.688   -0.012  8.266   1.00 36.91  ? 32  PRO A CG  1 
ATOM   271  C  CD  . PRO A 1 33  ? 5.327   1.457   8.267   1.00 38.45  ? 32  PRO A CD  1 
ATOM   272  N  N   . VAL A 1 34  ? 4.566   0.420   3.939   1.00 32.80  ? 33  VAL A N   1 
ATOM   273  C  CA  . VAL A 1 34  ? 3.398   0.036   3.103   1.00 35.44  ? 33  VAL A CA  1 
ATOM   274  C  C   . VAL A 1 34  ? 3.805   -1.075  2.127   1.00 37.65  ? 33  VAL A C   1 
ATOM   275  O  O   . VAL A 1 34  ? 4.888   -0.995  1.528   1.00 37.20  ? 33  VAL A O   1 
ATOM   276  C  CB  . VAL A 1 34  ? 2.804   1.256   2.382   1.00 34.29  ? 33  VAL A CB  1 
ATOM   277  C  CG1 . VAL A 1 34  ? 1.557   0.870   1.615   1.00 36.31  ? 33  VAL A CG1 1 
ATOM   278  C  CG2 . VAL A 1 34  ? 2.523   2.395   3.345   1.00 33.28  ? 33  VAL A CG2 1 
ATOM   279  N  N   . ILE A 1 35  ? 2.955   -2.097  2.035   1.00 41.11  ? 34  ILE A N   1 
ATOM   280  C  CA  . ILE A 1 35  ? 2.972   -3.125  0.962   1.00 38.89  ? 34  ILE A CA  1 
ATOM   281  C  C   . ILE A 1 35  ? 1.891   -2.775  -0.037  1.00 35.96  ? 34  ILE A C   1 
ATOM   282  O  O   . ILE A 1 35  ? 0.753   -2.570  0.381   1.00 38.03  ? 34  ILE A O   1 
ATOM   283  C  CB  . ILE A 1 35  ? 2.732   -4.513  1.549   1.00 43.31  ? 34  ILE A CB  1 
ATOM   284  C  CG1 . ILE A 1 35  ? 3.768   -4.819  2.634   1.00 40.53  ? 34  ILE A CG1 1 
ATOM   285  C  CG2 . ILE A 1 35  ? 2.702   -5.548  0.423   1.00 44.78  ? 34  ILE A CG2 1 
ATOM   286  C  CD1 . ILE A 1 35  ? 5.208   -4.733  2.187   1.00 43.61  ? 34  ILE A CD1 1 
ATOM   287  N  N   . ILE A 1 36  ? 2.275   -2.636  -1.296  1.00 36.10  ? 35  ILE A N   1 
ATOM   288  C  CA  . ILE A 1 36  ? 1.341   -2.252  -2.382  1.00 39.30  ? 35  ILE A CA  1 
ATOM   289  C  C   . ILE A 1 36  ? 1.514   -3.290  -3.486  1.00 43.27  ? 35  ILE A C   1 
ATOM   290  O  O   . ILE A 1 36  ? 2.636   -3.430  -3.972  1.00 40.28  ? 35  ILE A O   1 
ATOM   291  C  CB  . ILE A 1 36  ? 1.602   -0.831  -2.907  1.00 41.62  ? 35  ILE A CB  1 
ATOM   292  C  CG1 . ILE A 1 36  ? 1.729   0.187   -1.761  1.00 41.40  ? 35  ILE A CG1 1 
ATOM   293  C  CG2 . ILE A 1 36  ? 0.503   -0.474  -3.906  1.00 37.85  ? 35  ILE A CG2 1 
ATOM   294  C  CD1 . ILE A 1 36  ? 2.058   1.618   -2.217  1.00 42.54  ? 35  ILE A CD1 1 
ATOM   295  N  N   . GLU A 1 37  ? 0.420   -3.985  -3.800  1.00 51.97  ? 36  GLU A N   1 
ATOM   296  C  CA  . GLU A 1 37  ? 0.349   -5.152  -4.711  1.00 50.97  ? 36  GLU A CA  1 
ATOM   297  C  C   . GLU A 1 37  ? -0.758  -4.926  -5.746  1.00 49.23  ? 36  GLU A C   1 
ATOM   298  O  O   . GLU A 1 37  ? -1.767  -4.273  -5.452  1.00 40.97  ? 36  GLU A O   1 
ATOM   299  C  CB  . GLU A 1 37  ? 0.169   -6.414  -3.863  1.00 49.62  ? 36  GLU A CB  1 
ATOM   300  C  CG  . GLU A 1 37  ? 1.453   -6.740  -3.123  1.00 50.11  ? 36  GLU A CG  1 
ATOM   301  C  CD  . GLU A 1 37  ? 1.455   -8.030  -2.328  1.00 53.51  ? 36  GLU A CD  1 
ATOM   302  O  OE1 . GLU A 1 37  ? 0.613   -8.163  -1.402  1.00 51.64  ? 36  GLU A OE1 1 
ATOM   303  O  OE2 . GLU A 1 37  ? 2.323   -8.884  -2.618  1.00 53.96  ? 36  GLU A OE2 1 
ATOM   304  N  N   . ARG A 1 38  ? -0.536  -5.418  -6.957  1.00 52.87  ? 37  ARG A N   1 
ATOM   305  C  CA  . ARG A 1 38  ? -1.594  -5.470  -7.976  1.00 47.45  ? 37  ARG A CA  1 
ATOM   306  C  C   . ARG A 1 38  ? -2.517  -6.643  -7.642  1.00 51.60  ? 37  ARG A C   1 
ATOM   307  O  O   . ARG A 1 38  ? -2.008  -7.702  -7.202  1.00 52.19  ? 37  ARG A O   1 
ATOM   308  C  CB  . ARG A 1 38  ? -1.008  -5.607  -9.378  1.00 51.03  ? 37  ARG A CB  1 
ATOM   309  C  CG  . ARG A 1 38  ? -2.077  -5.362  -10.428 1.00 58.84  ? 37  ARG A CG  1 
ATOM   310  C  CD  . ARG A 1 38  ? -1.542  -5.292  -11.830 1.00 64.95  ? 37  ARG A CD  1 
ATOM   311  N  NE  . ARG A 1 38  ? -0.917  -6.545  -12.195 1.00 68.95  ? 37  ARG A NE  1 
ATOM   312  C  CZ  . ARG A 1 38  ? -0.696  -6.924  -13.443 1.00 73.14  ? 37  ARG A CZ  1 
ATOM   313  N  NH1 . ARG A 1 38  ? -1.074  -6.156  -14.454 1.00 64.25  ? 37  ARG A NH1 1 
ATOM   314  N  NH2 . ARG A 1 38  ? -0.101  -8.083  -13.670 1.00 75.66  ? 37  ARG A NH2 1 
ATOM   315  N  N   . TYR A 1 39  ? -3.826  -6.414  -7.783  1.00 56.89  ? 38  TYR A N   1 
ATOM   316  C  CA  . TYR A 1 39  ? -4.908  -7.428  -7.708  1.00 59.88  ? 38  TYR A CA  1 
ATOM   317  C  C   . TYR A 1 39  ? -4.569  -8.568  -8.678  1.00 65.23  ? 38  TYR A C   1 
ATOM   318  O  O   . TYR A 1 39  ? -4.065  -8.300  -9.810  1.00 55.05  ? 38  TYR A O   1 
ATOM   319  C  CB  . TYR A 1 39  ? -6.242  -6.748  -8.003  1.00 68.18  ? 38  TYR A CB  1 
ATOM   320  C  CG  . TYR A 1 39  ? -7.409  -7.685  -8.181  1.00 76.71  ? 38  TYR A CG  1 
ATOM   321  C  CD1 . TYR A 1 39  ? -7.904  -8.422  -7.115  1.00 74.39  ? 38  TYR A CD1 1 
ATOM   322  C  CD2 . TYR A 1 39  ? -8.040  -7.802  -9.414  1.00 81.31  ? 38  TYR A CD2 1 
ATOM   323  C  CE1 . TYR A 1 39  ? -8.983  -9.272  -7.277  1.00 87.47  ? 38  TYR A CE1 1 
ATOM   324  C  CE2 . TYR A 1 39  ? -9.124  -8.644  -9.591  1.00 84.00  ? 38  TYR A CE2 1 
ATOM   325  C  CZ  . TYR A 1 39  ? -9.588  -9.385  -8.520  1.00 91.36  ? 38  TYR A CZ  1 
ATOM   326  O  OH  . TYR A 1 39  ? -10.659 -10.212 -8.694  1.00 114.91 ? 38  TYR A OH  1 
ATOM   327  N  N   . LYS A 1 40  ? -4.738  -9.822  -8.247  1.00 74.17  ? 39  LYS A N   1 
ATOM   328  C  CA  . LYS A 1 40  ? -4.231  -10.983 -9.032  1.00 76.48  ? 39  LYS A CA  1 
ATOM   329  C  C   . LYS A 1 40  ? -5.066  -11.096 -10.318 1.00 66.10  ? 39  LYS A C   1 
ATOM   330  O  O   . LYS A 1 40  ? -4.480  -11.451 -11.328 1.00 58.84  ? 39  LYS A O   1 
ATOM   331  C  CB  . LYS A 1 40  ? -4.159  -12.256 -8.182  1.00 90.60  ? 39  LYS A CB  1 
ATOM   332  C  CG  . LYS A 1 40  ? -5.488  -12.844 -7.729  1.00 103.75 ? 39  LYS A CG  1 
ATOM   333  C  CD  . LYS A 1 40  ? -5.359  -13.724 -6.494  1.00 115.54 ? 39  LYS A CD  1 
ATOM   334  C  CE  . LYS A 1 40  ? -4.191  -14.693 -6.544  1.00 120.64 ? 39  LYS A CE  1 
ATOM   335  N  NZ  . LYS A 1 40  ? -4.332  -15.669 -7.649  1.00 122.63 ? 39  LYS A NZ  1 
ATOM   336  N  N   . GLY A 1 41  ? -6.332  -10.657 -10.317 1.00 66.35  ? 40  GLY A N   1 
ATOM   337  C  CA  . GLY A 1 41  ? -7.180  -10.586 -11.531 1.00 66.25  ? 40  GLY A CA  1 
ATOM   338  C  C   . GLY A 1 41  ? -6.760  -9.536  -12.573 1.00 72.31  ? 40  GLY A C   1 
ATOM   339  O  O   . GLY A 1 41  ? -7.172  -9.683  -13.752 1.00 71.79  ? 40  GLY A O   1 
ATOM   340  N  N   . GLU A 1 42  ? -5.968  -8.521  -12.199 1.00 72.90  ? 41  GLU A N   1 
ATOM   341  C  CA  . GLU A 1 42  ? -5.822  -7.235  -12.947 1.00 67.45  ? 41  GLU A CA  1 
ATOM   342  C  C   . GLU A 1 42  ? -5.164  -7.416  -14.331 1.00 71.78  ? 41  GLU A C   1 
ATOM   343  O  O   . GLU A 1 42  ? -4.042  -7.957  -14.410 1.00 68.49  ? 41  GLU A O   1 
ATOM   344  C  CB  . GLU A 1 42  ? -5.036  -6.226  -12.105 1.00 65.79  ? 41  GLU A CB  1 
ATOM   345  C  CG  . GLU A 1 42  ? -4.851  -4.879  -12.778 1.00 58.71  ? 41  GLU A CG  1 
ATOM   346  C  CD  . GLU A 1 42  ? -6.129  -4.168  -13.170 1.00 53.59  ? 41  GLU A CD  1 
ATOM   347  O  OE1 . GLU A 1 42  ? -7.068  -4.135  -12.355 1.00 49.00  ? 41  GLU A OE1 1 
ATOM   348  O  OE2 . GLU A 1 42  ? -6.173  -3.626  -14.286 1.00 58.81  ? 41  GLU A OE2 1 
ATOM   349  N  N   . LYS A 1 43  ? -5.829  -6.890  -15.368 1.00 74.41  ? 42  LYS A N   1 
ATOM   350  C  CA  . LYS A 1 43  ? -5.452  -7.013  -16.801 1.00 86.64  ? 42  LYS A CA  1 
ATOM   351  C  C   . LYS A 1 43  ? -4.855  -5.692  -17.291 1.00 83.76  ? 42  LYS A C   1 
ATOM   352  O  O   . LYS A 1 43  ? -3.835  -5.744  -18.001 1.00 87.05  ? 42  LYS A O   1 
ATOM   353  C  CB  . LYS A 1 43  ? -6.678  -7.392  -17.645 1.00 93.05  ? 42  LYS A CB  1 
ATOM   354  C  CG  . LYS A 1 43  ? -7.297  -8.749  -17.325 1.00 104.68 ? 42  LYS A CG  1 
ATOM   355  C  CD  . LYS A 1 43  ? -6.274  -9.839  -17.029 1.00 106.73 ? 42  LYS A CD  1 
ATOM   356  C  CE  . LYS A 1 43  ? -6.869  -11.231 -16.984 1.00 108.17 ? 42  LYS A CE  1 
ATOM   357  N  NZ  . LYS A 1 43  ? -5.810  -12.268 -16.943 1.00 117.71 ? 42  LYS A NZ  1 
ATOM   358  N  N   . GLN A 1 44  ? -5.455  -4.559  -16.915 1.00 78.82  ? 43  GLN A N   1 
ATOM   359  C  CA  . GLN A 1 44  ? -5.179  -3.232  -17.530 1.00 75.45  ? 43  GLN A CA  1 
ATOM   360  C  C   . GLN A 1 44  ? -3.884  -2.624  -16.935 1.00 71.12  ? 43  GLN A C   1 
ATOM   361  O  O   . GLN A 1 44  ? -2.925  -2.456  -17.710 1.00 74.23  ? 43  GLN A O   1 
ATOM   362  C  CB  . GLN A 1 44  ? -6.422  -2.330  -17.432 1.00 84.92  ? 43  GLN A CB  1 
ATOM   363  C  CG  . GLN A 1 44  ? -7.749  -3.020  -17.774 1.00 98.38  ? 43  GLN A CG  1 
ATOM   364  C  CD  . GLN A 1 44  ? -7.724  -3.837  -19.048 1.00 114.71 ? 43  GLN A CD  1 
ATOM   365  O  OE1 . GLN A 1 44  ? -7.243  -3.393  -20.088 1.00 125.46 ? 43  GLN A OE1 1 
ATOM   366  N  NE2 . GLN A 1 44  ? -8.261  -5.048  -18.992 1.00 117.54 ? 43  GLN A NE2 1 
ATOM   367  N  N   . LEU A 1 45  ? -3.804  -2.314  -15.631 1.00 57.17  ? 44  LEU A N   1 
ATOM   368  C  CA  . LEU A 1 45  ? -2.693  -1.485  -15.072 1.00 54.85  ? 44  LEU A CA  1 
ATOM   369  C  C   . LEU A 1 45  ? -1.410  -2.318  -15.027 1.00 48.77  ? 44  LEU A C   1 
ATOM   370  O  O   . LEU A 1 45  ? -1.464  -3.530  -14.889 1.00 49.99  ? 44  LEU A O   1 
ATOM   371  C  CB  . LEU A 1 45  ? -3.044  -0.990  -13.664 1.00 58.70  ? 44  LEU A CB  1 
ATOM   372  C  CG  . LEU A 1 45  ? -4.366  -0.251  -13.486 1.00 58.17  ? 44  LEU A CG  1 
ATOM   373  C  CD1 . LEU A 1 45  ? -4.717  -0.155  -12.016 1.00 58.95  ? 44  LEU A CD1 1 
ATOM   374  C  CD2 . LEU A 1 45  ? -4.331  1.131   -14.113 1.00 56.71  ? 44  LEU A CD2 1 
ATOM   375  N  N   . PRO A 1 46  ? -0.209  -1.706  -15.118 1.00 49.19  ? 45  PRO A N   1 
ATOM   376  C  CA  . PRO A 1 46  ? 1.044   -2.441  -14.950 1.00 52.00  ? 45  PRO A CA  1 
ATOM   377  C  C   . PRO A 1 46  ? 1.315   -2.883  -13.505 1.00 54.95  ? 45  PRO A C   1 
ATOM   378  O  O   . PRO A 1 46  ? 0.633   -2.423  -12.629 1.00 53.28  ? 45  PRO A O   1 
ATOM   379  C  CB  . PRO A 1 46  ? 2.155   -1.463  -15.377 1.00 53.66  ? 45  PRO A CB  1 
ATOM   380  C  CG  . PRO A 1 46  ? 1.498   -0.103  -15.554 1.00 54.23  ? 45  PRO A CG  1 
ATOM   381  C  CD  . PRO A 1 46  ? -0.003  -0.288  -15.438 1.00 54.57  ? 45  PRO A CD  1 
ATOM   382  N  N   . VAL A 1 47  ? 2.327   -3.733  -13.307 1.00 55.23  ? 46  VAL A N   1 
ATOM   383  C  CA  . VAL A 1 47  ? 2.917   -4.027  -11.970 1.00 60.75  ? 46  VAL A CA  1 
ATOM   384  C  C   . VAL A 1 47  ? 3.939   -2.935  -11.639 1.00 59.26  ? 46  VAL A C   1 
ATOM   385  O  O   . VAL A 1 47  ? 4.626   -2.458  -12.568 1.00 53.55  ? 46  VAL A O   1 
ATOM   386  C  CB  . VAL A 1 47  ? 3.558   -5.426  -11.864 1.00 64.95  ? 46  VAL A CB  1 
ATOM   387  C  CG1 . VAL A 1 47  ? 2.546   -6.523  -12.142 1.00 63.88  ? 46  VAL A CG1 1 
ATOM   388  C  CG2 . VAL A 1 47  ? 4.802   -5.586  -12.733 1.00 71.08  ? 46  VAL A CG2 1 
ATOM   389  N  N   . LEU A 1 48  ? 4.027   -2.589  -10.349 1.00 54.40  ? 47  LEU A N   1 
ATOM   390  C  CA  . LEU A 1 48  ? 5.028   -1.657  -9.775  1.00 54.08  ? 47  LEU A CA  1 
ATOM   391  C  C   . LEU A 1 48  ? 6.420   -2.275  -9.905  1.00 53.32  ? 47  LEU A C   1 
ATOM   392  O  O   . LEU A 1 48  ? 6.543   -3.485  -10.090 1.00 56.66  ? 47  LEU A O   1 
ATOM   393  C  CB  . LEU A 1 48  ? 4.695   -1.390  -8.302  1.00 54.58  ? 47  LEU A CB  1 
ATOM   394  C  CG  . LEU A 1 48  ? 3.483   -0.487  -8.034  1.00 54.67  ? 47  LEU A CG  1 
ATOM   395  C  CD1 . LEU A 1 48  ? 3.073   -0.549  -6.567  1.00 55.32  ? 47  LEU A CD1 1 
ATOM   396  C  CD2 . LEU A 1 48  ? 3.787   0.949   -8.422  1.00 52.95  ? 47  LEU A CD2 1 
ATOM   397  N  N   . ASP A 1 49  ? 7.431   -1.438  -9.767  1.00 54.64  ? 48  ASP A N   1 
ATOM   398  C  CA  . ASP A 1 49  ? 8.862   -1.812  -9.822  1.00 51.02  ? 48  ASP A CA  1 
ATOM   399  C  C   . ASP A 1 49  ? 9.275   -2.454  -8.500  1.00 53.94  ? 48  ASP A C   1 
ATOM   400  O  O   . ASP A 1 49  ? 10.319  -3.148  -8.472  1.00 51.67  ? 48  ASP A O   1 
ATOM   401  C  CB  . ASP A 1 49  ? 9.651   -0.554  -10.145 1.00 54.94  ? 48  ASP A CB  1 
ATOM   402  C  CG  . ASP A 1 49  ? 9.346   0.615   -9.205  1.00 64.36  ? 48  ASP A CG  1 
ATOM   403  O  OD1 . ASP A 1 49  ? 10.173  0.841   -8.301  1.00 64.44  ? 48  ASP A OD1 1 
ATOM   404  O  OD2 . ASP A 1 49  ? 8.286   1.308   -9.387  1.00 57.74  ? 48  ASP A OD2 1 
ATOM   405  N  N   . LYS A 1 50  ? 8.509   -2.202  -7.431  1.00 52.79  ? 49  LYS A N   1 
ATOM   406  C  CA  . LYS A 1 50  ? 8.789   -2.769  -6.087  1.00 50.62  ? 49  LYS A CA  1 
ATOM   407  C  C   . LYS A 1 50  ? 7.454   -2.964  -5.353  1.00 45.72  ? 49  LYS A C   1 
ATOM   408  O  O   . LYS A 1 50  ? 6.401   -2.590  -5.910  1.00 47.56  ? 49  LYS A O   1 
ATOM   409  C  CB  . LYS A 1 50  ? 9.833   -1.903  -5.369  1.00 52.28  ? 49  LYS A CB  1 
ATOM   410  C  CG  . LYS A 1 50  ? 9.303   -0.695  -4.612  1.00 53.87  ? 49  LYS A CG  1 
ATOM   411  C  CD  . LYS A 1 50  ? 10.391  0.233   -4.108  1.00 56.48  ? 49  LYS A CD  1 
ATOM   412  C  CE  . LYS A 1 50  ? 9.812   1.499   -3.500  1.00 58.90  ? 49  LYS A CE  1 
ATOM   413  N  NZ  . LYS A 1 50  ? 10.786  2.188   -2.629  1.00 57.29  ? 49  LYS A NZ  1 
ATOM   414  N  N   A THR A 1 51  ? 7.489   -3.534  -4.144  0.06 45.17  ? 50  THR A N   1 
ATOM   415  N  N   B THR A 1 51  ? 7.531   -3.534  -4.142  0.44 45.58  ? 50  THR A N   1 
ATOM   416  C  CA  A THR A 1 51  ? 6.281   -3.849  -3.330  0.06 44.14  ? 50  THR A CA  1 
ATOM   417  C  CA  B THR A 1 51  ? 6.392   -3.970  -3.285  0.44 46.56  ? 50  THR A CA  1 
ATOM   418  C  C   A THR A 1 51  ? 6.311   -3.102  -1.987  0.06 42.83  ? 50  THR A C   1 
ATOM   419  C  C   B THR A 1 51  ? 6.329   -3.141  -1.996  0.44 42.23  ? 50  THR A C   1 
ATOM   420  O  O   A THR A 1 51  ? 5.223   -2.683  -1.543  0.06 42.48  ? 50  THR A O   1 
ATOM   421  O  O   B THR A 1 51  ? 5.219   -2.744  -1.581  0.44 40.35  ? 50  THR A O   1 
ATOM   422  C  CB  A THR A 1 51  ? 6.117   -5.364  -3.157  0.06 43.93  ? 50  THR A CB  1 
ATOM   423  C  CB  B THR A 1 51  ? 6.530   -5.455  -2.924  0.44 46.64  ? 50  THR A CB  1 
ATOM   424  O  OG1 A THR A 1 51  ? 4.955   -5.601  -2.359  0.06 43.96  ? 50  THR A OG1 1 
ATOM   425  O  OG1 B THR A 1 51  ? 6.535   -6.229  -4.122  0.44 54.46  ? 50  THR A OG1 1 
ATOM   426  C  CG2 A THR A 1 51  ? 7.322   -6.020  -2.524  0.06 44.08  ? 50  THR A CG2 1 
ATOM   427  C  CG2 B THR A 1 51  ? 5.416   -5.957  -2.034  0.44 47.82  ? 50  THR A CG2 1 
ATOM   428  N  N   . LYS A 1 52  ? 7.486   -2.943  -1.364  1.00 41.68  ? 51  LYS A N   1 
ATOM   429  C  CA  . LYS A 1 52  ? 7.620   -2.247  -0.062  1.00 41.27  ? 51  LYS A CA  1 
ATOM   430  C  C   . LYS A 1 52  ? 7.965   -0.749  -0.246  1.00 45.76  ? 51  LYS A C   1 
ATOM   431  O  O   . LYS A 1 52  ? 8.990   -0.425  -0.901  1.00 41.63  ? 51  LYS A O   1 
ATOM   432  C  CB  . LYS A 1 52  ? 8.668   -3.044  0.706   1.00 40.81  ? 51  LYS A CB  1 
ATOM   433  C  CG  . LYS A 1 52  ? 8.880   -2.621  2.135   1.00 48.67  ? 51  LYS A CG  1 
ATOM   434  C  CD  . LYS A 1 52  ? 9.873   -3.523  2.798   1.00 54.75  ? 51  LYS A CD  1 
ATOM   435  C  CE  . LYS A 1 52  ? 11.288  -3.314  2.298   1.00 56.36  ? 51  LYS A CE  1 
ATOM   436  N  NZ  . LYS A 1 52  ? 12.244  -3.394  3.424   1.00 56.80  ? 51  LYS A NZ  1 
ATOM   437  N  N   . PHE A 1 53  ? 7.142   0.131   0.341   1.00 40.28  ? 52  PHE A N   1 
ATOM   438  C  CA  . PHE A 1 53  ? 7.213   1.606   0.233   1.00 37.09  ? 52  PHE A CA  1 
ATOM   439  C  C   . PHE A 1 53  ? 7.335   2.218   1.631   1.00 39.29  ? 52  PHE A C   1 
ATOM   440  O  O   . PHE A 1 53  ? 6.599   1.802   2.564   1.00 32.60  ? 52  PHE A O   1 
ATOM   441  C  CB  . PHE A 1 53  ? 5.969   2.102   -0.505  1.00 39.20  ? 52  PHE A CB  1 
ATOM   442  C  CG  . PHE A 1 53  ? 5.984   1.713   -1.964  1.00 39.67  ? 52  PHE A CG  1 
ATOM   443  C  CD1 . PHE A 1 53  ? 5.502   0.477   -2.368  1.00 42.05  ? 52  PHE A CD1 1 
ATOM   444  C  CD2 . PHE A 1 53  ? 6.570   2.537   -2.909  1.00 44.75  ? 52  PHE A CD2 1 
ATOM   445  C  CE1 . PHE A 1 53  ? 5.557   0.090   -3.700  1.00 40.80  ? 52  PHE A CE1 1 
ATOM   446  C  CE2 . PHE A 1 53  ? 6.637   2.144   -4.245  1.00 51.08  ? 52  PHE A CE2 1 
ATOM   447  C  CZ  . PHE A 1 53  ? 6.128   0.917   -4.635  1.00 43.57  ? 52  PHE A CZ  1 
ATOM   448  N  N   . LEU A 1 54  ? 8.182   3.240   1.764   1.00 39.11  ? 53  LEU A N   1 
ATOM   449  C  CA  . LEU A 1 54  ? 8.253   4.075   2.987   1.00 36.79  ? 53  LEU A CA  1 
ATOM   450  C  C   . LEU A 1 54  ? 7.515   5.394   2.739   1.00 34.35  ? 53  LEU A C   1 
ATOM   451  O  O   . LEU A 1 54  ? 8.089   6.311   2.153   1.00 36.98  ? 53  LEU A O   1 
ATOM   452  C  CB  . LEU A 1 54  ? 9.727   4.277   3.354   1.00 38.14  ? 53  LEU A CB  1 
ATOM   453  C  CG  . LEU A 1 54  ? 10.544  2.997   3.537   1.00 41.21  ? 53  LEU A CG  1 
ATOM   454  C  CD1 . LEU A 1 54  ? 11.887  3.312   4.150   1.00 47.84  ? 53  LEU A CD1 1 
ATOM   455  C  CD2 . LEU A 1 54  ? 9.830   1.965   4.390   1.00 43.92  ? 53  LEU A CD2 1 
ATOM   456  N  N   . VAL A 1 55  ? 6.293   5.529   3.241   1.00 34.36  ? 54  VAL A N   1 
ATOM   457  C  CA  . VAL A 1 55  ? 5.428   6.721   2.982   1.00 34.58  ? 54  VAL A CA  1 
ATOM   458  C  C   . VAL A 1 55  ? 5.545   7.721   4.144   1.00 35.90  ? 54  VAL A C   1 
ATOM   459  O  O   . VAL A 1 55  ? 5.349   7.366   5.289   1.00 34.16  ? 54  VAL A O   1 
ATOM   460  C  CB  . VAL A 1 55  ? 3.978   6.277   2.688   1.00 33.97  ? 54  VAL A CB  1 
ATOM   461  C  CG1 . VAL A 1 55  ? 3.090   7.430   2.258   1.00 32.18  ? 54  VAL A CG1 1 
ATOM   462  C  CG2 . VAL A 1 55  ? 3.957   5.181   1.634   1.00 37.71  ? 54  VAL A CG2 1 
ATOM   463  N  N   . PRO A 1 56  ? 5.868   9.007   3.885   1.00 37.75  ? 55  PRO A N   1 
ATOM   464  C  CA  . PRO A 1 56  ? 5.863   10.042  4.921   1.00 36.35  ? 55  PRO A CA  1 
ATOM   465  C  C   . PRO A 1 56  ? 4.527   10.066  5.675   1.00 33.95  ? 55  PRO A C   1 
ATOM   466  O  O   . PRO A 1 56  ? 3.485   10.124  5.050   1.00 31.52  ? 55  PRO A O   1 
ATOM   467  C  CB  . PRO A 1 56  ? 6.088   11.362  4.150   1.00 34.38  ? 55  PRO A CB  1 
ATOM   468  C  CG  . PRO A 1 56  ? 6.747   10.936  2.845   1.00 39.88  ? 55  PRO A CG  1 
ATOM   469  C  CD  . PRO A 1 56  ? 6.208   9.548   2.555   1.00 40.74  ? 55  PRO A CD  1 
ATOM   470  N  N   . ASP A 1 57  ? 4.574   10.028  7.012   1.00 35.18  ? 56  ASP A N   1 
ATOM   471  C  CA  . ASP A 1 57  ? 3.385   9.729   7.856   1.00 34.51  ? 56  ASP A CA  1 
ATOM   472  C  C   . ASP A 1 57  ? 2.348   10.871  7.837   1.00 34.12  ? 56  ASP A C   1 
ATOM   473  O  O   . ASP A 1 57  ? 1.224   10.638  8.352   1.00 36.18  ? 56  ASP A O   1 
ATOM   474  C  CB  . ASP A 1 57  ? 3.801   9.299   9.258   1.00 34.96  ? 56  ASP A CB  1 
ATOM   475  C  CG  . ASP A 1 57  ? 4.180   10.437  10.194  1.00 38.38  ? 56  ASP A CG  1 
ATOM   476  O  OD1 . ASP A 1 57  ? 4.505   11.532  9.684   1.00 38.61  ? 56  ASP A OD1 1 
ATOM   477  O  OD2 . ASP A 1 57  ? 4.100   10.213  11.424  1.00 37.50  ? 56  ASP A OD2 1 
ATOM   478  N  N   . HIS A 1 58  ? 2.666   12.016  7.241   1.00 36.68  ? 57  HIS A N   1 
ATOM   479  C  CA  . HIS A 1 58  ? 1.806   13.227  7.167   1.00 40.02  ? 57  HIS A CA  1 
ATOM   480  C  C   . HIS A 1 58  ? 0.959   13.231  5.889   1.00 39.63  ? 57  HIS A C   1 
ATOM   481  O  O   . HIS A 1 58  ? -0.043  14.003  5.875   1.00 37.44  ? 57  HIS A O   1 
ATOM   482  C  CB  . HIS A 1 58  ? 2.654   14.524  7.259   1.00 41.43  ? 57  HIS A CB  1 
ATOM   483  C  CG  . HIS A 1 58  ? 3.549   14.716  6.080   1.00 44.79  ? 57  HIS A CG  1 
ATOM   484  N  ND1 . HIS A 1 58  ? 3.125   15.354  4.915   1.00 47.11  ? 57  HIS A ND1 1 
ATOM   485  C  CD2 . HIS A 1 58  ? 4.824   14.322  5.858   1.00 45.96  ? 57  HIS A CD2 1 
ATOM   486  C  CE1 . HIS A 1 58  ? 4.113   15.359  4.036   1.00 50.92  ? 57  HIS A CE1 1 
ATOM   487  N  NE2 . HIS A 1 58  ? 5.165   14.724  4.590   1.00 51.12  ? 57  HIS A NE2 1 
ATOM   488  N  N   . VAL A 1 59  ? 1.271   12.433  4.856   1.00 36.96  ? 58  VAL A N   1 
ATOM   489  C  CA  . VAL A 1 59  ? 0.441   12.482  3.604   1.00 40.86  ? 58  VAL A CA  1 
ATOM   490  C  C   . VAL A 1 59  ? -0.933  11.815  3.850   1.00 39.52  ? 58  VAL A C   1 
ATOM   491  O  O   . VAL A 1 59  ? -1.008  10.790  4.506   1.00 39.63  ? 58  VAL A O   1 
ATOM   492  C  CB  . VAL A 1 59  ? 1.153   11.886  2.368   1.00 43.29  ? 58  VAL A CB  1 
ATOM   493  C  CG1 . VAL A 1 59  ? 2.553   12.457  2.195   1.00 40.77  ? 58  VAL A CG1 1 
ATOM   494  C  CG2 . VAL A 1 59  ? 1.171   10.376  2.412   1.00 44.70  ? 58  VAL A CG2 1 
ATOM   495  N  N   . ASN A 1 60  ? -2.012  12.342  3.276   1.00 39.68  ? 59  ASN A N   1 
ATOM   496  C  CA  . ASN A 1 60  ? -3.331  11.672  3.379   1.00 40.15  ? 59  ASN A CA  1 
ATOM   497  C  C   . ASN A 1 60  ? -3.513  10.693  2.214   1.00 43.82  ? 59  ASN A C   1 
ATOM   498  O  O   . ASN A 1 60  ? -2.628  10.659  1.317   1.00 32.45  ? 59  ASN A O   1 
ATOM   499  C  CB  . ASN A 1 60  ? -4.441  12.702  3.534   1.00 44.05  ? 59  ASN A CB  1 
ATOM   500  C  CG  . ASN A 1 60  ? -4.668  13.513  2.291   1.00 42.32  ? 59  ASN A CG  1 
ATOM   501  O  OD1 . ASN A 1 60  ? -4.507  13.021  1.179   1.00 47.89  ? 59  ASN A OD1 1 
ATOM   502  N  ND2 . ASN A 1 60  ? -5.106  14.737  2.481   1.00 44.59  ? 59  ASN A ND2 1 
ATOM   503  N  N   . MET A 1 61  ? -4.569  9.863   2.258   1.00 38.35  ? 60  MET A N   1 
ATOM   504  C  CA  . MET A 1 61  ? -4.743  8.769   1.275   1.00 40.21  ? 60  MET A CA  1 
ATOM   505  C  C   . MET A 1 61  ? -4.918  9.314   -0.148  1.00 38.50  ? 60  MET A C   1 
ATOM   506  O  O   . MET A 1 61  ? -4.468  8.662   -1.114  1.00 37.98  ? 60  MET A O   1 
ATOM   507  C  CB  . MET A 1 61  ? -5.930  7.866   1.641   1.00 46.32  ? 60  MET A CB  1 
ATOM   508  C  CG  . MET A 1 61  ? -5.696  7.055   2.885   1.00 47.61  ? 60  MET A CG  1 
ATOM   509  S  SD  . MET A 1 61  ? -4.149  6.108   2.876   1.00 53.63  ? 60  MET A SD  1 
ATOM   510  C  CE  . MET A 1 61  ? -4.368  5.097   1.417   1.00 51.57  ? 60  MET A CE  1 
ATOM   511  N  N   A SER A 1 62  ? -5.568  10.473  -0.278  0.46 37.81  ? 61  SER A N   1 
ATOM   512  N  N   B SER A 1 62  ? -5.552  10.486  -0.274  0.04 37.94  ? 61  SER A N   1 
ATOM   513  C  CA  A SER A 1 62  ? -5.765  11.189  -1.560  0.46 38.30  ? 61  SER A CA  1 
ATOM   514  C  CA  B SER A 1 62  ? -5.771  11.200  -1.560  0.04 37.47  ? 61  SER A CA  1 
ATOM   515  C  C   A SER A 1 62  ? -4.398  11.469  -2.202  0.46 38.04  ? 61  SER A C   1 
ATOM   516  C  C   B SER A 1 62  ? -4.418  11.518  -2.209  0.04 37.42  ? 61  SER A C   1 
ATOM   517  O  O   A SER A 1 62  ? -4.245  11.237  -3.408  0.46 37.51  ? 61  SER A O   1 
ATOM   518  O  O   B SER A 1 62  ? -4.312  11.381  -3.441  0.04 37.49  ? 61  SER A O   1 
ATOM   519  C  CB  A SER A 1 62  ? -6.550  12.448  -1.332  0.46 41.20  ? 61  SER A CB  1 
ATOM   520  C  CB  B SER A 1 62  ? -6.602  12.444  -1.367  0.04 37.37  ? 61  SER A CB  1 
ATOM   521  O  OG  A SER A 1 62  ? -6.641  13.202  -2.525  0.46 46.57  ? 61  SER A OG  1 
ATOM   522  O  OG  B SER A 1 62  ? -5.837  13.491  -0.787  0.04 36.90  ? 61  SER A OG  1 
ATOM   523  N  N   . GLU A 1 63  ? -3.420  11.914  -1.410  1.00 36.52  ? 62  GLU A N   1 
ATOM   524  C  CA  . GLU A 1 63  ? -2.054  12.194  -1.930  1.00 38.46  ? 62  GLU A CA  1 
ATOM   525  C  C   . GLU A 1 63  ? -1.365  10.858  -2.237  1.00 37.05  ? 62  GLU A C   1 
ATOM   526  O  O   . GLU A 1 63  ? -0.681  10.812  -3.249  1.00 34.29  ? 62  GLU A O   1 
ATOM   527  C  CB  . GLU A 1 63  ? -1.266  13.132  -1.014  1.00 36.49  ? 62  GLU A CB  1 
ATOM   528  C  CG  . GLU A 1 63  ? 0.181   13.331  -1.435  1.00 36.96  ? 62  GLU A CG  1 
ATOM   529  C  CD  . GLU A 1 63  ? 0.409   13.872  -2.847  1.00 38.53  ? 62  GLU A CD  1 
ATOM   530  O  OE1 . GLU A 1 63  ? -0.520  14.484  -3.411  1.00 37.93  ? 62  GLU A OE1 1 
ATOM   531  O  OE2 . GLU A 1 63  ? 1.512   13.668  -3.394  1.00 37.88  ? 62  GLU A OE2 1 
ATOM   532  N  N   . LEU A 1 64  ? -1.556  9.793   -1.444  1.00 39.15  ? 63  LEU A N   1 
ATOM   533  C  CA  . LEU A 1 64  ? -0.910  8.489   -1.740  1.00 38.35  ? 63  LEU A CA  1 
ATOM   534  C  C   . LEU A 1 64  ? -1.418  7.932   -3.076  1.00 37.12  ? 63  LEU A C   1 
ATOM   535  O  O   . LEU A 1 64  ? -0.622  7.271   -3.804  1.00 38.65  ? 63  LEU A O   1 
ATOM   536  C  CB  . LEU A 1 64  ? -1.133  7.455   -0.634  1.00 38.17  ? 63  LEU A CB  1 
ATOM   537  C  CG  . LEU A 1 64  ? -0.397  6.129   -0.849  1.00 36.26  ? 63  LEU A CG  1 
ATOM   538  C  CD1 . LEU A 1 64  ? 1.069   6.355   -1.233  1.00 36.66  ? 63  LEU A CD1 1 
ATOM   539  C  CD2 . LEU A 1 64  ? -0.489  5.224   0.384   1.00 40.35  ? 63  LEU A CD2 1 
ATOM   540  N  N   . ILE A 1 65  ? -2.694  8.082   -3.369  1.00 40.82  ? 64  ILE A N   1 
ATOM   541  C  CA  . ILE A 1 65  ? -3.265  7.610   -4.674  1.00 42.86  ? 64  ILE A CA  1 
ATOM   542  C  C   . ILE A 1 65  ? -2.565  8.382   -5.795  1.00 39.10  ? 64  ILE A C   1 
ATOM   543  O  O   . ILE A 1 65  ? -2.155  7.758   -6.791  1.00 39.83  ? 64  ILE A O   1 
ATOM   544  C  CB  . ILE A 1 65  ? -4.807  7.756   -4.708  1.00 43.45  ? 64  ILE A CB  1 
ATOM   545  C  CG1 . ILE A 1 65  ? -5.482  6.773   -3.739  1.00 43.46  ? 64  ILE A CG1 1 
ATOM   546  C  CG2 . ILE A 1 65  ? -5.351  7.624   -6.136  1.00 44.49  ? 64  ILE A CG2 1 
ATOM   547  C  CD1 . ILE A 1 65  ? -6.898  7.164   -3.333  1.00 44.63  ? 64  ILE A CD1 1 
ATOM   548  N  N   . LYS A 1 66  ? -2.380  9.696   -5.630  1.00 42.03  ? 65  LYS A N   1 
ATOM   549  C  CA  . LYS A 1 66  ? -1.681  10.539  -6.649  1.00 40.05  ? 65  LYS A CA  1 
ATOM   550  C  C   . LYS A 1 66  ? -0.255  10.039  -6.867  1.00 40.42  ? 65  LYS A C   1 
ATOM   551  O  O   . LYS A 1 66  ? 0.145   9.880   -8.018  1.00 37.27  ? 65  LYS A O   1 
ATOM   552  C  CB  . LYS A 1 66  ? -1.752  12.004  -6.233  1.00 43.50  ? 65  LYS A CB  1 
ATOM   553  C  CG  . LYS A 1 66  ? -3.136  12.572  -6.466  1.00 40.87  ? 65  LYS A CG  1 
ATOM   554  C  CD  . LYS A 1 66  ? -3.284  14.028  -6.187  1.00 47.11  ? 65  LYS A CD  1 
ATOM   555  C  CE  . LYS A 1 66  ? -4.755  14.398  -6.113  1.00 54.89  ? 65  LYS A CE  1 
ATOM   556  N  NZ  . LYS A 1 66  ? -4.999  15.415  -5.068  1.00 67.68  ? 65  LYS A NZ  1 
ATOM   557  N  N   . ILE A 1 67  ? 0.450   9.768   -5.781  1.00 38.03  ? 66  ILE A N   1 
ATOM   558  C  CA  . ILE A 1 67  ? 1.825   9.209   -5.782  1.00 36.32  ? 66  ILE A CA  1 
ATOM   559  C  C   . ILE A 1 67  ? 1.893   7.904   -6.596  1.00 37.87  ? 66  ILE A C   1 
ATOM   560  O  O   . ILE A 1 67  ? 2.771   7.797   -7.440  1.00 34.76  ? 66  ILE A O   1 
ATOM   561  C  CB  . ILE A 1 67  ? 2.344   9.026   -4.340  1.00 36.07  ? 66  ILE A CB  1 
ATOM   562  C  CG1 . ILE A 1 67  ? 2.545   10.366  -3.629  1.00 37.53  ? 66  ILE A CG1 1 
ATOM   563  C  CG2 . ILE A 1 67  ? 3.605   8.162   -4.307  1.00 38.20  ? 66  ILE A CG2 1 
ATOM   564  C  CD1 . ILE A 1 67  ? 2.782   10.286  -2.113  1.00 33.80  ? 66  ILE A CD1 1 
ATOM   565  N  N   A ILE A 1 68  ? 1.010   6.935   -6.327  0.17 38.36  ? 67  ILE A N   1 
ATOM   566  N  N   B ILE A 1 68  ? 1.017   6.929   -6.302  0.33 38.60  ? 67  ILE A N   1 
ATOM   567  C  CA  A ILE A 1 68  ? 1.067   5.586   -6.971  0.17 38.68  ? 67  ILE A CA  1 
ATOM   568  C  CA  B ILE A 1 68  ? 1.025   5.583   -6.954  0.33 38.50  ? 67  ILE A CA  1 
ATOM   569  C  C   A ILE A 1 68  ? 0.664   5.699   -8.450  0.17 40.32  ? 67  ILE A C   1 
ATOM   570  C  C   B ILE A 1 68  ? 0.693   5.734   -8.446  0.33 41.38  ? 67  ILE A C   1 
ATOM   571  O  O   A ILE A 1 68  ? 1.274   4.983   -9.269  0.17 40.31  ? 67  ILE A O   1 
ATOM   572  O  O   B ILE A 1 68  ? 1.370   5.076   -9.266  0.33 41.55  ? 67  ILE A O   1 
ATOM   573  C  CB  A ILE A 1 68  ? 0.210   4.556   -6.211  0.17 40.21  ? 67  ILE A CB  1 
ATOM   574  C  CB  B ILE A 1 68  ? 0.049   4.607   -6.272  0.33 41.41  ? 67  ILE A CB  1 
ATOM   575  C  CG1 A ILE A 1 68  ? 0.774   4.268   -4.816  0.17 39.51  ? 67  ILE A CG1 1 
ATOM   576  C  CG1 B ILE A 1 68  ? 0.382   4.379   -4.796  0.33 39.69  ? 67  ILE A CG1 1 
ATOM   577  C  CG2 A ILE A 1 68  ? 0.066   3.282   -7.032  0.17 40.96  ? 67  ILE A CG2 1 
ATOM   578  C  CG2 B ILE A 1 68  ? 0.009   3.298   -7.048  0.33 42.89  ? 67  ILE A CG2 1 
ATOM   579  C  CD1 A ILE A 1 68  ? 2.257   3.966   -4.799  0.17 39.56  ? 67  ILE A CD1 1 
ATOM   580  C  CD1 B ILE A 1 68  ? -0.793  3.911   -3.972  0.33 39.48  ? 67  ILE A CD1 1 
ATOM   581  N  N   . ARG A 1 69  ? -0.306  6.561   -8.786  1.00 40.03  ? 68  ARG A N   1 
ATOM   582  C  CA  . ARG A 1 69  ? -0.672  6.862   -10.209 1.00 40.15  ? 68  ARG A CA  1 
ATOM   583  C  C   . ARG A 1 69  ? 0.543   7.452   -10.932 1.00 42.95  ? 68  ARG A C   1 
ATOM   584  O  O   . ARG A 1 69  ? 0.737   7.117   -12.120 1.00 44.66  ? 68  ARG A O   1 
ATOM   585  C  CB  . ARG A 1 69  ? -1.849  7.841   -10.351 1.00 39.48  ? 68  ARG A CB  1 
ATOM   586  C  CG  . ARG A 1 69  ? -3.214  7.305   -9.920  1.00 41.40  ? 68  ARG A CG  1 
ATOM   587  C  CD  . ARG A 1 69  ? -4.325  8.357   -10.043 1.00 42.90  ? 68  ARG A CD  1 
ATOM   588  N  NE  . ARG A 1 69  ? -4.498  8.709   -11.453 1.00 47.21  ? 68  ARG A NE  1 
ATOM   589  C  CZ  . ARG A 1 69  ? -5.294  8.075   -12.333 1.00 51.10  ? 68  ARG A CZ  1 
ATOM   590  N  NH1 . ARG A 1 69  ? -6.084  7.075   -11.956 1.00 46.33  ? 68  ARG A NH1 1 
ATOM   591  N  NH2 . ARG A 1 69  ? -5.313  8.477   -13.596 1.00 54.59  ? 68  ARG A NH2 1 
ATOM   592  N  N   . ARG A 1 70  ? 1.347   8.282   -10.256 1.00 36.70  ? 69  ARG A N   1 
ATOM   593  C  CA  . ARG A 1 70  ? 2.567   8.868   -10.869 1.00 39.07  ? 69  ARG A CA  1 
ATOM   594  C  C   . ARG A 1 70  ? 3.615   7.770   -11.049 1.00 41.30  ? 69  ARG A C   1 
ATOM   595  O  O   . ARG A 1 70  ? 4.233   7.694   -12.122 1.00 41.81  ? 69  ARG A O   1 
ATOM   596  C  CB  . ARG A 1 70  ? 3.110   10.046  -10.054 1.00 38.10  ? 69  ARG A CB  1 
ATOM   597  C  CG  . ARG A 1 70  ? 2.321   11.339  -10.238 1.00 38.26  ? 69  ARG A CG  1 
ATOM   598  C  CD  . ARG A 1 70  ? 3.029   12.603  -9.766  1.00 35.44  ? 69  ARG A CD  1 
ATOM   599  N  NE  . ARG A 1 70  ? 3.195   12.758  -8.316  1.00 35.13  ? 69  ARG A NE  1 
ATOM   600  C  CZ  . ARG A 1 70  ? 2.365   13.374  -7.476  1.00 33.86  ? 69  ARG A CZ  1 
ATOM   601  N  NH1 . ARG A 1 70  ? 1.217   13.890  -7.900  1.00 34.27  ? 69  ARG A NH1 1 
ATOM   602  N  NH2 . ARG A 1 70  ? 2.670   13.432  -6.184  1.00 32.85  ? 69  ARG A NH2 1 
ATOM   603  N  N   . ARG A 1 71  ? 3.769   6.893   -10.064 1.00 42.90  ? 70  ARG A N   1 
ATOM   604  C  CA  . ARG A 1 71  ? 4.766   5.807   -10.149 1.00 43.84  ? 70  ARG A CA  1 
ATOM   605  C  C   . ARG A 1 71  ? 4.396   4.833   -11.283 1.00 48.84  ? 70  ARG A C   1 
ATOM   606  O  O   . ARG A 1 71  ? 5.339   4.295   -11.907 1.00 46.48  ? 70  ARG A O   1 
ATOM   607  C  CB  . ARG A 1 71  ? 4.893   5.102   -8.805  1.00 43.20  ? 70  ARG A CB  1 
ATOM   608  C  CG  . ARG A 1 71  ? 6.054   4.133   -8.769  1.00 51.19  ? 70  ARG A CG  1 
ATOM   609  C  CD  . ARG A 1 71  ? 6.753   4.149   -7.441  1.00 58.73  ? 70  ARG A CD  1 
ATOM   610  N  NE  . ARG A 1 71  ? 8.039   3.456   -7.445  1.00 55.39  ? 70  ARG A NE  1 
ATOM   611  C  CZ  . ARG A 1 71  ? 9.094   3.845   -6.733  1.00 55.04  ? 70  ARG A CZ  1 
ATOM   612  N  NH1 . ARG A 1 71  ? 9.019   4.950   -6.001  1.00 51.41  ? 70  ARG A NH1 1 
ATOM   613  N  NH2 . ARG A 1 71  ? 10.226  3.149   -6.772  1.00 51.97  ? 70  ARG A NH2 1 
ATOM   614  N  N   . LEU A 1 72  ? 3.101   4.587   -11.505 1.00 47.84  ? 71  LEU A N   1 
ATOM   615  C  CA  . LEU A 1 72  ? 2.575   3.718   -12.602 1.00 49.20  ? 71  LEU A CA  1 
ATOM   616  C  C   . LEU A 1 72  ? 2.579   4.468   -13.946 1.00 50.44  ? 71  LEU A C   1 
ATOM   617  O  O   . LEU A 1 72  ? 2.359   3.802   -14.959 1.00 51.61  ? 71  LEU A O   1 
ATOM   618  C  CB  . LEU A 1 72  ? 1.154   3.273   -12.260 1.00 46.97  ? 71  LEU A CB  1 
ATOM   619  C  CG  . LEU A 1 72  ? 1.029   2.291   -11.098 1.00 47.81  ? 71  LEU A CG  1 
ATOM   620  C  CD1 . LEU A 1 72  ? -0.428  2.030   -10.744 1.00 46.98  ? 71  LEU A CD1 1 
ATOM   621  C  CD2 . LEU A 1 72  ? 1.760   1.001   -11.398 1.00 49.48  ? 71  LEU A CD2 1 
ATOM   622  N  N   . GLN A 1 73  ? 2.847   5.782   -13.937 1.00 52.61  ? 72  GLN A N   1 
ATOM   623  C  CA  . GLN A 1 73  ? 2.806   6.678   -15.120 1.00 56.40  ? 72  GLN A CA  1 
ATOM   624  C  C   . GLN A 1 73  ? 1.460   6.513   -15.841 1.00 58.42  ? 72  GLN A C   1 
ATOM   625  O  O   . GLN A 1 73  ? 1.466   6.357   -17.066 1.00 62.27  ? 72  GLN A O   1 
ATOM   626  C  CB  . GLN A 1 73  ? 3.989   6.360   -16.042 1.00 61.95  ? 72  GLN A CB  1 
ATOM   627  C  CG  . GLN A 1 73  ? 5.331   6.881   -15.554 1.00 70.09  ? 72  GLN A CG  1 
ATOM   628  C  CD  . GLN A 1 73  ? 5.492   8.390   -15.646 1.00 87.57  ? 72  GLN A CD  1 
ATOM   629  O  OE1 . GLN A 1 73  ? 6.066   8.914   -16.603 1.00 80.16  ? 72  GLN A OE1 1 
ATOM   630  N  NE2 . GLN A 1 73  ? 5.014   9.116   -14.636 1.00 88.91  ? 72  GLN A NE2 1 
ATOM   631  N  N   . LEU A 1 74  ? 0.346   6.524   -15.111 1.00 53.86  ? 73  LEU A N   1 
ATOM   632  C  CA  . LEU A 1 74  ? -1.033  6.481   -15.697 1.00 56.84  ? 73  LEU A CA  1 
ATOM   633  C  C   . LEU A 1 74  ? -1.365  7.804   -16.402 1.00 54.07  ? 73  LEU A C   1 
ATOM   634  O  O   . LEU A 1 74  ? -0.743  8.818   -16.088 1.00 49.97  ? 73  LEU A O   1 
ATOM   635  C  CB  . LEU A 1 74  ? -2.080  6.236   -14.595 1.00 51.20  ? 73  LEU A CB  1 
ATOM   636  C  CG  . LEU A 1 74  ? -1.919  4.977   -13.733 1.00 47.06  ? 73  LEU A CG  1 
ATOM   637  C  CD1 . LEU A 1 74  ? -3.198  4.703   -12.974 1.00 47.53  ? 73  LEU A CD1 1 
ATOM   638  C  CD2 . LEU A 1 74  ? -1.538  3.758   -14.557 1.00 49.99  ? 73  LEU A CD2 1 
ATOM   639  N  N   . ASN A 1 75  ? -2.391  7.810   -17.258 1.00 62.14  ? 74  ASN A N   1 
ATOM   640  C  CA  . ASN A 1 75  ? -2.960  9.059   -17.840 1.00 64.80  ? 74  ASN A CA  1 
ATOM   641  C  C   . ASN A 1 75  ? -4.346  9.328   -17.250 1.00 60.49  ? 74  ASN A C   1 
ATOM   642  O  O   . ASN A 1 75  ? -4.896  8.446   -16.547 1.00 57.41  ? 74  ASN A O   1 
ATOM   643  C  CB  . ASN A 1 75  ? -3.004  9.039   -19.369 1.00 73.59  ? 74  ASN A CB  1 
ATOM   644  C  CG  . ASN A 1 75  ? -3.852  7.903   -19.893 1.00 73.99  ? 74  ASN A CG  1 
ATOM   645  O  OD1 . ASN A 1 75  ? -5.081  7.920   -19.760 1.00 64.92  ? 74  ASN A OD1 1 
ATOM   646  N  ND2 . ASN A 1 75  ? -3.191  6.912   -20.470 1.00 76.34  ? 74  ASN A ND2 1 
ATOM   647  N  N   . ALA A 1 76  ? -4.880  10.509  -17.569 1.00 60.90  ? 75  ALA A N   1 
ATOM   648  C  CA  . ALA A 1 76  ? -6.019  11.161  -16.894 1.00 72.52  ? 75  ALA A CA  1 
ATOM   649  C  C   . ALA A 1 76  ? -7.237  10.237  -16.876 1.00 79.04  ? 75  ALA A C   1 
ATOM   650  O  O   . ALA A 1 76  ? -8.037  10.391  -15.956 1.00 86.24  ? 75  ALA A O   1 
ATOM   651  C  CB  . ALA A 1 76  ? -6.344  12.472  -17.574 1.00 76.26  ? 75  ALA A CB  1 
ATOM   652  N  N   . ASN A 1 77  ? -7.400  9.326   -17.839 1.00 81.65  ? 76  ASN A N   1 
ATOM   653  C  CA  . ASN A 1 77  ? -8.673  8.561   -17.936 1.00 94.59  ? 76  ASN A CA  1 
ATOM   654  C  C   . ASN A 1 77  ? -8.463  7.055   -17.690 1.00 84.67  ? 76  ASN A C   1 
ATOM   655  O  O   . ASN A 1 77  ? -9.405  6.305   -17.992 1.00 93.74  ? 76  ASN A O   1 
ATOM   656  C  CB  . ASN A 1 77  ? -9.407  8.871   -19.244 1.00 105.31 ? 76  ASN A CB  1 
ATOM   657  C  CG  . ASN A 1 77  ? -8.651  8.411   -20.470 1.00 112.61 ? 76  ASN A CG  1 
ATOM   658  O  OD1 . ASN A 1 77  ? -7.989  7.375   -20.450 1.00 119.84 ? 76  ASN A OD1 1 
ATOM   659  N  ND2 . ASN A 1 77  ? -8.754  9.177   -21.541 1.00 117.50 ? 76  ASN A ND2 1 
ATOM   660  N  N   . GLN A 1 78  ? -7.325  6.627   -17.123 1.00 68.07  ? 77  GLN A N   1 
ATOM   661  C  CA  . GLN A 1 78  ? -7.149  5.245   -16.590 1.00 60.82  ? 77  GLN A CA  1 
ATOM   662  C  C   . GLN A 1 78  ? -7.741  5.228   -15.183 1.00 62.27  ? 77  GLN A C   1 
ATOM   663  O  O   . GLN A 1 78  ? -7.475  6.176   -14.424 1.00 59.27  ? 77  GLN A O   1 
ATOM   664  C  CB  . GLN A 1 78  ? -5.687  4.798   -16.571 1.00 61.34  ? 77  GLN A CB  1 
ATOM   665  C  CG  . GLN A 1 78  ? -5.075  4.712   -17.963 1.00 69.67  ? 77  GLN A CG  1 
ATOM   666  C  CD  . GLN A 1 78  ? -3.593  4.411   -17.975 1.00 69.38  ? 77  GLN A CD  1 
ATOM   667  O  OE1 . GLN A 1 78  ? -2.767  5.239   -18.343 1.00 73.67  ? 77  GLN A OE1 1 
ATOM   668  N  NE2 . GLN A 1 78  ? -3.242  3.195   -17.606 1.00 72.08  ? 77  GLN A NE2 1 
ATOM   669  N  N   . ALA A 1 79  ? -8.578  4.233   -14.887 1.00 58.99  ? 78  ALA A N   1 
ATOM   670  C  CA  . ALA A 1 79  ? -9.235  4.063   -13.574 1.00 53.95  ? 78  ALA A CA  1 
ATOM   671  C  C   . ALA A 1 79  ? -8.217  3.434   -12.623 1.00 52.55  ? 78  ALA A C   1 
ATOM   672  O  O   . ALA A 1 79  ? -7.368  2.636   -13.081 1.00 52.87  ? 78  ALA A O   1 
ATOM   673  C  CB  . ALA A 1 79  ? -10.494 3.227   -13.670 1.00 55.85  ? 78  ALA A CB  1 
ATOM   674  N  N   . PHE A 1 80  ? -8.308  3.815   -11.348 1.00 51.52  ? 79  PHE A N   1 
ATOM   675  C  CA  . PHE A 1 80  ? -7.440  3.322   -10.262 1.00 51.05  ? 79  PHE A CA  1 
ATOM   676  C  C   . PHE A 1 80  ? -8.276  3.322   -8.978  1.00 55.03  ? 79  PHE A C   1 
ATOM   677  O  O   . PHE A 1 80  ? -8.907  4.362   -8.668  1.00 53.71  ? 79  PHE A O   1 
ATOM   678  C  CB  . PHE A 1 80  ? -6.166  4.165   -10.232 1.00 46.05  ? 79  PHE A CB  1 
ATOM   679  C  CG  . PHE A 1 80  ? -5.183  3.757   -9.177  1.00 43.56  ? 79  PHE A CG  1 
ATOM   680  C  CD1 . PHE A 1 80  ? -4.193  2.837   -9.448  1.00 42.55  ? 79  PHE A CD1 1 
ATOM   681  C  CD2 . PHE A 1 80  ? -5.276  4.277   -7.898  1.00 42.49  ? 79  PHE A CD2 1 
ATOM   682  C  CE1 . PHE A 1 80  ? -3.291  2.462   -8.469  1.00 41.95  ? 79  PHE A CE1 1 
ATOM   683  C  CE2 . PHE A 1 80  ? -4.386  3.886   -6.913  1.00 39.25  ? 79  PHE A CE2 1 
ATOM   684  C  CZ  . PHE A 1 80  ? -3.393  2.987   -7.202  1.00 41.71  ? 79  PHE A CZ  1 
ATOM   685  N  N   . PHE A 1 81  ? -8.343  2.150   -8.329  1.00 55.06  ? 80  PHE A N   1 
ATOM   686  C  CA  . PHE A 1 81  ? -8.996  1.901   -7.016  1.00 50.36  ? 80  PHE A CA  1 
ATOM   687  C  C   . PHE A 1 81  ? -7.942  1.263   -6.111  1.00 49.66  ? 80  PHE A C   1 
ATOM   688  O  O   . PHE A 1 81  ? -7.137  0.424   -6.579  1.00 46.32  ? 80  PHE A O   1 
ATOM   689  C  CB  . PHE A 1 81  ? -10.271 1.062   -7.199  1.00 55.28  ? 80  PHE A CB  1 
ATOM   690  C  CG  . PHE A 1 81  ? -11.260 1.694   -8.147  1.00 56.82  ? 80  PHE A CG  1 
ATOM   691  C  CD1 . PHE A 1 81  ? -11.295 1.337   -9.490  1.00 66.90  ? 80  PHE A CD1 1 
ATOM   692  C  CD2 . PHE A 1 81  ? -12.082 2.732   -7.722  1.00 64.71  ? 80  PHE A CD2 1 
ATOM   693  C  CE1 . PHE A 1 81  ? -12.168 1.962   -10.374 1.00 66.35  ? 80  PHE A CE1 1 
ATOM   694  C  CE2 . PHE A 1 81  ? -12.949 3.362   -8.608  1.00 62.92  ? 80  PHE A CE2 1 
ATOM   695  C  CZ  . PHE A 1 81  ? -12.996 2.968   -9.926  1.00 67.30  ? 80  PHE A CZ  1 
ATOM   696  N  N   . LEU A 1 82  ? -7.905  1.721   -4.866  1.00 49.10  ? 81  LEU A N   1 
ATOM   697  C  CA  . LEU A 1 82  ? -6.927  1.294   -3.847  1.00 48.73  ? 81  LEU A CA  1 
ATOM   698  C  C   . LEU A 1 82  ? -7.704  0.733   -2.661  1.00 52.06  ? 81  LEU A C   1 
ATOM   699  O  O   . LEU A 1 82  ? -8.496  1.474   -2.062  1.00 53.23  ? 81  LEU A O   1 
ATOM   700  C  CB  . LEU A 1 82  ? -6.079  2.498   -3.433  1.00 54.09  ? 81  LEU A CB  1 
ATOM   701  C  CG  . LEU A 1 82  ? -4.838  2.159   -2.616  1.00 48.24  ? 81  LEU A CG  1 
ATOM   702  C  CD1 . LEU A 1 82  ? -3.869  1.304   -3.424  1.00 45.66  ? 81  LEU A CD1 1 
ATOM   703  C  CD2 . LEU A 1 82  ? -4.169  3.436   -2.145  1.00 50.20  ? 81  LEU A CD2 1 
ATOM   704  N  N   . LEU A 1 83  ? -7.544  -0.560  -2.414  1.00 48.34  ? 82  LEU A N   1 
ATOM   705  C  CA  . LEU A 1 83  ? -8.021  -1.213  -1.179  1.00 47.25  ? 82  LEU A CA  1 
ATOM   706  C  C   . LEU A 1 83  ? -6.941  -1.116  -0.103  1.00 45.29  ? 82  LEU A C   1 
ATOM   707  O  O   . LEU A 1 83  ? -5.750  -1.295  -0.412  1.00 45.89  ? 82  LEU A O   1 
ATOM   708  C  CB  . LEU A 1 83  ? -8.313  -2.672  -1.510  1.00 51.19  ? 82  LEU A CB  1 
ATOM   709  C  CG  . LEU A 1 83  ? -9.459  -2.893  -2.481  1.00 56.83  ? 82  LEU A CG  1 
ATOM   710  C  CD1 . LEU A 1 83  ? -9.680  -4.382  -2.664  1.00 62.36  ? 82  LEU A CD1 1 
ATOM   711  C  CD2 . LEU A 1 83  ? -10.735 -2.220  -1.996  1.00 54.91  ? 82  LEU A CD2 1 
ATOM   712  N  N   . VAL A 1 84  ? -7.351  -0.857  1.122   1.00 40.27  ? 83  VAL A N   1 
ATOM   713  C  CA  . VAL A 1 84  ? -6.442  -0.840  2.292   1.00 40.65  ? 83  VAL A CA  1 
ATOM   714  C  C   . VAL A 1 84  ? -6.968  -1.951  3.191   1.00 42.61  ? 83  VAL A C   1 
ATOM   715  O  O   . VAL A 1 84  ? -8.168  -1.919  3.461   1.00 36.75  ? 83  VAL A O   1 
ATOM   716  C  CB  . VAL A 1 84  ? -6.425  0.512   3.033   1.00 39.85  ? 83  VAL A CB  1 
ATOM   717  C  CG1 . VAL A 1 84  ? -5.549  0.431   4.275   1.00 46.54  ? 83  VAL A CG1 1 
ATOM   718  C  CG2 . VAL A 1 84  ? -5.983  1.659   2.148   1.00 44.56  ? 83  VAL A CG2 1 
ATOM   719  N  N   . ASN A 1 85  ? -6.095  -2.856  3.636   1.00 39.03  ? 84  ASN A N   1 
ATOM   720  C  CA  . ASN A 1 85  ? -6.404  -3.918  4.619   1.00 41.75  ? 84  ASN A CA  1 
ATOM   721  C  C   . ASN A 1 85  ? -7.625  -4.682  4.091   1.00 40.76  ? 84  ASN A C   1 
ATOM   722  O  O   . ASN A 1 85  ? -8.505  -5.003  4.899   1.00 48.37  ? 84  ASN A O   1 
ATOM   723  C  CB  . ASN A 1 85  ? -6.543  -3.295  6.021   1.00 44.06  ? 84  ASN A CB  1 
ATOM   724  C  CG  . ASN A 1 85  ? -6.847  -4.296  7.121   1.00 47.39  ? 84  ASN A CG  1 
ATOM   725  O  OD1 . ASN A 1 85  ? -6.227  -5.347  7.200   1.00 48.90  ? 84  ASN A OD1 1 
ATOM   726  N  ND2 . ASN A 1 85  ? -7.780  -3.972  7.998   1.00 49.87  ? 84  ASN A ND2 1 
ATOM   727  N  N   . GLY A 1 86  ? -7.704  -4.897  2.773   1.00 40.16  ? 85  GLY A N   1 
ATOM   728  C  CA  . GLY A 1 86  ? -8.748  -5.739  2.155   1.00 45.62  ? 85  GLY A CA  1 
ATOM   729  C  C   . GLY A 1 86  ? -10.002 -4.997  1.698   1.00 51.25  ? 85  GLY A C   1 
ATOM   730  O  O   . GLY A 1 86  ? -10.794 -5.631  1.021   1.00 53.75  ? 85  GLY A O   1 
ATOM   731  N  N   . HIS A 1 87  ? -10.230 -3.731  2.060   1.00 44.01  ? 86  HIS A N   1 
ATOM   732  C  CA  . HIS A 1 87  ? -11.540 -3.064  1.865   1.00 39.61  ? 86  HIS A CA  1 
ATOM   733  C  C   . HIS A 1 87  ? -11.359 -1.635  1.342   1.00 42.96  ? 86  HIS A C   1 
ATOM   734  O  O   . HIS A 1 87  ? -10.255 -1.109  1.391   1.00 37.79  ? 86  HIS A O   1 
ATOM   735  C  CB  . HIS A 1 87  ? -12.317 -3.048  3.188   1.00 43.81  ? 86  HIS A CB  1 
ATOM   736  C  CG  . HIS A 1 87  ? -11.590 -2.420  4.320   1.00 44.94  ? 86  HIS A CG  1 
ATOM   737  N  ND1 . HIS A 1 87  ? -11.528 -1.038  4.493   1.00 54.57  ? 86  HIS A ND1 1 
ATOM   738  C  CD2 . HIS A 1 87  ? -10.873 -2.960  5.322   1.00 48.68  ? 86  HIS A CD2 1 
ATOM   739  C  CE1 . HIS A 1 87  ? -10.819 -0.769  5.567   1.00 53.69  ? 86  HIS A CE1 1 
ATOM   740  N  NE2 . HIS A 1 87  ? -10.420 -1.938  6.105   1.00 49.27  ? 86  HIS A NE2 1 
ATOM   741  N  N   A SER A 1 88  ? -12.445 -1.038  0.844   0.06 42.65  ? 87  SER A N   1 
ATOM   742  N  N   B SER A 1 88  ? -12.453 -1.037  0.859   0.44 41.95  ? 87  SER A N   1 
ATOM   743  C  CA  A SER A 1 88  ? -12.476 0.352   0.323   0.06 44.65  ? 87  SER A CA  1 
ATOM   744  C  CA  B SER A 1 88  ? -12.537 0.372   0.399   0.44 48.88  ? 87  SER A CA  1 
ATOM   745  C  C   A SER A 1 88  ? -12.216 1.330   1.475   0.06 46.23  ? 87  SER A C   1 
ATOM   746  C  C   B SER A 1 88  ? -12.129 1.305   1.530   0.44 46.02  ? 87  SER A C   1 
ATOM   747  O  O   A SER A 1 88  ? -12.619 1.027   2.614   0.06 46.55  ? 87  SER A O   1 
ATOM   748  O  O   B SER A 1 88  ? -12.409 0.975   2.703   0.44 49.78  ? 87  SER A O   1 
ATOM   749  C  CB  A SER A 1 88  ? -13.782 0.651   -0.371  0.06 44.15  ? 87  SER A CB  1 
ATOM   750  C  CB  B SER A 1 88  ? -13.927 0.728   -0.040  0.44 51.86  ? 87  SER A CB  1 
ATOM   751  O  OG  A SER A 1 88  ? -14.820 0.873   0.572   0.06 43.00  ? 87  SER A OG  1 
ATOM   752  O  OG  B SER A 1 88  ? -14.211 0.159   -1.295  0.44 57.28  ? 87  SER A OG  1 
ATOM   753  N  N   . MET A 1 89  ? -11.553 2.447   1.170   1.00 48.30  ? 88  MET A N   1 
ATOM   754  C  CA  . MET A 1 89  ? -11.273 3.535   2.125   1.00 55.78  ? 88  MET A CA  1 
ATOM   755  C  C   . MET A 1 89  ? -12.572 4.333   2.335   1.00 56.96  ? 88  MET A C   1 
ATOM   756  O  O   . MET A 1 89  ? -13.183 4.782   1.344   1.00 54.68  ? 88  MET A O   1 
ATOM   757  C  CB  . MET A 1 89  ? -10.189 4.417   1.509   1.00 65.96  ? 88  MET A CB  1 
ATOM   758  C  CG  . MET A 1 89  ? -8.882  3.655   1.268   1.00 78.25  ? 88  MET A CG  1 
ATOM   759  S  SD  . MET A 1 89  ? -7.863  4.496   0.036   1.00 85.81  ? 88  MET A SD  1 
ATOM   760  C  CE  . MET A 1 89  ? -8.305  6.190   0.404   1.00 81.34  ? 88  MET A CE  1 
ATOM   761  N  N   . VAL A 1 90  ? -13.017 4.496   3.576   1.00 56.58  ? 89  VAL A N   1 
ATOM   762  C  CA  . VAL A 1 90  ? -14.218 5.329   3.859   1.00 59.50  ? 89  VAL A CA  1 
ATOM   763  C  C   . VAL A 1 90  ? -13.900 6.783   3.506   1.00 52.42  ? 89  VAL A C   1 
ATOM   764  O  O   . VAL A 1 90  ? -14.841 7.486   3.129   1.00 46.65  ? 89  VAL A O   1 
ATOM   765  C  CB  . VAL A 1 90  ? -14.677 5.195   5.320   1.00 70.26  ? 89  VAL A CB  1 
ATOM   766  C  CG1 . VAL A 1 90  ? -15.750 6.216   5.655   1.00 73.04  ? 89  VAL A CG1 1 
ATOM   767  C  CG2 . VAL A 1 90  ? -15.164 3.786   5.613   1.00 72.56  ? 89  VAL A CG2 1 
ATOM   768  N  N   . SER A 1 91  ? -12.624 7.192   3.627   1.00 55.68  ? 90  SER A N   1 
ATOM   769  C  CA  . SER A 1 91  ? -12.134 8.584   3.418   1.00 61.24  ? 90  SER A CA  1 
ATOM   770  C  C   . SER A 1 91  ? -10.669 8.606   2.949   1.00 55.25  ? 90  SER A C   1 
ATOM   771  O  O   . SER A 1 91  ? -9.824  7.908   3.551   1.00 64.15  ? 90  SER A O   1 
ATOM   772  C  CB  . SER A 1 91  ? -12.292 9.412   4.682   1.00 62.85  ? 90  SER A CB  1 
ATOM   773  O  OG  . SER A 1 91  ? -11.757 10.717  4.490   1.00 74.97  ? 90  SER A OG  1 
ATOM   774  N  N   . VAL A 1 92  ? -10.383 9.466   1.971   1.00 51.58  ? 91  VAL A N   1 
ATOM   775  C  CA  . VAL A 1 92  ? -9.044  9.658   1.345   1.00 54.46  ? 91  VAL A CA  1 
ATOM   776  C  C   . VAL A 1 92  ? -8.351  10.866  2.008   1.00 49.86  ? 91  VAL A C   1 
ATOM   777  O  O   . VAL A 1 92  ? -7.172  11.106  1.723   1.00 53.90  ? 91  VAL A O   1 
ATOM   778  C  CB  . VAL A 1 92  ? -9.172  9.815   -0.188  1.00 55.77  ? 91  VAL A CB  1 
ATOM   779  C  CG1 . VAL A 1 92  ? -9.833  8.610   -0.840  1.00 59.07  ? 91  VAL A CG1 1 
ATOM   780  C  CG2 . VAL A 1 92  ? -9.917  11.087  -0.580  1.00 61.24  ? 91  VAL A CG2 1 
ATOM   781  N  N   . SER A 1 93  ? -9.050  11.584  2.883   1.00 44.20  ? 92  SER A N   1 
ATOM   782  C  CA  . SER A 1 93  ? -8.564  12.805  3.556   1.00 48.74  ? 92  SER A CA  1 
ATOM   783  C  C   . SER A 1 93  ? -7.884  12.456  4.887   1.00 45.57  ? 92  SER A C   1 
ATOM   784  O  O   . SER A 1 93  ? -7.289  13.326  5.501   1.00 48.20  ? 92  SER A O   1 
ATOM   785  C  CB  . SER A 1 93  ? -9.706  13.752  3.759   1.00 55.81  ? 92  SER A CB  1 
ATOM   786  O  OG  . SER A 1 93  ? -10.426 13.394  4.931   1.00 61.10  ? 92  SER A OG  1 
ATOM   787  N  N   . THR A 1 94  ? -7.992  11.224  5.352   1.00 44.54  ? 93  THR A N   1 
ATOM   788  C  CA  . THR A 1 94  ? -7.354  10.784  6.610   1.00 48.78  ? 93  THR A CA  1 
ATOM   789  C  C   . THR A 1 94  ? -5.838  10.751  6.418   1.00 47.76  ? 93  THR A C   1 
ATOM   790  O  O   . THR A 1 94  ? -5.347  10.215  5.430   1.00 46.23  ? 93  THR A O   1 
ATOM   791  C  CB  . THR A 1 94  ? -7.866  9.401   7.023   1.00 51.90  ? 93  THR A CB  1 
ATOM   792  O  OG1 . THR A 1 94  ? -9.235  9.278   6.622   1.00 64.07  ? 93  THR A OG1 1 
ATOM   793  C  CG2 . THR A 1 94  ? -7.701  9.174   8.504   1.00 48.34  ? 93  THR A CG2 1 
ATOM   794  N  N   . PRO A 1 95  ? -5.059  11.305  7.371   1.00 45.04  ? 94  PRO A N   1 
ATOM   795  C  CA  . PRO A 1 95  ? -3.604  11.154  7.392   1.00 47.05  ? 94  PRO A CA  1 
ATOM   796  C  C   . PRO A 1 95  ? -3.166  9.700   7.570   1.00 43.21  ? 94  PRO A C   1 
ATOM   797  O  O   . PRO A 1 95  ? -3.760  9.016   8.391   1.00 47.45  ? 94  PRO A O   1 
ATOM   798  C  CB  . PRO A 1 95  ? -3.119  11.968  8.600   1.00 47.70  ? 94  PRO A CB  1 
ATOM   799  C  CG  . PRO A 1 95  ? -4.291  12.891  8.916   1.00 50.06  ? 94  PRO A CG  1 
ATOM   800  C  CD  . PRO A 1 95  ? -5.538  12.152  8.469   1.00 50.89  ? 94  PRO A CD  1 
ATOM   801  N  N   . ILE A 1 96  ? -2.167  9.262   6.790   1.00 39.62  ? 95  ILE A N   1 
ATOM   802  C  CA  . ILE A 1 96  ? -1.739  7.834   6.772   1.00 37.48  ? 95  ILE A CA  1 
ATOM   803  C  C   . ILE A 1 96  ? -1.252  7.435   8.174   1.00 35.83  ? 95  ILE A C   1 
ATOM   804  O  O   . ILE A 1 96  ? -1.342  6.261   8.499   1.00 36.00  ? 95  ILE A O   1 
ATOM   805  C  CB  . ILE A 1 96  ? -0.752  7.518   5.617   1.00 39.10  ? 95  ILE A CB  1 
ATOM   806  C  CG1 . ILE A 1 96  ? -0.746  6.018   5.299   1.00 38.26  ? 95  ILE A CG1 1 
ATOM   807  C  CG2 . ILE A 1 96  ? 0.641   8.051   5.892   1.00 39.19  ? 95  ILE A CG2 1 
ATOM   808  C  CD1 . ILE A 1 96  ? 0.125   5.630   4.142   1.00 42.23  ? 95  ILE A CD1 1 
ATOM   809  N  N   . SER A 1 97  ? -0.802  8.357   9.034   1.00 37.96  ? 96  SER A N   1 
ATOM   810  C  CA  . SER A 1 97  ? -0.432  7.988   10.433  1.00 39.56  ? 96  SER A CA  1 
ATOM   811  C  C   . SER A 1 97  ? -1.648  7.390   11.174  1.00 42.05  ? 96  SER A C   1 
ATOM   812  O  O   . SER A 1 97  ? -1.441  6.389   11.906  1.00 38.69  ? 96  SER A O   1 
ATOM   813  C  CB  . SER A 1 97  ? 0.116   9.161   11.194  1.00 35.86  ? 96  SER A CB  1 
ATOM   814  O  OG  . SER A 1 97  ? -0.773  10.261  11.058  1.00 36.79  ? 96  SER A OG  1 
ATOM   815  N  N   . GLU A 1 98  ? -2.839  8.004   11.007  1.00 40.25  ? 97  GLU A N   1 
ATOM   816  C  CA  . GLU A 1 98  ? -4.150  7.571   11.574  1.00 42.42  ? 97  GLU A CA  1 
ATOM   817  C  C   . GLU A 1 98  ? -4.597  6.277   10.903  1.00 44.51  ? 97  GLU A C   1 
ATOM   818  O  O   . GLU A 1 98  ? -5.011  5.336   11.638  1.00 44.15  ? 97  GLU A O   1 
ATOM   819  C  CB  . GLU A 1 98  ? -5.270  8.582   11.300  1.00 47.94  ? 97  GLU A CB  1 
ATOM   820  C  CG  . GLU A 1 98  ? -5.581  9.511   12.458  1.00 63.42  ? 97  GLU A CG  1 
ATOM   821  C  CD  . GLU A 1 98  ? -6.507  10.661  12.068  1.00 69.84  ? 97  GLU A CD  1 
ATOM   822  O  OE1 . GLU A 1 98  ? -6.074  11.833  12.183  1.00 69.91  ? 97  GLU A OE1 1 
ATOM   823  O  OE2 . GLU A 1 98  ? -7.650  10.388  11.619  1.00 69.03  ? 97  GLU A OE2 1 
ATOM   824  N  N   . VAL A 1 99  ? -4.586  6.255   9.554   1.00 36.64  ? 98  VAL A N   1 
ATOM   825  C  CA  . VAL A 1 99  ? -4.977  5.037   8.800   1.00 36.76  ? 98  VAL A CA  1 
ATOM   826  C  C   . VAL A 1 99  ? -4.119  3.871   9.298   1.00 36.21  ? 98  VAL A C   1 
ATOM   827  O  O   . VAL A 1 99  ? -4.658  2.749   9.501   1.00 38.77  ? 98  VAL A O   1 
ATOM   828  C  CB  . VAL A 1 99  ? -4.867  5.216   7.276   1.00 36.43  ? 98  VAL A CB  1 
ATOM   829  C  CG1 . VAL A 1 99  ? -5.089  3.905   6.529   1.00 41.88  ? 98  VAL A CG1 1 
ATOM   830  C  CG2 . VAL A 1 99  ? -5.842  6.270   6.808   1.00 40.03  ? 98  VAL A CG2 1 
ATOM   831  N  N   . TYR A 1 100 ? -2.815  4.074   9.439   1.00 32.45  ? 99  TYR A N   1 
ATOM   832  C  CA  . TYR A 1 100 ? -1.903  2.984   9.871   1.00 35.18  ? 99  TYR A CA  1 
ATOM   833  C  C   . TYR A 1 100 ? -2.407  2.405   11.201  1.00 38.29  ? 99  TYR A C   1 
ATOM   834  O  O   . TYR A 1 100 ? -2.476  1.178   11.332  1.00 41.09  ? 99  TYR A O   1 
ATOM   835  C  CB  . TYR A 1 100 ? -0.454  3.453   9.936   1.00 29.26  ? 99  TYR A CB  1 
ATOM   836  C  CG  . TYR A 1 100 ? 0.510   2.406   10.435  1.00 31.67  ? 99  TYR A CG  1 
ATOM   837  C  CD1 . TYR A 1 100 ? 0.988   1.407   9.604   1.00 30.70  ? 99  TYR A CD1 1 
ATOM   838  C  CD2 . TYR A 1 100 ? 0.993   2.436   11.732  1.00 29.44  ? 99  TYR A CD2 1 
ATOM   839  C  CE1 . TYR A 1 100 ? 1.900   0.464   10.056  1.00 30.18  ? 99  TYR A CE1 1 
ATOM   840  C  CE2 . TYR A 1 100 ? 1.884   1.477   12.202  1.00 31.27  ? 99  TYR A CE2 1 
ATOM   841  C  CZ  . TYR A 1 100 ? 2.365   0.496   11.353  1.00 30.56  ? 99  TYR A CZ  1 
ATOM   842  O  OH  . TYR A 1 100 ? 3.234   -0.466  11.829  1.00 34.37  ? 99  TYR A OH  1 
ATOM   843  N  N   . GLU A 1 101 ? -2.731  3.267   12.162  1.00 36.35  ? 100 GLU A N   1 
ATOM   844  C  CA  . GLU A 1 101 ? -3.020  2.837   13.549  1.00 41.36  ? 100 GLU A CA  1 
ATOM   845  C  C   . GLU A 1 101 ? -4.266  1.945   13.610  1.00 35.28  ? 100 GLU A C   1 
ATOM   846  O  O   . GLU A 1 101 ? -4.328  1.084   14.501  1.00 36.31  ? 100 GLU A O   1 
ATOM   847  C  CB  . GLU A 1 101 ? -3.233  4.028   14.475  1.00 41.96  ? 100 GLU A CB  1 
ATOM   848  C  CG  . GLU A 1 101 ? -1.968  4.551   15.088  1.00 55.23  ? 100 GLU A CG  1 
ATOM   849  C  CD  . GLU A 1 101 ? -2.198  5.113   16.481  1.00 57.50  ? 100 GLU A CD  1 
ATOM   850  O  OE1 . GLU A 1 101 ? -3.356  5.487   16.793  1.00 59.85  ? 100 GLU A OE1 1 
ATOM   851  O  OE2 . GLU A 1 101 ? -1.225  5.160   17.238  1.00 65.23  ? 100 GLU A OE2 1 
ATOM   852  N  N   . SER A 1 102 ? -5.218  2.154   12.721  1.00 38.17  ? 101 SER A N   1 
ATOM   853  C  CA  . SER A 1 102 ? -6.486  1.392   12.730  1.00 40.75  ? 101 SER A CA  1 
ATOM   854  C  C   . SER A 1 102 ? -6.436  0.254   11.695  1.00 43.97  ? 101 SER A C   1 
ATOM   855  O  O   . SER A 1 102 ? -7.089  -0.768  11.936  1.00 47.62  ? 101 SER A O   1 
ATOM   856  C  CB  . SER A 1 102 ? -7.630  2.337   12.602  1.00 41.42  ? 101 SER A CB  1 
ATOM   857  O  OG  . SER A 1 102 ? -8.064  2.388   11.282  1.00 54.72  ? 101 SER A OG  1 
ATOM   858  N  N   . GLU A 1 103 ? -5.609  0.331   10.645  1.00 39.38  ? 102 GLU A N   1 
ATOM   859  C  CA  . GLU A 1 103 ? -5.636  -0.671  9.550   1.00 35.11  ? 102 GLU A CA  1 
ATOM   860  C  C   . GLU A 1 103 ? -4.340  -1.471  9.432   1.00 34.99  ? 102 GLU A C   1 
ATOM   861  O  O   . GLU A 1 103 ? -4.313  -2.363  8.591   1.00 38.83  ? 102 GLU A O   1 
ATOM   862  C  CB  . GLU A 1 103 ? -5.960  -0.027  8.212   1.00 37.05  ? 102 GLU A CB  1 
ATOM   863  C  CG  . GLU A 1 103 ? -7.241  0.785   8.217   1.00 40.58  ? 102 GLU A CG  1 
ATOM   864  C  CD  . GLU A 1 103 ? -8.516  -0.027  8.281   1.00 45.59  ? 102 GLU A CD  1 
ATOM   865  O  OE1 . GLU A 1 103 ? -8.479  -1.230  7.991   1.00 45.53  ? 102 GLU A OE1 1 
ATOM   866  O  OE2 . GLU A 1 103 ? -9.529  0.549   8.644   1.00 54.47  ? 102 GLU A OE2 1 
ATOM   867  N  N   . LYS A 1 104 ? -3.323  -1.238  10.247  1.00 37.10  ? 103 LYS A N   1 
ATOM   868  C  CA  . LYS A 1 104 ? -2.083  -2.045  10.165  1.00 34.33  ? 103 LYS A CA  1 
ATOM   869  C  C   . LYS A 1 104 ? -2.420  -3.532  10.324  1.00 40.36  ? 103 LYS A C   1 
ATOM   870  O  O   . LYS A 1 104 ? -3.336  -3.831  11.045  1.00 40.82  ? 103 LYS A O   1 
ATOM   871  C  CB  . LYS A 1 104 ? -1.113  -1.669  11.278  1.00 38.21  ? 103 LYS A CB  1 
ATOM   872  C  CG  . LYS A 1 104 ? -1.634  -1.821  12.687  1.00 39.23  ? 103 LYS A CG  1 
ATOM   873  C  CD  . LYS A 1 104 ? -0.810  -1.085  13.692  1.00 41.72  ? 103 LYS A CD  1 
ATOM   874  C  CE  . LYS A 1 104 ? -1.275  -1.414  15.088  1.00 44.95  ? 103 LYS A CE  1 
ATOM   875  N  NZ  . LYS A 1 104 ? -2.453  -0.607  15.475  1.00 55.03  ? 103 LYS A NZ  1 
ATOM   876  N  N   . ASP A 1 105 ? -1.691  -4.405  9.640   1.00 44.59  ? 104 ASP A N   1 
ATOM   877  C  CA  . ASP A 1 105 ? -1.559  -5.853  9.941   1.00 44.64  ? 104 ASP A CA  1 
ATOM   878  C  C   . ASP A 1 105 ? -0.859  -6.096  11.291  1.00 46.85  ? 104 ASP A C   1 
ATOM   879  O  O   . ASP A 1 105 ? -0.108  -5.209  11.792  1.00 41.03  ? 104 ASP A O   1 
ATOM   880  C  CB  . ASP A 1 105 ? -0.755  -6.503  8.820   1.00 48.18  ? 104 ASP A CB  1 
ATOM   881  C  CG  . ASP A 1 105 ? -0.947  -7.999  8.706   1.00 47.00  ? 104 ASP A CG  1 
ATOM   882  O  OD1 . ASP A 1 105 ? -1.904  -8.400  8.028   1.00 49.50  ? 104 ASP A OD1 1 
ATOM   883  O  OD2 . ASP A 1 105 ? -0.131  -8.727  9.282   1.00 46.84  ? 104 ASP A OD2 1 
ATOM   884  N  N   . GLU A 1 106 ? -1.039  -7.292  11.848  1.00 44.71  ? 105 GLU A N   1 
ATOM   885  C  CA  . GLU A 1 106 ? -0.283  -7.770  13.041  1.00 46.22  ? 105 GLU A CA  1 
ATOM   886  C  C   . GLU A 1 106 ? 1.215   -7.850  12.777  1.00 40.37  ? 105 GLU A C   1 
ATOM   887  O  O   . GLU A 1 106 ? 1.947   -7.760  13.759  1.00 42.59  ? 105 GLU A O   1 
ATOM   888  C  CB  . GLU A 1 106 ? -0.688  -9.176  13.488  1.00 50.64  ? 105 GLU A CB  1 
ATOM   889  C  CG  . GLU A 1 106 ? -2.012  -9.203  14.195  1.00 59.63  ? 105 GLU A CG  1 
ATOM   890  C  CD  . GLU A 1 106 ? -2.548  -10.604 14.483  1.00 72.22  ? 105 GLU A CD  1 
ATOM   891  O  OE1 . GLU A 1 106 ? -1.832  -11.430 15.165  1.00 51.64  ? 105 GLU A OE1 1 
ATOM   892  O  OE2 . GLU A 1 106 ? -3.688  -10.865 14.020  1.00 77.57  ? 105 GLU A OE2 1 
ATOM   893  N  N   . ASP A 1 107 ? 1.667   -8.073  11.536  1.00 43.42  ? 106 ASP A N   1 
ATOM   894  C  CA  . ASP A 1 107 ? 3.137   -8.078  11.232  1.00 44.49  ? 106 ASP A CA  1 
ATOM   895  C  C   . ASP A 1 107 ? 3.704   -6.637  11.294  1.00 46.67  ? 106 ASP A C   1 
ATOM   896  O  O   . ASP A 1 107 ? 4.960   -6.495  11.461  1.00 41.11  ? 106 ASP A O   1 
ATOM   897  C  CB  . ASP A 1 107 ? 3.458   -8.770  9.901   1.00 43.85  ? 106 ASP A CB  1 
ATOM   898  C  CG  . ASP A 1 107 ? 2.966   -8.037  8.670   1.00 44.35  ? 106 ASP A CG  1 
ATOM   899  O  OD1 . ASP A 1 107 ? 2.493   -6.895  8.830   1.00 43.04  ? 106 ASP A OD1 1 
ATOM   900  O  OD2 . ASP A 1 107 ? 3.028   -8.636  7.561   1.00 44.34  ? 106 ASP A OD2 1 
ATOM   901  N  N   . GLY A 1 108 ? 2.827   -5.626  11.128  1.00 43.41  ? 107 GLY A N   1 
ATOM   902  C  CA  . GLY A 1 108 ? 3.114   -4.182  11.293  1.00 43.84  ? 107 GLY A CA  1 
ATOM   903  C  C   . GLY A 1 108 ? 3.201   -3.420  9.970   1.00 37.42  ? 107 GLY A C   1 
ATOM   904  O  O   . GLY A 1 108 ? 3.413   -2.181  10.008  1.00 39.90  ? 107 GLY A O   1 
ATOM   905  N  N   . PHE A 1 109 ? 3.025   -4.103  8.834   1.00 36.55  ? 108 PHE A N   1 
ATOM   906  C  CA  . PHE A 1 109 ? 2.851   -3.465  7.508   1.00 37.28  ? 108 PHE A CA  1 
ATOM   907  C  C   . PHE A 1 109 ? 1.410   -2.970  7.391   1.00 37.23  ? 108 PHE A C   1 
ATOM   908  O  O   . PHE A 1 109 ? 0.485   -3.466  8.103   1.00 35.92  ? 108 PHE A O   1 
ATOM   909  C  CB  . PHE A 1 109 ? 3.221   -4.425  6.363   1.00 39.50  ? 108 PHE A CB  1 
ATOM   910  C  CG  . PHE A 1 109 ? 4.701   -4.559  6.130   1.00 43.45  ? 108 PHE A CG  1 
ATOM   911  C  CD1 . PHE A 1 109 ? 5.426   -3.504  5.581   1.00 40.32  ? 108 PHE A CD1 1 
ATOM   912  C  CD2 . PHE A 1 109 ? 5.385   -5.692  6.548   1.00 42.59  ? 108 PHE A CD2 1 
ATOM   913  C  CE1 . PHE A 1 109 ? 6.803   -3.601  5.431   1.00 44.58  ? 108 PHE A CE1 1 
ATOM   914  C  CE2 . PHE A 1 109 ? 6.759   -5.800  6.364   1.00 46.49  ? 108 PHE A CE2 1 
ATOM   915  C  CZ  . PHE A 1 109 ? 7.467   -4.751  5.807   1.00 46.00  ? 108 PHE A CZ  1 
ATOM   916  N  N   . LEU A 1 110 ? 1.231   -2.040  6.474   1.00 34.74  ? 109 LEU A N   1 
ATOM   917  C  CA  . LEU A 1 110 ? -0.093  -1.592  5.988   1.00 38.54  ? 109 LEU A CA  1 
ATOM   918  C  C   . LEU A 1 110 ? -0.232  -2.107  4.552   1.00 37.71  ? 109 LEU A C   1 
ATOM   919  O  O   . LEU A 1 110 ? 0.550   -1.666  3.682   1.00 37.89  ? 109 LEU A O   1 
ATOM   920  C  CB  . LEU A 1 110 ? -0.156  -0.062  6.070   1.00 37.54  ? 109 LEU A CB  1 
ATOM   921  C  CG  . LEU A 1 110 ? -1.490  0.586   5.721   1.00 40.29  ? 109 LEU A CG  1 
ATOM   922  C  CD1 . LEU A 1 110 ? -2.597  0.088   6.662   1.00 40.96  ? 109 LEU A CD1 1 
ATOM   923  C  CD2 . LEU A 1 110 ? -1.353  2.123   5.774   1.00 37.28  ? 109 LEU A CD2 1 
ATOM   924  N  N   . TYR A 1 111 ? -1.170  -3.024  4.324   1.00 35.17  ? 110 TYR A N   1 
ATOM   925  C  CA  . TYR A 1 111 ? -1.357  -3.738  3.039   1.00 38.18  ? 110 TYR A CA  1 
ATOM   926  C  C   . TYR A 1 111 ? -2.414  -3.011  2.217   1.00 39.38  ? 110 TYR A C   1 
ATOM   927  O  O   . TYR A 1 111 ? -3.432  -2.571  2.755   1.00 38.73  ? 110 TYR A O   1 
ATOM   928  C  CB  . TYR A 1 111 ? -1.712  -5.214  3.274   1.00 41.52  ? 110 TYR A CB  1 
ATOM   929  C  CG  . TYR A 1 111 ? -0.572  -6.046  3.822   1.00 34.01  ? 110 TYR A CG  1 
ATOM   930  C  CD1 . TYR A 1 111 ? -0.289  -6.089  5.174   1.00 33.88  ? 110 TYR A CD1 1 
ATOM   931  C  CD2 . TYR A 1 111 ? 0.244   -6.771  2.970   1.00 34.03  ? 110 TYR A CD2 1 
ATOM   932  C  CE1 . TYR A 1 111 ? 0.775   -6.834  5.664   1.00 31.59  ? 110 TYR A CE1 1 
ATOM   933  C  CE2 . TYR A 1 111 ? 1.312   -7.515  3.445   1.00 34.66  ? 110 TYR A CE2 1 
ATOM   934  C  CZ  . TYR A 1 111 ? 1.573   -7.557  4.800   1.00 30.32  ? 110 TYR A CZ  1 
ATOM   935  O  OH  . TYR A 1 111 ? 2.634   -8.300  5.242   1.00 34.93  ? 110 TYR A OH  1 
ATOM   936  N  N   . MET A 1 112 ? -2.101  -2.854  0.933   1.00 39.12  ? 111 MET A N   1 
ATOM   937  C  CA  . MET A 1 112 ? -2.919  -2.164  -0.080  1.00 40.96  ? 111 MET A CA  1 
ATOM   938  C  C   . MET A 1 112 ? -2.864  -2.983  -1.358  1.00 38.76  ? 111 MET A C   1 
ATOM   939  O  O   . MET A 1 112 ? -1.828  -3.617  -1.645  1.00 40.87  ? 111 MET A O   1 
ATOM   940  C  CB  . MET A 1 112 ? -2.369  -0.780  -0.411  1.00 40.55  ? 111 MET A CB  1 
ATOM   941  C  CG  . MET A 1 112 ? -2.054  -0.002  0.824   1.00 46.31  ? 111 MET A CG  1 
ATOM   942  S  SD  . MET A 1 112 ? -2.052  1.746   0.496   1.00 44.41  ? 111 MET A SD  1 
ATOM   943  C  CE  . MET A 1 112 ? -2.035  2.300   2.207   1.00 43.96  ? 111 MET A CE  1 
ATOM   944  N  N   A VAL A 1 113 ? -3.962  -2.943  -2.108  0.40 39.14  ? 112 VAL A N   1 
ATOM   945  N  N   B VAL A 1 113 ? -3.968  -3.005  -2.106  0.10 39.75  ? 112 VAL A N   1 
ATOM   946  C  CA  A VAL A 1 113 ? -4.127  -3.618  -3.426  0.40 40.66  ? 112 VAL A CA  1 
ATOM   947  C  CA  B VAL A 1 113 ? -4.038  -3.630  -3.459  0.10 40.22  ? 112 VAL A CA  1 
ATOM   948  C  C   A VAL A 1 113 ? -4.818  -2.632  -4.366  0.40 42.92  ? 112 VAL A C   1 
ATOM   949  C  C   B VAL A 1 113 ? -4.841  -2.705  -4.377  0.10 41.66  ? 112 VAL A C   1 
ATOM   950  O  O   A VAL A 1 113 ? -5.705  -1.896  -3.885  0.40 41.40  ? 112 VAL A O   1 
ATOM   951  O  O   B VAL A 1 113 ? -5.813  -2.087  -3.897  0.10 41.17  ? 112 VAL A O   1 
ATOM   952  C  CB  A VAL A 1 113 ? -4.950  -4.913  -3.305  0.40 41.98  ? 112 VAL A CB  1 
ATOM   953  C  CB  B VAL A 1 113 ? -4.628  -5.055  -3.424  0.10 40.14  ? 112 VAL A CB  1 
ATOM   954  C  CG1 A VAL A 1 113 ? -5.102  -5.585  -4.661  0.40 42.66  ? 112 VAL A CG1 1 
ATOM   955  C  CG1 B VAL A 1 113 ? -3.709  -6.029  -2.703  0.10 39.76  ? 112 VAL A CG1 1 
ATOM   956  C  CG2 A VAL A 1 113 ? -4.351  -5.870  -2.284  0.40 42.68  ? 112 VAL A CG2 1 
ATOM   957  C  CG2 B VAL A 1 113 ? -6.023  -5.083  -2.822  0.10 39.71  ? 112 VAL A CG2 1 
ATOM   958  N  N   . TYR A 1 114 ? -4.427  -2.627  -5.645  1.00 41.99  ? 113 TYR A N   1 
ATOM   959  C  CA  . TYR A 1 114 ? -4.987  -1.710  -6.653  1.00 45.44  ? 113 TYR A CA  1 
ATOM   960  C  C   . TYR A 1 114 ? -5.460  -2.506  -7.869  1.00 50.15  ? 113 TYR A C   1 
ATOM   961  O  O   . TYR A 1 114 ? -4.853  -3.541  -8.219  1.00 55.18  ? 113 TYR A O   1 
ATOM   962  C  CB  . TYR A 1 114 ? -3.934  -0.666  -7.031  1.00 43.18  ? 113 TYR A CB  1 
ATOM   963  C  CG  . TYR A 1 114 ? -2.716  -1.175  -7.764  1.00 40.68  ? 113 TYR A CG  1 
ATOM   964  C  CD1 . TYR A 1 114 ? -1.517  -1.422  -7.115  1.00 39.62  ? 113 TYR A CD1 1 
ATOM   965  C  CD2 . TYR A 1 114 ? -2.745  -1.325  -9.142  1.00 42.33  ? 113 TYR A CD2 1 
ATOM   966  C  CE1 . TYR A 1 114 ? -0.400  -1.864  -7.816  1.00 43.15  ? 113 TYR A CE1 1 
ATOM   967  C  CE2 . TYR A 1 114 ? -1.639  -1.759  -9.861  1.00 40.16  ? 113 TYR A CE2 1 
ATOM   968  C  CZ  . TYR A 1 114 ? -0.460  -2.025  -9.202  1.00 44.57  ? 113 TYR A CZ  1 
ATOM   969  O  OH  . TYR A 1 114 ? 0.610   -2.403  -9.964  1.00 45.40  ? 113 TYR A OH  1 
ATOM   970  N  N   . ALA A 1 115 ? -6.457  -1.923  -8.527  1.00 48.78  ? 114 ALA A N   1 
ATOM   971  C  CA  . ALA A 1 115 ? -7.212  -2.461  -9.669  1.00 59.09  ? 114 ALA A CA  1 
ATOM   972  C  C   . ALA A 1 115 ? -7.899  -1.306  -10.423 1.00 58.31  ? 114 ALA A C   1 
ATOM   973  O  O   . ALA A 1 115 ? -8.120  -0.226  -9.806  1.00 54.12  ? 114 ALA A O   1 
ATOM   974  C  CB  . ALA A 1 115 ? -8.215  -3.465  -9.133  1.00 58.84  ? 114 ALA A CB  1 
ATOM   975  N  N   . SER A 1 116 ? -8.257  -1.550  -11.691 1.00 63.91  ? 115 SER A N   1 
ATOM   976  C  CA  . SER A 1 116 ? -8.972  -0.607  -12.598 1.00 68.75  ? 115 SER A CA  1 
ATOM   977  C  C   . SER A 1 116 ? -10.483 -0.681  -12.361 1.00 70.93  ? 115 SER A C   1 
ATOM   978  O  O   . SER A 1 116 ? -11.177 0.291   -12.743 1.00 80.00  ? 115 SER A O   1 
ATOM   979  C  CB  . SER A 1 116 ? -8.626  -0.836  -14.065 1.00 63.66  ? 115 SER A CB  1 
ATOM   980  O  OG  . SER A 1 116 ? -7.947  -2.066  -14.249 1.00 62.66  ? 115 SER A OG  1 
ATOM   981  N  N   . GLN A 1 117 ? -10.971 -1.770  -11.750 1.00 66.40  ? 116 GLN A N   1 
ATOM   982  C  CA  . GLN A 1 117 ? -12.405 -1.945  -11.383 1.00 70.95  ? 116 GLN A CA  1 
ATOM   983  C  C   . GLN A 1 117 ? -12.554 -1.785  -9.859  1.00 76.93  ? 116 GLN A C   1 
ATOM   984  O  O   . GLN A 1 117 ? -11.618 -2.185  -9.129  1.00 79.67  ? 116 GLN A O   1 
ATOM   985  C  CB  . GLN A 1 117 ? -12.909 -3.306  -11.868 1.00 61.45  ? 116 GLN A CB  1 
ATOM   986  N  N   . GLU A 1 118 ? -13.678 -1.222  -9.396  1.00 78.90  ? 117 GLU A N   1 
ATOM   987  C  CA  . GLU A 1 118 ? -14.109 -1.249  -7.968  1.00 92.00  ? 117 GLU A CA  1 
ATOM   988  C  C   . GLU A 1 118 ? -14.525 -2.664  -7.540  1.00 99.74  ? 117 GLU A C   1 
ATOM   989  O  O   . GLU A 1 118 ? -14.438 -2.951  -6.329  1.00 106.27 ? 117 GLU A O   1 
ATOM   990  C  CB  . GLU A 1 118 ? -15.296 -0.319  -7.723  1.00 103.28 ? 117 GLU A CB  1 
ATOM   991  C  CG  . GLU A 1 118 ? -14.992 0.786   -6.732  1.00 112.50 ? 117 GLU A CG  1 
ATOM   992  C  CD  . GLU A 1 118 ? -15.883 2.009   -6.849  1.00 122.90 ? 117 GLU A CD  1 
ATOM   993  O  OE1 . GLU A 1 118 ? -16.399 2.262   -7.955  1.00 124.43 ? 117 GLU A OE1 1 
ATOM   994  O  OE2 . GLU A 1 118 ? -16.046 2.711   -5.833  1.00 139.17 ? 117 GLU A OE2 1 
ATOM   995  N  N   . THR A 1 119 ? -15.024 -3.481  -8.476  1.00 110.89 ? 118 THR A N   1 
ATOM   996  C  CA  . THR A 1 119 ? -15.269 -4.939  -8.295  1.00 116.00 ? 118 THR A CA  1 
ATOM   997  C  C   . THR A 1 119 ? -13.929 -5.680  -8.467  1.00 117.64 ? 118 THR A C   1 
ATOM   998  O  O   . THR A 1 119 ? -13.594 -6.062  -9.613  1.00 123.78 ? 118 THR A O   1 
ATOM   999  C  CB  . THR A 1 119 ? -16.380 -5.426  -9.240  1.00 102.66 ? 118 THR A CB  1 
ATOM   1000 N  N   . PHE A 1 120 ? -13.178 -5.841  -7.368  1.00 116.05 ? 119 PHE A N   1 
ATOM   1001 C  CA  . PHE A 1 120 ? -11.892 -6.585  -7.296  1.00 112.59 ? 119 PHE A CA  1 
ATOM   1002 C  C   . PHE A 1 120 ? -12.194 -8.080  -7.452  1.00 116.87 ? 119 PHE A C   1 
ATOM   1003 O  O   . PHE A 1 120 ? -12.405 -8.813  -6.484  1.00 112.13 ? 119 PHE A O   1 
ATOM   1004 C  CB  . PHE A 1 120 ? -11.151 -6.280  -5.987  1.00 112.95 ? 119 PHE A CB  1 
ATOM   1005 C  CG  . PHE A 1 120 ? -10.430 -4.953  -5.955  1.00 121.19 ? 119 PHE A CG  1 
ATOM   1006 C  CD1 . PHE A 1 120 ? -11.142 -3.757  -5.962  1.00 122.27 ? 119 PHE A CD1 1 
ATOM   1007 C  CD2 . PHE A 1 120 ? -9.040  -4.888  -5.901  1.00 116.37 ? 119 PHE A CD2 1 
ATOM   1008 C  CE1 . PHE A 1 120 ? -10.485 -2.534  -5.929  1.00 116.92 ? 119 PHE A CE1 1 
ATOM   1009 C  CE2 . PHE A 1 120 ? -8.385  -3.663  -5.869  1.00 106.59 ? 119 PHE A CE2 1 
ATOM   1010 C  CZ  . PHE A 1 120 ? -9.107  -2.489  -5.885  1.00 115.39 ? 119 PHE A CZ  1 
HETATM 1011 N  N1  . GV4 B 2 .   ? 10.051  -7.986  21.763  0.94 93.42  ? 201 GV4 A N1  1 
HETATM 1012 N  N3  . GV4 B 2 .   ? 10.547  -4.843  20.171  0.94 90.08  ? 201 GV4 A N3  1 
HETATM 1013 C  C4  . GV4 B 2 .   ? 9.573   -6.817  21.237  0.94 88.67  ? 201 GV4 A C4  1 
HETATM 1014 C  C5  . GV4 B 2 .   ? 9.305   -9.081  22.378  0.94 92.02  ? 201 GV4 A C5  1 
HETATM 1015 C  C6  . GV4 B 2 .   ? 8.130   -6.436  21.199  0.94 83.47  ? 201 GV4 A C6  1 
HETATM 1016 C  C7  . GV4 B 2 .   ? 11.101  -4.352  19.036  0.94 85.07  ? 201 GV4 A C7  1 
HETATM 1017 C  C8  . GV4 B 2 .   ? 10.261  -3.295  18.342  0.94 80.36  ? 201 GV4 A C8  1 
HETATM 1018 C  C1  . GV4 B 2 .   ? 13.245  -6.715  20.809  0.94 90.30  ? 201 GV4 A C1  1 
HETATM 1019 C  C2  . GV4 B 2 .   ? 11.787  -6.934  21.061  0.94 91.86  ? 201 GV4 A C2  1 
HETATM 1020 C  C3  . GV4 B 2 .   ? 10.651  -6.124  20.756  0.94 90.29  ? 201 GV4 A C3  1 
HETATM 1021 N  N2  . GV4 B 2 .   ? 11.415  -8.068  21.657  0.94 92.99  ? 201 GV4 A N2  1 
HETATM 1022 O  O1  . GV4 B 2 .   ? 12.203  -4.690  18.612  0.94 80.53  ? 201 GV4 A O1  1 
HETATM 1023 C  C9  . GV4 B 2 .   ? 10.990  -2.425  17.429  0.94 75.84  ? 201 GV4 A C9  1 
HETATM 1024 N  N4  . GV4 B 2 .   ? 11.470  -1.772  16.580  0.94 62.71  ? 201 GV4 A N4  1 
HETATM 1025 C  C1  . EDO C 3 .   ? -15.670 1.182   3.652   1.00 90.53  ? 202 EDO A C1  1 
HETATM 1026 O  O1  . EDO C 3 .   ? -15.277 -0.194  3.522   1.00 93.08  ? 202 EDO A O1  1 
HETATM 1027 C  C2  . EDO C 3 .   ? -16.899 1.605   2.889   1.00 86.38  ? 202 EDO A C2  1 
HETATM 1028 O  O2  . EDO C 3 .   ? -18.044 1.957   3.678   1.00 65.47  ? 202 EDO A O2  1 
HETATM 1029 C  C1  . EDO D 3 .   ? 6.929   6.482   -1.925  1.00 73.59  ? 203 EDO A C1  1 
HETATM 1030 O  O1  . EDO D 3 .   ? 6.386   7.336   -0.937  1.00 66.80  ? 203 EDO A O1  1 
HETATM 1031 C  C2  . EDO D 3 .   ? 8.419   6.541   -1.970  1.00 74.70  ? 203 EDO A C2  1 
HETATM 1032 O  O2  . EDO D 3 .   ? 9.044   5.272   -1.779  1.00 70.32  ? 203 EDO A O2  1 
HETATM 1033 C  C1  . EDO E 3 .   ? -2.127  -12.172 9.352   1.00 79.72  ? 204 EDO A C1  1 
HETATM 1034 O  O1  . EDO E 3 .   ? -2.029  -12.695 8.021   1.00 69.28  ? 204 EDO A O1  1 
HETATM 1035 C  C2  . EDO E 3 .   ? -0.836  -11.966 10.092  1.00 77.61  ? 204 EDO A C2  1 
HETATM 1036 O  O2  . EDO E 3 .   ? 0.225   -11.483 9.288   1.00 75.88  ? 204 EDO A O2  1 
HETATM 1037 C  C1  . EDO F 3 .   ? -4.833  13.871  -10.892 1.00 69.60  ? 205 EDO A C1  1 
HETATM 1038 O  O1  . EDO F 3 .   ? -4.859  15.077  -10.114 1.00 64.49  ? 205 EDO A O1  1 
HETATM 1039 C  C2  . EDO F 3 .   ? -3.814  12.902  -10.399 1.00 67.75  ? 205 EDO A C2  1 
HETATM 1040 O  O2  . EDO F 3 .   ? -4.310  11.721  -9.805  1.00 70.53  ? 205 EDO A O2  1 
HETATM 1041 C  C1  . EDO G 3 .   ? -8.284  11.173  -5.158  1.00 88.74  ? 206 EDO A C1  1 
HETATM 1042 O  O1  . EDO G 3 .   ? -8.808  10.093  -4.401  1.00 82.18  ? 206 EDO A O1  1 
HETATM 1043 C  C2  . EDO G 3 .   ? -6.792  11.249  -5.110  1.00 83.96  ? 206 EDO A C2  1 
HETATM 1044 O  O2  . EDO G 3 .   ? -6.116  11.119  -6.346  1.00 85.35  ? 206 EDO A O2  1 
HETATM 1045 C  C1  . EDO H 3 .   ? -2.799  -10.186 -4.132  1.00 108.02 ? 207 EDO A C1  1 
HETATM 1046 O  O1  . EDO H 3 .   ? -2.942  -9.999  -2.738  1.00 96.82  ? 207 EDO A O1  1 
HETATM 1047 C  C2  . EDO H 3 .   ? -3.857  -9.495  -4.922  1.00 108.91 ? 207 EDO A C2  1 
HETATM 1048 O  O2  . EDO H 3 .   ? -5.156  -10.089 -4.860  1.00 94.66  ? 207 EDO A O2  1 
HETATM 1049 C  C1  . EDO I 3 .   ? 10.563  -7.846  4.775   1.00 77.03  ? 208 EDO A C1  1 
HETATM 1050 O  O1  . EDO I 3 .   ? 11.047  -8.318  6.019   1.00 71.19  ? 208 EDO A O1  1 
HETATM 1051 C  C2  . EDO I 3 .   ? 11.643  -7.687  3.742   1.00 84.58  ? 208 EDO A C2  1 
HETATM 1052 O  O2  . EDO I 3 .   ? 11.250  -7.026  2.539   1.00 83.78  ? 208 EDO A O2  1 
HETATM 1053 C  C1  . EDO J 3 .   ? -6.692  -10.897 3.201   1.00 89.67  ? 209 EDO A C1  1 
HETATM 1054 O  O1  . EDO J 3 .   ? -6.520  -12.009 2.342   1.00 80.27  ? 209 EDO A O1  1 
HETATM 1055 C  C2  . EDO J 3 .   ? -7.735  -9.946  2.716   1.00 92.33  ? 209 EDO A C2  1 
HETATM 1056 O  O2  . EDO J 3 .   ? -8.889  -9.823  3.543   1.00 89.69  ? 209 EDO A O2  1 
HETATM 1057 C  C1  . EDO K 3 .   ? -8.738  3.710   5.499   1.00 88.37  ? 210 EDO A C1  1 
HETATM 1058 O  O1  . EDO K 3 .   ? -9.210  2.442   5.050   1.00 80.65  ? 210 EDO A O1  1 
HETATM 1059 C  C2  . EDO K 3 .   ? -8.876  4.809   4.490   1.00 91.45  ? 210 EDO A C2  1 
HETATM 1060 O  O2  . EDO K 3 .   ? -8.823  6.159   4.960   1.00 75.74  ? 210 EDO A O2  1 
HETATM 1061 CL CL  . CL  L 4 .   ? 12.551  9.008   9.020   1.00 43.05  ? 211 CL  A CL  1 
HETATM 1062 O  O   . HOH M 5 .   ? -0.258  -13.364 0.149   1.00 77.08  ? 301 HOH A O   1 
HETATM 1063 O  O   . HOH M 5 .   ? 10.022  3.762   -0.681  1.00 43.40  ? 302 HOH A O   1 
HETATM 1064 O  O   . HOH M 5 .   ? -2.059  -8.754  -10.585 1.00 71.35  ? 303 HOH A O   1 
HETATM 1065 O  O   . HOH M 5 .   ? -0.606  11.260  7.030   1.00 202.84 ? 304 HOH A O   1 
HETATM 1066 O  O   . HOH M 5 .   ? -8.585  8.250   12.034  1.00 87.29  ? 305 HOH A O   1 
HETATM 1067 O  O   . HOH M 5 .   ? -10.619 2.499   -1.810  1.00 55.80  ? 306 HOH A O   1 
HETATM 1068 O  O   . HOH M 5 .   ? 5.643   9.873   -18.733 1.00 54.91  ? 307 HOH A O   1 
HETATM 1069 O  O   . HOH M 5 .   ? -7.235  15.109  -9.558  1.00 76.21  ? 308 HOH A O   1 
HETATM 1070 O  O   . HOH M 5 .   ? 3.953   -8.173  -4.432  1.00 72.22  ? 309 HOH A O   1 
HETATM 1071 O  O   . HOH M 5 .   ? -4.414  -12.376 3.574   1.00 61.59  ? 310 HOH A O   1 
HETATM 1072 O  O   . HOH M 5 .   ? -3.364  -9.667  -12.713 1.00 78.18  ? 311 HOH A O   1 
HETATM 1073 O  O   . HOH M 5 .   ? 6.555   1.349   -11.230 1.00 51.84  ? 312 HOH A O   1 
HETATM 1074 O  O   . HOH M 5 .   ? -3.284  -9.855  3.906   1.00 50.98  ? 313 HOH A O   1 
HETATM 1075 O  O   . HOH M 5 .   ? -4.184  15.014  -2.665  1.00 45.24  ? 314 HOH A O   1 
HETATM 1076 O  O   . HOH M 5 .   ? 8.715   3.484   10.554  1.00 41.01  ? 315 HOH A O   1 
HETATM 1077 O  O   . HOH M 5 .   ? -16.341 1.372   -2.127  1.00 82.63  ? 316 HOH A O   1 
HETATM 1078 O  O   . HOH M 5 .   ? -7.556  -7.501  7.765   1.00 46.32  ? 317 HOH A O   1 
HETATM 1079 O  O   . HOH M 5 .   ? -3.897  -6.287  6.459   1.00 38.38  ? 318 HOH A O   1 
HETATM 1080 O  O   . HOH M 5 .   ? -15.922 9.714   2.258   1.00 60.37  ? 319 HOH A O   1 
HETATM 1081 O  O   . HOH M 5 .   ? 4.112   -3.900  -6.101  1.00 47.54  ? 320 HOH A O   1 
HETATM 1082 O  O   . HOH M 5 .   ? -10.089 5.647   -10.705 1.00 54.95  ? 321 HOH A O   1 
HETATM 1083 O  O   . HOH M 5 .   ? -14.657 2.760   -3.587  1.00 67.51  ? 322 HOH A O   1 
HETATM 1084 O  O   . HOH M 5 .   ? 10.148  -19.108 11.825  1.00 94.68  ? 323 HOH A O   1 
HETATM 1085 O  O   . HOH M 5 .   ? -6.420  5.870   13.854  1.00 71.04  ? 324 HOH A O   1 
HETATM 1086 O  O   . HOH M 5 .   ? 6.471   13.387  9.602   1.00 45.03  ? 325 HOH A O   1 
HETATM 1087 O  O   . HOH M 5 .   ? 11.606  -0.522  -0.171  1.00 64.88  ? 326 HOH A O   1 
HETATM 1088 O  O   . HOH M 5 .   ? -12.912 11.699  2.230   1.00 68.17  ? 327 HOH A O   1 
HETATM 1089 O  O   . HOH M 5 .   ? -5.312  -2.898  12.680  1.00 44.30  ? 328 HOH A O   1 
HETATM 1090 O  O   . HOH M 5 .   ? 0.868   -9.945  0.650   1.00 47.11  ? 329 HOH A O   1 
HETATM 1091 O  O   . HOH M 5 .   ? -13.253 6.728   -0.585  1.00 72.49  ? 330 HOH A O   1 
HETATM 1092 O  O   . HOH M 5 .   ? 7.768   4.498   13.231  1.00 34.00  ? 331 HOH A O   1 
HETATM 1093 O  O   . HOH M 5 .   ? 3.025   13.494  10.977  1.00 40.75  ? 332 HOH A O   1 
HETATM 1094 O  O   . HOH M 5 .   ? 13.730  8.205   6.488   1.00 42.96  ? 333 HOH A O   1 
HETATM 1095 O  O   . HOH M 5 .   ? -5.987  -4.338  0.638   1.00 47.01  ? 334 HOH A O   1 
HETATM 1096 O  O   . HOH M 5 .   ? 3.549   -4.154  -15.788 1.00 69.01  ? 335 HOH A O   1 
HETATM 1097 O  O   . HOH M 5 .   ? 2.819   -4.253  -8.442  1.00 49.70  ? 336 HOH A O   1 
HETATM 1098 O  O   . HOH M 5 .   ? -1.071  -6.023  -0.405  1.00 42.38  ? 337 HOH A O   1 
HETATM 1099 O  O   . HOH M 5 .   ? 1.117   6.160   13.081  1.00 36.39  ? 338 HOH A O   1 
HETATM 1100 O  O   . HOH M 5 .   ? 5.473   8.617   -7.280  1.00 35.35  ? 339 HOH A O   1 
HETATM 1101 O  O   . HOH M 5 .   ? 0.315   -10.621 16.839  1.00 68.73  ? 340 HOH A O   1 
HETATM 1102 O  O   . HOH M 5 .   ? 8.227   11.426  6.787   1.00 46.09  ? 341 HOH A O   1 
HETATM 1103 O  O   . HOH M 5 .   ? -7.388  -7.968  5.089   1.00 53.04  ? 342 HOH A O   1 
HETATM 1104 O  O   . HOH M 5 .   ? -1.270  14.743  1.927   1.00 40.20  ? 343 HOH A O   1 
HETATM 1105 O  O   . HOH M 5 .   ? -15.405 0.538   -10.839 1.00 69.04  ? 344 HOH A O   1 
HETATM 1106 O  O   . HOH M 5 .   ? -4.936  -1.969  15.058  1.00 74.09  ? 345 HOH A O   1 
HETATM 1107 O  O   . HOH M 5 .   ? -2.872  -3.834  6.592   1.00 37.40  ? 346 HOH A O   1 
HETATM 1108 O  O   . HOH M 5 .   ? 9.910   -7.158  -1.860  1.00 69.26  ? 347 HOH A O   1 
HETATM 1109 O  O   . HOH M 5 .   ? 1.942   -6.880  -7.355  1.00 58.73  ? 348 HOH A O   1 
HETATM 1110 O  O   . HOH M 5 .   ? 5.692   0.961   12.436  1.00 44.17  ? 349 HOH A O   1 
HETATM 1111 O  O   . HOH M 5 .   ? -8.641  5.417   -5.965  1.00 68.84  ? 350 HOH A O   1 
HETATM 1112 O  O   . HOH M 5 .   ? -5.240  7.285   15.427  1.00 78.61  ? 351 HOH A O   1 
HETATM 1113 O  O   . HOH M 5 .   ? 8.762   -6.110  -6.040  1.00 56.29  ? 352 HOH A O   1 
HETATM 1114 O  O   . HOH M 5 .   ? -9.808  -8.377  0.634   1.00 58.56  ? 353 HOH A O   1 
HETATM 1115 O  O   . HOH M 5 .   ? 11.171  3.797   16.402  1.00 40.16  ? 354 HOH A O   1 
HETATM 1116 O  O   . HOH M 5 .   ? 5.887   -5.198  13.963  1.00 53.89  ? 355 HOH A O   1 
HETATM 1117 O  O   . HOH M 5 .   ? 1.009   8.011   -19.497 1.00 65.03  ? 356 HOH A O   1 
HETATM 1118 O  O   . HOH M 5 .   ? -8.447  -4.990  10.715  1.00 52.87  ? 357 HOH A O   1 
HETATM 1119 O  O   . HOH M 5 .   ? 7.909   0.600   10.776  1.00 42.66  ? 358 HOH A O   1 
HETATM 1120 O  O   . HOH M 5 .   ? -18.462 0.244   -7.107  1.00 81.63  ? 359 HOH A O   1 
HETATM 1121 O  O   . HOH M 5 .   ? 0.795   10.321  -13.966 1.00 62.23  ? 360 HOH A O   1 
HETATM 1122 O  O   . HOH M 5 .   ? -7.565  7.407   -9.344  1.00 51.40  ? 361 HOH A O   1 
HETATM 1123 O  O   . HOH M 5 .   ? -1.242  11.783  -9.946  1.00 49.17  ? 362 HOH A O   1 
HETATM 1124 O  O   . HOH M 5 .   ? 6.192   0.126   -13.018 1.00 58.13  ? 363 HOH A O   1 
HETATM 1125 O  O   . HOH M 5 .   ? 6.480   12.633  7.565   1.00 50.45  ? 364 HOH A O   1 
HETATM 1126 O  O   . HOH M 5 .   ? -9.537  4.304   -4.295  1.00 49.23  ? 365 HOH A O   1 
HETATM 1127 O  O   . HOH M 5 .   ? 10.823  -8.747  -0.026  1.00 66.03  ? 366 HOH A O   1 
HETATM 1128 O  O   . HOH M 5 .   ? -6.902  1.800   -16.121 1.00 72.03  ? 367 HOH A O   1 
HETATM 1129 O  O   . HOH M 5 .   ? 10.109  -4.465  -2.417  1.00 40.68  ? 368 HOH A O   1 
HETATM 1130 O  O   . HOH M 5 .   ? -3.923  -8.455  10.951  1.00 48.48  ? 369 HOH A O   1 
HETATM 1131 O  O   . HOH M 5 .   ? -5.815  -5.862  10.577  1.00 66.62  ? 370 HOH A O   1 
HETATM 1132 O  O   . HOH M 5 .   ? 7.537   -6.110  -8.403  1.00 62.23  ? 371 HOH A O   1 
HETATM 1133 O  O   . HOH M 5 .   ? 16.395  -9.617  6.137   1.00 89.15  ? 372 HOH A O   1 
HETATM 1134 O  O   . HOH M 5 .   ? 16.815  8.418   11.007  1.00 45.05  ? 373 HOH A O   1 
HETATM 1135 O  O   . HOH M 5 .   ? -8.992  -5.771  -14.802 1.00 65.18  ? 374 HOH A O   1 
HETATM 1136 O  O   . HOH M 5 .   ? -11.020 -4.502  -13.780 1.00 74.73  ? 375 HOH A O   1 
HETATM 1137 O  O   . HOH M 5 .   ? -9.339  1.493   -16.840 1.00 68.24  ? 376 HOH A O   1 
HETATM 1138 O  O   . HOH M 5 .   ? 7.337   14.069  1.959   1.00 54.31  ? 377 HOH A O   1 
HETATM 1139 O  O   . HOH M 5 .   ? -10.122 14.290  0.727   1.00 106.89 ? 378 HOH A O   1 
HETATM 1140 O  O   . HOH M 5 .   ? 20.833  -2.678  7.542   1.00 56.82  ? 379 HOH A O   1 
HETATM 1141 O  O   . HOH M 5 .   ? 12.306  0.037   2.214   1.00 88.80  ? 380 HOH A O   1 
HETATM 1142 O  O   . HOH M 5 .   ? 7.768   5.718   -16.025 1.00 79.31  ? 381 HOH A O   1 
HETATM 1143 O  O   . HOH M 5 .   ? 3.286   16.975  1.624   1.00 63.97  ? 382 HOH A O   1 
HETATM 1144 O  O   . HOH M 5 .   ? -2.899  -7.581  0.074   1.00 50.90  ? 383 HOH A O   1 
HETATM 1145 O  O   . HOH M 5 .   ? 10.269  -6.153  -4.383  1.00 80.57  ? 384 HOH A O   1 
HETATM 1146 O  O   . HOH M 5 .   ? -4.860  -6.889  1.366   1.00 41.49  ? 385 HOH A O   1 
HETATM 1147 O  O   . HOH M 5 .   ? 15.581  -8.065  3.554   1.00 77.57  ? 386 HOH A O   1 
HETATM 1148 O  O   . HOH M 5 .   ? 11.903  -2.844  -1.657  1.00 64.82  ? 387 HOH A O   1 
HETATM 1149 O  O   . HOH M 5 .   ? 17.292  -11.049 2.969   1.00 78.19  ? 388 HOH A O   1 
HETATM 1150 O  O   . HOH M 5 .   ? -4.634  -7.229  3.874   1.00 51.77  ? 389 HOH A O   1 
HETATM 1151 O  O   . HOH M 5 .   ? -7.003  -8.556  0.215   1.00 63.66  ? 390 HOH A O   1 
HETATM 1152 O  O   . HOH M 5 .   ? -1.806  -10.231 1.751   1.00 55.36  ? 391 HOH A O   1 
HETATM 1153 O  O   . HOH M 5 .   ? 4.976   -9.393  16.762  1.00 60.14  ? 392 HOH A O   1 
# 
